data_8GTA
#
_entry.id   8GTA
#
_entity_poly.entity_id   1
_entity_poly.type   'polypeptide(L)'
_entity_poly.pdbx_seq_one_letter_code
;GGVLVAQDYRAGSFIELLRNRMALAGVGVRILQGLTGNVDIPKRTGASTMYFVDEDVDVTESDGAFGLVGMTPHTAGVAT
AITRRMMQQGSPDIEALVRDDLLTSLTLGLDKTALVGHSSPSAPNGVRDLVIGDALPFTGPFATFEELVDLETAVASANA
DVDSMAYIYNAATSGHFKKTLEFAGVSGTIERGGQVNGYNRVKSNQITTAGEVAFGNWSDVVIGMWSGLDLRVDTSTKAA
SDGKVLRVFTDIDVALRNVESIKWGVPA
;
_entity_poly.pdbx_strand_id   A,C,D,E,F,G,B
#
# COMPACT_ATOMS: atom_id res chain seq x y z
N GLY A 1 18.85 -6.17 74.26
CA GLY A 1 17.45 -6.14 73.90
C GLY A 1 17.15 -5.32 72.66
N GLY A 2 15.88 -5.01 72.44
CA GLY A 2 15.49 -4.27 71.24
C GLY A 2 15.71 -2.77 71.38
N VAL A 3 15.56 -2.04 70.29
CA VAL A 3 15.81 -0.61 70.33
C VAL A 3 14.82 0.00 71.30
N LEU A 4 15.31 0.87 72.19
CA LEU A 4 14.46 1.43 73.23
C LEU A 4 15.10 2.73 73.67
N VAL A 5 14.43 3.48 74.54
CA VAL A 5 15.07 4.66 75.06
C VAL A 5 16.32 4.16 75.79
N ALA A 6 16.19 3.06 76.51
CA ALA A 6 17.35 2.45 77.18
C ALA A 6 18.41 1.95 76.19
N GLN A 7 17.99 1.30 75.11
CA GLN A 7 18.96 0.74 74.16
C GLN A 7 19.08 1.61 72.93
N ASP A 8 20.19 2.34 72.82
CA ASP A 8 20.35 3.27 71.70
C ASP A 8 21.78 3.69 71.41
N TYR A 9 22.76 2.86 71.78
CA TYR A 9 24.14 3.18 71.45
C TYR A 9 24.26 3.54 69.97
N ARG A 10 23.48 2.89 69.11
CA ARG A 10 23.46 3.25 67.67
C ARG A 10 23.80 4.71 67.38
N ALA A 11 24.71 4.95 66.44
CA ALA A 11 25.14 6.33 66.24
C ALA A 11 24.44 6.92 65.01
N GLY A 12 24.78 8.16 64.69
CA GLY A 12 24.26 8.80 63.50
C GLY A 12 25.34 9.00 62.45
N SER A 13 25.32 8.20 61.39
CA SER A 13 26.33 8.27 60.35
C SER A 13 26.12 9.52 59.51
N PHE A 14 27.07 10.45 59.57
CA PHE A 14 26.93 11.74 58.90
C PHE A 14 27.78 11.71 57.63
N ILE A 15 27.14 11.41 56.51
CA ILE A 15 27.83 11.39 55.22
C ILE A 15 27.79 12.78 54.62
N GLU A 16 28.94 13.28 54.18
CA GLU A 16 29.08 14.63 53.64
C GLU A 16 29.06 14.58 52.11
N LEU A 17 27.88 14.32 51.56
CA LEU A 17 27.60 14.46 50.13
C LEU A 17 26.40 15.38 50.03
N LEU A 18 26.68 16.68 50.19
CA LEU A 18 25.60 17.67 50.24
C LEU A 18 24.72 17.73 49.02
N ARG A 19 23.45 17.42 49.22
CA ARG A 19 22.52 17.58 48.12
C ARG A 19 22.45 19.09 47.97
N ASN A 20 22.65 19.59 46.76
CA ASN A 20 22.78 21.02 46.52
C ASN A 20 21.43 21.64 46.18
N ARG A 21 21.42 22.94 45.94
CA ARG A 21 20.23 23.68 45.57
C ARG A 21 20.12 23.77 44.05
N MET A 22 18.89 23.69 43.57
CA MET A 22 18.62 23.71 42.14
C MET A 22 18.65 25.16 41.65
N ALA A 23 19.65 25.49 40.84
CA ALA A 23 19.84 26.84 40.34
C ALA A 23 19.46 26.91 38.86
N LEU A 24 19.39 28.14 38.36
CA LEU A 24 18.95 28.44 37.01
C LEU A 24 20.15 28.59 36.09
N ALA A 25 19.93 29.10 34.89
CA ALA A 25 21.00 29.28 33.91
C ALA A 25 21.01 30.73 33.42
N GLY A 26 21.96 31.02 32.53
CA GLY A 26 22.16 32.38 32.05
C GLY A 26 22.18 32.57 30.55
N VAL A 27 23.18 33.32 30.05
CA VAL A 27 23.32 33.66 28.64
C VAL A 27 24.79 33.59 28.25
N GLY A 28 25.03 33.50 26.94
CA GLY A 28 26.39 33.41 26.45
C GLY A 28 26.68 34.12 25.13
N VAL A 29 26.01 35.24 24.84
CA VAL A 29 26.12 35.85 23.52
C VAL A 29 26.36 37.36 23.53
N ARG A 30 26.57 37.96 24.70
CA ARG A 30 26.66 39.40 24.83
C ARG A 30 28.12 39.87 24.83
N ILE A 31 28.31 41.18 25.02
CA ILE A 31 29.64 41.79 25.09
C ILE A 31 29.70 42.74 26.28
N LEU A 32 30.92 42.99 26.75
CA LEU A 32 31.13 43.76 27.97
C LEU A 32 32.57 44.23 28.03
N GLN A 33 32.90 45.02 29.06
CA GLN A 33 34.23 45.58 29.23
C GLN A 33 34.43 46.05 30.67
N GLY A 34 35.70 46.07 31.09
CA GLY A 34 36.07 46.61 32.39
C GLY A 34 36.38 48.09 32.27
N LEU A 35 35.81 48.87 33.18
CA LEU A 35 35.55 50.28 32.91
C LEU A 35 35.94 51.15 34.09
N THR A 36 35.78 52.47 33.91
CA THR A 36 35.97 53.47 34.95
C THR A 36 35.43 54.80 34.46
N GLY A 37 34.95 55.64 35.37
CA GLY A 37 34.40 56.96 35.00
C GLY A 37 32.94 56.97 34.60
N ASN A 38 32.60 57.56 33.46
CA ASN A 38 31.22 57.50 32.94
C ASN A 38 31.32 57.42 31.42
N VAL A 39 30.61 56.53 30.75
CA VAL A 39 30.82 56.39 29.30
C VAL A 39 29.71 56.83 28.35
N ASP A 40 30.04 57.72 27.42
CA ASP A 40 29.06 58.18 26.44
C ASP A 40 29.65 57.91 25.07
N ILE A 41 28.88 57.25 24.22
CA ILE A 41 29.35 56.95 22.86
C ILE A 41 28.32 57.45 21.87
N PRO A 42 28.75 58.10 20.79
CA PRO A 42 27.81 58.73 19.87
C PRO A 42 27.35 57.77 18.78
N LYS A 43 26.08 57.89 18.43
CA LYS A 43 25.52 57.10 17.34
C LYS A 43 24.75 58.01 16.40
N ARG A 44 24.87 57.76 15.12
CA ARG A 44 24.24 58.58 14.10
C ARG A 44 22.80 58.11 13.91
N THR A 45 21.88 59.06 13.79
CA THR A 45 20.49 58.77 13.46
C THR A 45 20.08 59.67 12.31
N GLY A 46 19.54 59.06 11.26
CA GLY A 46 19.16 59.79 10.07
C GLY A 46 20.36 60.14 9.19
N ALA A 47 20.07 60.44 7.94
CA ALA A 47 21.12 60.76 6.97
C ALA A 47 20.55 61.72 5.94
N SER A 48 21.43 62.21 5.07
CA SER A 48 21.03 63.15 4.05
C SER A 48 20.19 62.44 2.98
N THR A 49 19.48 63.25 2.20
CA THR A 49 18.56 62.74 1.20
C THR A 49 18.98 63.15 -0.20
N MET A 50 18.59 62.35 -1.18
CA MET A 50 18.96 62.57 -2.56
C MET A 50 17.90 63.41 -3.27
N TYR A 51 18.34 64.30 -4.15
CA TYR A 51 17.45 65.18 -4.89
C TYR A 51 17.73 65.10 -6.37
N PHE A 52 16.68 65.20 -7.17
CA PHE A 52 16.79 65.24 -8.62
C PHE A 52 16.48 66.65 -9.10
N VAL A 53 17.28 67.14 -10.04
CA VAL A 53 17.15 68.50 -10.55
C VAL A 53 17.22 68.49 -12.06
N ASP A 54 16.71 69.55 -12.66
CA ASP A 54 16.83 69.73 -14.10
C ASP A 54 18.23 70.22 -14.43
N GLU A 55 18.50 70.42 -15.72
CA GLU A 55 19.80 70.92 -16.13
C GLU A 55 19.96 72.35 -15.66
N ASP A 56 21.01 72.65 -14.90
CA ASP A 56 21.16 73.99 -14.32
C ASP A 56 19.97 74.42 -13.46
N VAL A 57 19.43 73.51 -12.65
CA VAL A 57 18.34 73.86 -11.72
C VAL A 57 18.89 73.72 -10.31
N ASP A 58 18.65 74.70 -9.45
CA ASP A 58 19.27 74.69 -8.12
C ASP A 58 19.06 73.50 -7.20
N VAL A 59 20.13 73.06 -6.54
CA VAL A 59 20.05 71.94 -5.61
C VAL A 59 19.89 72.46 -4.23
N THR A 60 19.22 71.67 -3.43
CA THR A 60 18.96 72.08 -2.05
C THR A 60 19.79 71.26 -1.07
N GLU A 61 19.68 71.62 0.21
CA GLU A 61 20.50 71.03 1.26
C GLU A 61 19.64 70.24 2.24
N SER A 62 20.28 69.31 2.94
CA SER A 62 19.68 68.55 4.03
C SER A 62 20.70 68.40 5.16
N ASP A 63 20.38 67.55 6.12
CA ASP A 63 21.27 67.32 7.26
C ASP A 63 20.88 66.03 7.95
N GLY A 64 21.79 65.53 8.80
CA GLY A 64 21.55 64.32 9.53
C GLY A 64 21.72 64.49 11.03
N ALA A 65 20.74 64.01 11.80
CA ALA A 65 20.77 64.17 13.24
C ALA A 65 21.82 63.25 13.86
N PHE A 66 22.02 63.42 15.16
CA PHE A 66 22.99 62.62 15.90
C PHE A 66 22.42 62.28 17.27
N GLY A 67 23.14 61.44 18.00
CA GLY A 67 22.71 61.03 19.33
C GLY A 67 23.80 60.22 19.99
N LEU A 68 23.60 59.99 21.28
CA LEU A 68 24.57 59.23 22.07
C LEU A 68 23.86 58.48 23.17
N VAL A 69 24.51 57.41 23.64
CA VAL A 69 23.99 56.59 24.72
C VAL A 69 24.97 56.63 25.87
N GLY A 70 24.44 56.47 27.09
CA GLY A 70 25.25 56.61 28.27
C GLY A 70 25.01 55.54 29.32
N MET A 71 26.03 55.24 30.12
CA MET A 71 25.95 54.22 31.14
C MET A 71 26.51 54.78 32.44
N THR A 72 25.84 54.48 33.55
CA THR A 72 26.25 54.94 34.86
C THR A 72 26.19 53.79 35.86
N PRO A 73 27.15 53.71 36.78
CA PRO A 73 27.20 52.57 37.69
C PRO A 73 26.01 52.52 38.62
N HIS A 74 25.30 51.39 38.58
CA HIS A 74 24.30 51.05 39.57
C HIS A 74 24.88 49.98 40.48
N THR A 75 24.78 50.21 41.79
CA THR A 75 25.46 49.39 42.79
C THR A 75 24.51 48.35 43.36
N ALA A 76 25.01 47.11 43.48
CA ALA A 76 24.22 46.02 44.02
C ALA A 76 25.15 45.09 44.75
N GLY A 77 24.64 44.31 45.68
CA GLY A 77 25.44 43.30 46.37
C GLY A 77 24.63 42.58 47.42
N VAL A 78 25.20 41.49 47.91
CA VAL A 78 24.53 40.64 48.89
C VAL A 78 25.50 40.35 50.03
N ALA A 79 24.95 40.06 51.20
CA ALA A 79 25.78 39.84 52.38
C ALA A 79 24.98 39.09 53.44
N THR A 80 25.68 38.22 54.16
CA THR A 80 25.08 37.44 55.25
C THR A 80 26.09 37.31 56.38
N ALA A 81 25.64 36.71 57.47
CA ALA A 81 26.44 36.68 58.69
C ALA A 81 26.36 35.32 59.36
N ILE A 82 27.51 34.80 59.77
CA ILE A 82 27.60 33.54 60.48
C ILE A 82 28.15 33.82 61.89
N THR A 83 27.61 33.14 62.88
CA THR A 83 27.99 33.37 64.26
C THR A 83 29.29 32.64 64.56
N ARG A 84 29.67 32.58 65.84
CA ARG A 84 30.94 32.00 66.23
C ARG A 84 30.82 30.51 66.46
N ARG A 85 29.88 30.10 67.31
CA ARG A 85 29.69 28.68 67.59
C ARG A 85 29.47 27.90 66.30
N MET A 86 28.70 28.43 65.37
CA MET A 86 28.42 27.74 64.13
C MET A 86 29.65 27.58 63.26
N MET A 87 30.73 28.30 63.56
CA MET A 87 32.02 27.99 62.95
C MET A 87 32.82 27.02 63.78
N GLN A 88 32.54 26.94 65.08
CA GLN A 88 33.24 25.99 65.93
C GLN A 88 32.87 24.56 65.55
N GLN A 89 31.59 24.23 65.65
CA GLN A 89 31.10 22.88 65.39
C GLN A 89 30.28 22.92 64.09
N GLY A 90 30.97 22.82 62.97
CA GLY A 90 30.30 22.78 61.68
C GLY A 90 30.75 21.57 60.89
N SER A 91 29.82 20.87 60.28
CA SER A 91 30.18 19.59 59.68
C SER A 91 30.99 19.73 58.39
N PRO A 92 30.55 20.48 57.37
CA PRO A 92 31.53 20.92 56.37
C PRO A 92 32.13 22.24 56.79
N ASP A 93 33.06 22.81 56.02
CA ASP A 93 33.55 24.15 56.35
C ASP A 93 32.42 25.14 56.12
N ILE A 94 31.83 25.63 57.22
CA ILE A 94 30.67 26.49 57.09
C ILE A 94 30.99 27.78 56.35
N GLU A 95 32.25 28.22 56.37
CA GLU A 95 32.60 29.42 55.61
C GLU A 95 32.53 29.19 54.12
N ALA A 96 33.21 28.16 53.62
CA ALA A 96 33.28 27.93 52.19
C ALA A 96 31.90 27.77 51.58
N LEU A 97 30.98 27.09 52.27
CA LEU A 97 29.62 26.98 51.76
C LEU A 97 28.99 28.35 51.57
N VAL A 98 29.14 29.24 52.54
CA VAL A 98 28.53 30.55 52.44
C VAL A 98 29.17 31.36 51.31
N ARG A 99 30.49 31.27 51.16
CA ARG A 99 31.15 31.98 50.08
C ARG A 99 30.65 31.52 48.72
N ASP A 100 30.60 30.21 48.50
CA ASP A 100 30.16 29.69 47.21
C ASP A 100 28.67 29.85 47.01
N ASP A 101 27.90 30.09 48.07
CA ASP A 101 26.53 30.51 47.87
C ASP A 101 26.46 31.96 47.41
N LEU A 102 27.18 32.85 48.09
CA LEU A 102 27.10 34.26 47.77
C LEU A 102 27.54 34.54 46.35
N LEU A 103 28.66 33.97 45.92
CA LEU A 103 29.16 34.29 44.60
C LEU A 103 28.14 33.94 43.51
N THR A 104 27.62 32.71 43.54
CA THR A 104 26.67 32.32 42.51
C THR A 104 25.33 33.02 42.65
N SER A 105 24.83 33.23 43.86
CA SER A 105 23.56 33.91 44.03
C SER A 105 23.65 35.38 43.67
N LEU A 106 24.85 35.92 43.56
CA LEU A 106 25.03 37.27 43.01
C LEU A 106 25.19 37.26 41.50
N THR A 107 25.98 36.33 40.96
CA THR A 107 26.14 36.25 39.52
C THR A 107 24.79 36.02 38.84
N LEU A 108 24.02 35.06 39.33
CA LEU A 108 22.71 34.80 38.76
C LEU A 108 21.77 35.98 38.93
N GLY A 109 21.86 36.69 40.05
CA GLY A 109 21.01 37.84 40.25
C GLY A 109 21.29 38.92 39.22
N LEU A 110 22.58 39.18 38.97
CA LEU A 110 22.93 40.18 37.96
C LEU A 110 22.48 39.73 36.57
N ASP A 111 22.72 38.47 36.22
CA ASP A 111 22.28 38.01 34.91
C ASP A 111 20.76 38.07 34.78
N LYS A 112 20.04 37.82 35.87
CA LYS A 112 18.59 37.94 35.86
C LYS A 112 18.17 39.38 35.61
N THR A 113 18.72 40.32 36.37
CA THR A 113 18.27 41.69 36.25
C THR A 113 18.76 42.37 34.98
N ALA A 114 19.80 41.84 34.34
CA ALA A 114 20.23 42.43 33.08
C ALA A 114 19.23 42.13 31.97
N LEU A 115 18.76 40.90 31.88
CA LEU A 115 17.83 40.52 30.83
C LEU A 115 16.46 41.18 31.06
N VAL A 116 15.80 40.82 32.14
CA VAL A 116 14.55 41.45 32.53
C VAL A 116 14.84 42.39 33.68
N GLY A 117 14.30 43.60 33.61
CA GLY A 117 14.63 44.60 34.60
C GLY A 117 14.08 44.23 35.97
N HIS A 118 14.87 44.48 37.00
CA HIS A 118 14.42 44.25 38.37
C HIS A 118 13.34 45.25 38.73
N SER A 119 12.43 44.83 39.59
CA SER A 119 11.32 45.67 40.02
C SER A 119 11.70 46.38 41.32
N SER A 120 12.48 47.44 41.18
CA SER A 120 12.86 48.29 42.30
C SER A 120 13.54 49.53 41.76
N PRO A 121 13.37 50.68 42.40
CA PRO A 121 14.17 51.84 42.03
C PRO A 121 15.64 51.59 42.33
N SER A 122 16.48 52.51 41.84
CA SER A 122 17.93 52.40 41.98
C SER A 122 18.44 51.07 41.42
N ALA A 123 17.73 50.55 40.42
CA ALA A 123 18.13 49.34 39.75
C ALA A 123 18.28 49.60 38.26
N PRO A 124 19.31 49.05 37.63
CA PRO A 124 19.56 49.36 36.23
C PRO A 124 18.41 48.92 35.35
N ASN A 125 18.20 49.66 34.26
CA ASN A 125 17.10 49.38 33.35
C ASN A 125 17.42 48.15 32.52
N GLY A 126 16.70 47.06 32.75
CA GLY A 126 16.88 45.86 31.97
C GLY A 126 16.40 46.04 30.55
N VAL A 127 16.75 45.05 29.72
CA VAL A 127 16.37 45.10 28.31
C VAL A 127 14.85 45.18 28.18
N ARG A 128 14.13 44.45 29.02
CA ARG A 128 12.68 44.54 28.99
C ARG A 128 12.20 45.97 29.24
N ASP A 129 12.88 46.70 30.12
CA ASP A 129 12.48 48.08 30.36
C ASP A 129 12.72 48.95 29.13
N LEU A 130 13.76 48.65 28.37
CA LEU A 130 14.14 49.49 27.24
C LEU A 130 13.34 49.20 25.97
N VAL A 131 12.85 47.97 25.80
CA VAL A 131 12.23 47.61 24.54
C VAL A 131 10.76 47.23 24.70
N ILE A 132 10.21 47.33 25.90
CA ILE A 132 8.80 46.98 26.09
C ILE A 132 7.86 48.01 25.51
N GLY A 133 8.36 49.20 25.17
CA GLY A 133 7.49 50.24 24.66
C GLY A 133 6.71 49.81 23.43
N ASP A 134 7.38 49.17 22.49
CA ASP A 134 6.75 48.68 21.26
C ASP A 134 6.53 47.18 21.29
N ALA A 135 6.16 46.64 22.45
CA ALA A 135 5.95 45.22 22.57
C ALA A 135 4.82 44.76 21.66
N LEU A 136 4.85 43.48 21.31
CA LEU A 136 3.86 42.90 20.41
C LEU A 136 2.95 41.97 21.20
N PRO A 137 1.64 42.18 21.17
CA PRO A 137 0.73 41.26 21.87
C PRO A 137 0.68 39.91 21.20
N PHE A 138 -0.06 38.99 21.83
CA PHE A 138 -0.14 37.62 21.36
C PHE A 138 -1.56 37.11 21.18
N THR A 139 -2.56 37.72 21.84
CA THR A 139 -3.95 37.29 21.74
C THR A 139 -4.09 35.80 22.07
N GLY A 140 -3.49 35.39 23.17
CA GLY A 140 -3.56 34.02 23.62
C GLY A 140 -2.65 33.77 24.79
N PRO A 141 -2.98 32.78 25.61
CA PRO A 141 -2.12 32.44 26.74
C PRO A 141 -0.72 32.05 26.33
N PHE A 142 -0.52 31.66 25.08
CA PHE A 142 0.81 31.38 24.55
C PHE A 142 0.88 31.95 23.14
N ALA A 143 2.07 31.91 22.56
CA ALA A 143 2.29 32.47 21.24
C ALA A 143 2.15 31.40 20.17
N THR A 144 1.76 31.83 18.98
CA THR A 144 1.53 30.94 17.85
C THR A 144 2.59 31.21 16.80
N PHE A 145 2.77 30.24 15.89
CA PHE A 145 3.78 30.36 14.86
C PHE A 145 3.70 31.67 14.09
N GLU A 146 2.49 32.20 13.89
CA GLU A 146 2.36 33.50 13.23
C GLU A 146 3.17 34.55 13.94
N GLU A 147 2.99 34.70 15.25
CA GLU A 147 3.80 35.66 15.98
C GLU A 147 5.24 35.23 16.08
N LEU A 148 5.50 33.93 16.14
CA LEU A 148 6.88 33.46 16.19
C LEU A 148 7.66 33.84 14.95
N VAL A 149 6.99 34.15 13.84
CA VAL A 149 7.68 34.69 12.68
C VAL A 149 7.47 36.19 12.54
N ASP A 150 6.43 36.76 13.15
CA ASP A 150 6.30 38.21 13.16
C ASP A 150 7.40 38.86 13.97
N LEU A 151 7.80 38.23 15.07
CA LEU A 151 8.98 38.71 15.78
C LEU A 151 10.20 38.71 14.90
N GLU A 152 10.27 37.80 13.94
CA GLU A 152 11.40 37.79 13.02
C GLU A 152 11.29 38.93 12.03
N THR A 153 10.12 39.12 11.43
CA THR A 153 9.98 40.16 10.42
C THR A 153 10.18 41.55 11.03
N ALA A 154 9.64 41.79 12.23
CA ALA A 154 9.72 43.11 12.83
C ALA A 154 11.16 43.54 13.09
N VAL A 155 12.10 42.59 13.14
CA VAL A 155 13.50 42.97 13.19
C VAL A 155 14.04 43.17 11.78
N ALA A 156 13.65 42.31 10.84
CA ALA A 156 14.06 42.48 9.46
C ALA A 156 13.53 43.76 8.86
N SER A 157 12.37 44.22 9.28
CA SER A 157 11.78 45.44 8.74
C SER A 157 12.51 46.69 9.19
N ALA A 158 13.60 46.56 9.95
CA ALA A 158 14.42 47.69 10.34
C ALA A 158 15.88 47.50 9.92
N ASN A 159 16.13 46.63 8.94
CA ASN A 159 17.47 46.38 8.42
C ASN A 159 18.43 45.91 9.50
N ALA A 160 17.89 45.59 10.67
CA ALA A 160 18.73 45.17 11.79
C ALA A 160 18.83 43.67 11.83
N ASP A 161 18.20 43.00 10.87
CA ASP A 161 18.30 41.55 10.81
C ASP A 161 19.74 41.18 10.53
N VAL A 162 20.26 40.21 11.27
CA VAL A 162 21.63 39.76 11.06
C VAL A 162 21.60 38.26 11.04
N ASP A 163 22.66 37.64 10.54
CA ASP A 163 22.66 36.20 10.43
C ASP A 163 22.54 35.48 11.76
N SER A 164 23.23 35.97 12.79
CA SER A 164 23.19 35.31 14.08
C SER A 164 22.11 35.91 14.96
N MET A 165 21.03 35.20 15.10
CA MET A 165 19.94 35.70 15.93
C MET A 165 19.37 34.53 16.73
N ALA A 166 18.82 34.80 17.93
CA ALA A 166 18.35 33.72 18.78
C ALA A 166 17.08 34.03 19.57
N TYR A 167 16.26 33.02 19.82
CA TYR A 167 15.06 33.20 20.61
C TYR A 167 15.38 32.96 22.07
N ILE A 168 14.61 33.56 22.96
CA ILE A 168 14.74 33.34 24.40
C ILE A 168 13.35 33.29 24.98
N TYR A 169 13.05 32.22 25.71
CA TYR A 169 11.74 32.10 26.33
C TYR A 169 11.83 31.20 27.55
N ASN A 170 10.84 31.37 28.43
CA ASN A 170 10.77 30.62 29.67
C ASN A 170 10.62 29.13 29.39
N ALA A 171 11.16 28.32 30.30
CA ALA A 171 11.11 26.88 30.12
C ALA A 171 9.68 26.34 30.16
N ALA A 172 8.77 27.02 30.83
CA ALA A 172 7.38 26.57 30.81
C ALA A 172 6.75 26.75 29.45
N THR A 173 7.28 27.67 28.64
CA THR A 173 6.74 27.89 27.28
C THR A 173 7.23 26.84 26.27
N SER A 174 8.40 26.27 26.52
CA SER A 174 8.98 25.31 25.57
C SER A 174 8.12 24.06 25.37
N GLY A 175 7.54 23.54 26.45
CA GLY A 175 6.68 22.37 26.34
C GLY A 175 5.45 22.67 25.51
N HIS A 176 4.87 23.85 25.71
CA HIS A 176 3.73 24.23 24.90
C HIS A 176 4.12 24.35 23.44
N PHE A 177 5.29 24.92 23.17
CA PHE A 177 5.76 25.01 21.79
C PHE A 177 5.79 23.62 21.18
N LYS A 178 6.35 22.66 21.91
CA LYS A 178 6.45 21.30 21.40
C LYS A 178 5.12 20.61 21.14
N LYS A 179 4.14 20.80 22.02
CA LYS A 179 2.87 20.09 21.86
C LYS A 179 1.94 20.74 20.84
N THR A 180 2.47 21.59 19.97
CA THR A 180 1.62 22.30 19.03
C THR A 180 2.26 22.27 17.64
N LEU A 181 1.47 21.89 16.64
CA LEU A 181 1.95 21.86 15.28
C LEU A 181 2.20 23.26 14.76
N GLU A 182 2.96 23.33 13.67
CA GLU A 182 3.15 24.62 13.01
C GLU A 182 1.91 25.04 12.26
N PHE A 183 1.39 24.16 11.41
CA PHE A 183 0.18 24.40 10.65
C PHE A 183 -0.88 23.37 11.04
N ALA A 184 -1.98 23.36 10.30
CA ALA A 184 -3.11 22.51 10.67
C ALA A 184 -2.77 21.03 10.53
N GLY A 185 -2.47 20.58 9.32
CA GLY A 185 -2.37 19.16 9.08
C GLY A 185 -0.98 18.64 8.86
N VAL A 186 -0.04 19.53 8.56
CA VAL A 186 1.33 19.11 8.30
C VAL A 186 1.91 18.52 9.58
N SER A 187 2.85 17.59 9.43
CA SER A 187 3.49 16.95 10.57
C SER A 187 4.74 17.73 10.92
N GLY A 188 4.58 18.75 11.77
CA GLY A 188 5.72 19.48 12.27
C GLY A 188 5.40 20.32 13.50
N THR A 189 6.19 20.16 14.56
CA THR A 189 5.98 20.93 15.76
C THR A 189 6.74 22.25 15.67
N ILE A 190 6.36 23.19 16.53
CA ILE A 190 7.01 24.50 16.51
C ILE A 190 8.49 24.36 16.81
N GLU A 191 8.83 23.83 17.97
CA GLU A 191 10.21 23.67 18.40
C GLU A 191 10.68 22.26 18.07
N ARG A 192 11.57 22.14 17.11
CA ARG A 192 12.24 20.87 16.85
C ARG A 192 13.54 20.85 17.66
N GLY A 193 14.40 19.87 17.40
CA GLY A 193 15.60 19.72 18.18
C GLY A 193 16.51 20.93 18.12
N GLY A 194 16.58 21.68 19.21
CA GLY A 194 17.46 22.83 19.30
C GLY A 194 17.28 23.87 18.23
N GLN A 195 16.12 23.95 17.60
CA GLN A 195 15.88 24.92 16.55
C GLN A 195 14.44 25.40 16.63
N VAL A 196 14.22 26.67 16.33
CA VAL A 196 12.89 27.22 16.16
C VAL A 196 12.95 28.17 14.98
N ASN A 197 12.13 27.90 13.96
CA ASN A 197 12.05 28.76 12.79
C ASN A 197 13.43 29.00 12.19
N GLY A 198 14.23 27.95 12.14
CA GLY A 198 15.57 28.04 11.60
C GLY A 198 16.58 28.72 12.50
N TYR A 199 16.18 29.21 13.67
CA TYR A 199 17.07 29.89 14.57
C TYR A 199 17.19 29.13 15.88
N ASN A 200 18.13 29.56 16.71
CA ASN A 200 18.42 28.88 17.96
C ASN A 200 17.60 29.46 19.10
N ARG A 201 17.58 28.74 20.21
CA ARG A 201 16.90 29.17 21.42
C ARG A 201 17.77 28.80 22.62
N VAL A 202 17.45 29.37 23.78
CA VAL A 202 18.25 29.10 24.97
C VAL A 202 17.39 28.50 26.07
N LYS A 203 16.11 28.86 26.10
CA LYS A 203 15.13 28.28 27.01
C LYS A 203 15.66 28.29 28.46
N SER A 204 15.77 29.50 28.99
CA SER A 204 16.13 29.68 30.39
C SER A 204 14.88 29.79 31.25
N ASN A 205 15.10 29.98 32.55
CA ASN A 205 14.04 30.22 33.50
C ASN A 205 14.09 31.63 34.07
N GLN A 206 14.99 32.47 33.56
CA GLN A 206 15.08 33.83 34.07
C GLN A 206 13.82 34.60 33.78
N ILE A 207 13.24 34.46 32.60
CA ILE A 207 11.99 35.13 32.28
C ILE A 207 10.90 34.54 33.16
N THR A 208 10.43 35.33 34.12
CA THR A 208 9.51 34.80 35.11
C THR A 208 8.14 34.51 34.52
N THR A 209 7.76 35.22 33.47
CA THR A 209 6.44 35.06 32.90
C THR A 209 6.40 33.87 31.96
N ALA A 210 5.20 33.30 31.80
CA ALA A 210 5.05 32.12 30.97
C ALA A 210 5.13 32.47 29.49
N GLY A 211 4.21 33.30 29.01
CA GLY A 211 4.07 33.54 27.59
C GLY A 211 5.08 34.47 26.96
N GLU A 212 5.96 35.10 27.74
CA GLU A 212 6.88 36.05 27.17
C GLU A 212 7.96 35.34 26.37
N VAL A 213 8.42 35.98 25.31
CA VAL A 213 9.46 35.45 24.45
C VAL A 213 10.15 36.61 23.76
N ALA A 214 11.48 36.61 23.77
CA ALA A 214 12.26 37.68 23.20
C ALA A 214 13.04 37.16 22.00
N PHE A 215 13.35 38.05 21.06
CA PHE A 215 14.09 37.67 19.88
C PHE A 215 14.85 38.85 19.35
N GLY A 216 16.03 38.59 18.80
CA GLY A 216 16.80 39.64 18.18
C GLY A 216 18.28 39.38 18.32
N ASN A 217 19.05 40.17 17.59
CA ASN A 217 20.50 40.04 17.62
C ASN A 217 21.01 40.46 18.98
N TRP A 218 21.48 39.49 19.77
CA TRP A 218 21.94 39.79 21.12
C TRP A 218 23.36 40.31 21.16
N SER A 219 23.97 40.58 20.02
CA SER A 219 25.29 41.20 20.02
C SER A 219 25.23 42.71 20.16
N ASP A 220 24.04 43.27 20.39
CA ASP A 220 23.89 44.70 20.56
C ASP A 220 23.66 45.11 22.00
N VAL A 221 23.62 44.16 22.93
CA VAL A 221 23.53 44.51 24.33
C VAL A 221 24.93 44.72 24.87
N VAL A 222 25.14 45.85 25.54
CA VAL A 222 26.44 46.21 26.10
C VAL A 222 26.25 46.44 27.59
N ILE A 223 26.97 45.67 28.40
CA ILE A 223 26.95 45.83 29.85
C ILE A 223 28.34 46.24 30.30
N GLY A 224 28.38 47.11 31.31
CA GLY A 224 29.65 47.65 31.76
C GLY A 224 29.98 47.31 33.19
N MET A 225 31.13 46.68 33.40
CA MET A 225 31.60 46.32 34.74
C MET A 225 32.56 47.40 35.21
N TRP A 226 32.18 48.10 36.28
CA TRP A 226 33.07 49.09 36.86
C TRP A 226 34.06 48.49 37.83
N SER A 227 33.79 47.29 38.34
CA SER A 227 34.70 46.62 39.26
C SER A 227 34.29 45.16 39.36
N GLY A 228 35.28 44.29 39.49
CA GLY A 228 35.03 42.89 39.73
C GLY A 228 34.37 42.68 41.08
N LEU A 229 34.10 41.43 41.40
CA LEU A 229 33.46 41.10 42.67
C LEU A 229 34.48 41.24 43.78
N ASP A 230 34.04 41.77 44.92
CA ASP A 230 34.98 42.11 45.99
C ASP A 230 35.18 40.97 46.98
N LEU A 231 34.09 40.49 47.57
CA LEU A 231 34.15 39.44 48.59
C LEU A 231 35.00 39.90 49.78
N ARG A 232 34.47 40.91 50.47
CA ARG A 232 35.15 41.45 51.63
C ARG A 232 34.71 40.70 52.88
N VAL A 233 35.64 40.47 53.79
CA VAL A 233 35.38 39.75 55.03
C VAL A 233 35.34 40.76 56.16
N ASP A 234 34.23 40.78 56.91
CA ASP A 234 34.04 41.70 58.01
C ASP A 234 34.22 40.97 59.33
N THR A 235 34.88 41.64 60.27
CA THR A 235 34.96 41.16 61.64
C THR A 235 34.66 42.22 62.67
N SER A 236 34.82 43.51 62.34
CA SER A 236 34.52 44.56 63.30
C SER A 236 33.03 44.63 63.59
N THR A 237 32.21 44.58 62.55
CA THR A 237 30.77 44.44 62.76
C THR A 237 30.51 43.12 63.45
N LYS A 238 29.57 43.12 64.39
CA LYS A 238 29.24 41.92 65.15
C LYS A 238 30.48 41.32 65.80
N ALA A 239 31.19 42.16 66.56
CA ALA A 239 32.37 41.71 67.29
C ALA A 239 32.09 41.45 68.76
N ALA A 240 30.96 41.91 69.28
CA ALA A 240 30.59 41.59 70.65
C ALA A 240 30.28 40.11 70.82
N SER A 241 30.17 39.39 69.72
CA SER A 241 29.98 37.94 69.74
C SER A 241 30.97 37.24 68.82
N ASP A 242 32.00 37.94 68.36
CA ASP A 242 33.06 37.37 67.54
C ASP A 242 32.50 36.75 66.26
N GLY A 243 31.41 37.32 65.76
CA GLY A 243 30.73 36.77 64.60
C GLY A 243 31.20 37.44 63.32
N LYS A 244 31.58 36.62 62.35
CA LYS A 244 32.00 37.13 61.05
C LYS A 244 30.80 37.53 60.21
N VAL A 245 31.04 38.38 59.22
CA VAL A 245 30.05 38.76 58.22
C VAL A 245 30.74 38.77 56.87
N LEU A 246 30.09 38.17 55.87
CA LEU A 246 30.64 38.10 54.53
C LEU A 246 29.81 38.97 53.61
N ARG A 247 30.48 39.80 52.82
CA ARG A 247 29.81 40.70 51.90
C ARG A 247 30.47 40.62 50.53
N VAL A 248 29.67 40.86 49.50
CA VAL A 248 30.17 41.03 48.14
C VAL A 248 29.48 42.23 47.51
N PHE A 249 30.21 42.94 46.66
CA PHE A 249 29.66 44.12 46.01
C PHE A 249 30.03 44.07 44.54
N THR A 250 29.26 44.80 43.73
CA THR A 250 29.58 45.01 42.33
C THR A 250 28.66 46.08 41.78
N ASP A 251 29.20 46.96 40.94
CA ASP A 251 28.41 47.94 40.21
C ASP A 251 28.34 47.56 38.74
N ILE A 252 27.22 47.86 38.10
CA ILE A 252 26.97 47.42 36.73
C ILE A 252 25.95 48.34 36.11
N ASP A 253 25.89 48.32 34.78
CA ASP A 253 24.85 48.99 34.02
C ASP A 253 24.77 48.36 32.65
N VAL A 254 23.59 48.44 32.04
CA VAL A 254 23.30 47.77 30.79
C VAL A 254 22.66 48.76 29.83
N ALA A 255 23.07 48.72 28.56
CA ALA A 255 22.49 49.56 27.54
C ALA A 255 22.79 48.94 26.19
N LEU A 256 21.82 49.02 25.29
CA LEU A 256 21.92 48.42 23.97
C LEU A 256 21.97 49.50 22.90
N ARG A 257 22.81 49.28 21.89
CA ARG A 257 23.08 50.32 20.90
C ARG A 257 21.82 50.67 20.12
N ASN A 258 21.32 49.73 19.31
CA ASN A 258 20.19 49.99 18.44
C ASN A 258 18.94 49.40 19.05
N VAL A 259 17.96 50.26 19.32
CA VAL A 259 16.76 49.84 20.02
C VAL A 259 16.00 48.77 19.26
N GLU A 260 16.13 48.70 17.94
CA GLU A 260 15.39 47.73 17.15
C GLU A 260 16.07 46.38 17.04
N SER A 261 17.29 46.24 17.56
CA SER A 261 17.98 44.96 17.45
C SER A 261 17.29 43.87 18.25
N ILE A 262 16.37 44.24 19.13
CA ILE A 262 15.64 43.29 19.96
C ILE A 262 14.15 43.54 19.78
N LYS A 263 13.37 42.47 19.77
CA LYS A 263 11.92 42.56 19.77
C LYS A 263 11.38 41.70 20.89
N TRP A 264 10.33 42.19 21.53
CA TRP A 264 9.79 41.57 22.74
C TRP A 264 8.29 41.43 22.62
N GLY A 265 7.80 40.20 22.83
CA GLY A 265 6.38 39.96 22.72
C GLY A 265 5.78 39.46 24.01
N VAL A 266 4.68 40.07 24.44
CA VAL A 266 4.06 39.69 25.70
C VAL A 266 2.77 38.93 25.42
N PRO A 267 2.37 38.00 26.27
CA PRO A 267 1.11 37.31 26.08
C PRO A 267 -0.05 38.18 26.53
N ALA A 268 -1.22 37.91 25.95
CA ALA A 268 -2.41 38.64 26.28
C ALA A 268 -3.65 37.89 25.81
N GLY B 1 5.89 22.92 -70.26
CA GLY B 1 4.92 23.85 -69.69
C GLY B 1 4.53 23.49 -68.28
N GLY B 2 3.37 23.99 -67.84
CA GLY B 2 2.93 23.76 -66.48
C GLY B 2 2.58 22.31 -66.22
N VAL B 3 2.35 22.01 -64.94
CA VAL B 3 2.10 20.64 -64.50
C VAL B 3 0.61 20.45 -64.27
N LEU B 4 -0.19 21.27 -64.95
CA LEU B 4 -1.63 21.23 -64.75
C LEU B 4 -2.28 20.05 -65.48
N VAL B 5 -2.05 19.93 -66.78
CA VAL B 5 -2.77 18.94 -67.59
C VAL B 5 -2.04 18.80 -68.91
N ALA B 6 -2.12 17.60 -69.50
CA ALA B 6 -1.46 17.27 -70.76
C ALA B 6 0.05 17.47 -70.67
N GLN B 7 0.58 17.55 -69.46
CA GLN B 7 2.00 17.51 -69.17
C GLN B 7 2.26 16.60 -67.99
N ASP B 8 1.51 15.50 -67.94
CA ASP B 8 1.57 14.65 -66.74
C ASP B 8 2.23 13.30 -66.85
N TYR B 9 3.55 13.30 -66.90
CA TYR B 9 4.26 12.04 -66.91
C TYR B 9 4.91 11.92 -65.54
N ARG B 10 4.55 12.82 -64.63
CA ARG B 10 5.20 12.79 -63.32
C ARG B 10 4.91 11.47 -62.66
N ALA B 11 5.94 10.86 -62.09
CA ALA B 11 5.78 9.54 -61.48
C ALA B 11 4.93 9.57 -60.24
N GLY B 12 4.08 8.57 -60.06
CA GLY B 12 3.29 8.48 -58.85
C GLY B 12 3.89 7.32 -58.09
N SER B 13 4.31 7.56 -56.86
CA SER B 13 4.98 6.52 -56.11
C SER B 13 4.04 5.66 -55.29
N PHE B 14 4.47 4.45 -54.99
CA PHE B 14 3.65 3.51 -54.24
C PHE B 14 4.57 2.78 -53.26
N ILE B 15 4.69 3.32 -52.05
CA ILE B 15 5.58 2.73 -51.05
C ILE B 15 4.86 1.60 -50.33
N GLU B 16 5.62 0.57 -49.94
CA GLU B 16 5.04 -0.62 -49.31
C GLU B 16 5.22 -0.59 -47.79
N LEU B 17 4.47 0.29 -47.15
CA LEU B 17 4.41 0.37 -45.70
C LEU B 17 2.95 0.51 -45.30
N LEU B 18 2.27 -0.62 -45.12
CA LEU B 18 0.83 -0.59 -44.90
C LEU B 18 0.49 -0.02 -43.54
N ARG B 19 -0.50 0.85 -43.52
CA ARG B 19 -1.26 1.15 -42.31
C ARG B 19 -2.10 -0.07 -41.98
N ASN B 20 -2.13 -0.44 -40.70
CA ASN B 20 -2.77 -1.68 -40.32
C ASN B 20 -4.15 -1.42 -39.72
N ARG B 21 -4.80 -2.48 -39.22
CA ARG B 21 -6.18 -2.37 -38.73
C ARG B 21 -6.45 -1.81 -37.33
N MET B 22 -5.44 -1.74 -36.48
CA MET B 22 -5.63 -1.27 -35.10
C MET B 22 -6.61 -2.16 -34.33
N ALA B 23 -6.35 -3.47 -34.30
CA ALA B 23 -7.18 -4.42 -33.58
C ALA B 23 -6.88 -4.35 -32.08
N LEU B 24 -7.54 -5.22 -31.33
CA LEU B 24 -7.45 -5.25 -29.87
C LEU B 24 -6.22 -6.06 -29.44
N ALA B 25 -6.16 -6.39 -28.16
CA ALA B 25 -5.11 -7.23 -27.61
C ALA B 25 -5.73 -8.47 -26.97
N GLY B 26 -4.90 -9.47 -26.70
CA GLY B 26 -5.36 -10.74 -26.19
C GLY B 26 -5.33 -10.84 -24.68
N VAL B 27 -5.48 -12.07 -24.18
CA VAL B 27 -5.43 -12.33 -22.75
C VAL B 27 -4.39 -13.41 -22.42
N GLY B 28 -4.65 -14.64 -22.88
CA GLY B 28 -3.73 -15.75 -22.77
C GLY B 28 -3.05 -16.05 -21.44
N VAL B 29 -3.81 -16.50 -20.43
CA VAL B 29 -3.22 -17.10 -19.22
C VAL B 29 -3.96 -18.39 -18.82
N ARG B 30 -4.63 -19.05 -19.76
CA ARG B 30 -5.55 -20.15 -19.49
C ARG B 30 -4.99 -21.47 -20.01
N ILE B 31 -5.81 -22.53 -19.94
CA ILE B 31 -5.42 -23.87 -20.36
C ILE B 31 -6.44 -24.44 -21.34
N LEU B 32 -5.99 -25.39 -22.16
CA LEU B 32 -6.78 -25.88 -23.28
C LEU B 32 -6.35 -27.31 -23.60
N GLN B 33 -7.01 -27.90 -24.60
CA GLN B 33 -6.75 -29.30 -24.94
C GLN B 33 -7.44 -29.68 -26.25
N GLY B 34 -6.90 -30.72 -26.92
CA GLY B 34 -7.50 -31.24 -28.14
C GLY B 34 -8.32 -32.50 -27.90
N LEU B 35 -9.47 -32.59 -28.57
CA LEU B 35 -10.52 -33.49 -28.13
C LEU B 35 -11.06 -34.33 -29.28
N THR B 36 -12.08 -35.11 -28.97
CA THR B 36 -12.88 -35.88 -29.92
C THR B 36 -14.11 -36.41 -29.20
N GLY B 37 -15.27 -36.24 -29.80
CA GLY B 37 -16.49 -36.61 -29.11
C GLY B 37 -16.76 -35.72 -27.91
N ASN B 38 -17.99 -35.80 -27.40
CA ASN B 38 -18.33 -35.07 -26.19
C ASN B 38 -17.42 -35.49 -25.05
N VAL B 39 -17.09 -34.55 -24.19
CA VAL B 39 -16.20 -34.81 -23.06
C VAL B 39 -16.94 -34.48 -21.77
N ASP B 40 -16.77 -35.34 -20.77
CA ASP B 40 -17.28 -35.11 -19.42
C ASP B 40 -16.14 -35.31 -18.44
N ILE B 41 -16.06 -34.43 -17.45
CA ILE B 41 -15.02 -34.52 -16.44
C ILE B 41 -15.67 -34.76 -15.10
N PRO B 42 -15.27 -35.76 -14.34
CA PRO B 42 -15.84 -35.98 -13.01
C PRO B 42 -15.29 -34.95 -12.03
N LYS B 43 -16.11 -34.65 -11.02
CA LYS B 43 -15.78 -33.58 -10.09
C LYS B 43 -16.38 -33.91 -8.73
N ARG B 44 -15.52 -34.07 -7.73
CA ARG B 44 -15.97 -34.39 -6.39
C ARG B 44 -16.55 -33.16 -5.73
N THR B 45 -17.75 -33.27 -5.16
CA THR B 45 -18.43 -32.09 -4.58
C THR B 45 -19.00 -32.42 -3.20
N GLY B 46 -18.24 -33.16 -2.41
CA GLY B 46 -18.69 -33.53 -1.07
C GLY B 46 -17.47 -33.96 -0.29
N ALA B 47 -17.62 -34.17 1.02
CA ALA B 47 -16.53 -34.70 1.83
C ALA B 47 -17.11 -35.58 2.93
N SER B 48 -16.33 -36.53 3.44
CA SER B 48 -16.79 -37.36 4.55
C SER B 48 -16.69 -36.54 5.83
N THR B 49 -17.35 -36.97 6.91
CA THR B 49 -17.21 -36.29 8.23
C THR B 49 -16.73 -37.17 9.40
N MET B 50 -15.86 -36.63 10.26
CA MET B 50 -15.33 -37.39 11.41
C MET B 50 -16.33 -37.58 12.54
N TYR B 51 -16.13 -38.60 13.37
CA TYR B 51 -16.98 -38.83 14.54
C TYR B 51 -16.14 -39.07 15.80
N PHE B 52 -16.39 -38.32 16.87
CA PHE B 52 -15.66 -38.53 18.14
C PHE B 52 -16.43 -39.50 19.02
N VAL B 53 -15.81 -40.61 19.43
CA VAL B 53 -16.49 -41.63 20.21
C VAL B 53 -15.56 -42.09 21.33
N ASP B 54 -16.14 -42.59 22.42
CA ASP B 54 -15.30 -43.14 23.49
C ASP B 54 -15.03 -44.62 23.23
N GLU B 55 -14.63 -45.34 24.28
CA GLU B 55 -14.29 -46.76 24.11
C GLU B 55 -15.49 -47.60 23.70
N ASP B 56 -15.28 -48.56 22.80
CA ASP B 56 -16.35 -49.47 22.37
C ASP B 56 -17.57 -48.80 21.76
N VAL B 57 -17.38 -47.73 21.00
CA VAL B 57 -18.51 -47.11 20.32
C VAL B 57 -18.32 -47.14 18.81
N ASP B 58 -19.32 -47.62 18.09
CA ASP B 58 -19.23 -47.71 16.64
C ASP B 58 -19.14 -46.33 15.99
N VAL B 59 -18.32 -46.22 14.94
CA VAL B 59 -18.23 -44.96 14.22
C VAL B 59 -19.20 -45.00 13.06
N THR B 60 -20.02 -43.97 12.93
CA THR B 60 -21.02 -43.94 11.86
C THR B 60 -20.37 -43.90 10.49
N GLU B 61 -20.98 -44.57 9.52
CA GLU B 61 -20.45 -44.52 8.16
C GLU B 61 -20.94 -43.26 7.47
N SER B 62 -20.05 -42.56 6.78
CA SER B 62 -20.44 -41.30 6.13
C SER B 62 -19.91 -41.33 4.70
N ASP B 63 -20.59 -40.66 3.76
CA ASP B 63 -20.18 -40.72 2.33
C ASP B 63 -20.36 -39.40 1.56
N GLY B 64 -19.50 -39.13 0.57
CA GLY B 64 -19.54 -37.90 -0.19
C GLY B 64 -20.37 -38.02 -1.45
N ALA B 65 -20.49 -36.90 -2.16
CA ALA B 65 -21.24 -36.83 -3.40
C ALA B 65 -20.30 -36.45 -4.55
N PHE B 66 -20.79 -36.64 -5.77
CA PHE B 66 -19.98 -36.42 -6.95
C PHE B 66 -20.79 -35.71 -8.02
N GLY B 67 -20.09 -35.15 -8.99
CA GLY B 67 -20.71 -34.45 -10.10
C GLY B 67 -19.73 -34.35 -11.25
N LEU B 68 -20.24 -33.92 -12.40
CA LEU B 68 -19.41 -33.85 -13.58
C LEU B 68 -19.77 -32.65 -14.43
N VAL B 69 -18.79 -32.15 -15.16
CA VAL B 69 -18.95 -31.00 -16.06
C VAL B 69 -18.83 -31.49 -17.49
N GLY B 70 -19.52 -30.79 -18.40
CA GLY B 70 -19.59 -31.21 -19.77
C GLY B 70 -19.20 -30.11 -20.73
N MET B 71 -18.87 -30.52 -21.96
CA MET B 71 -18.49 -29.61 -23.03
C MET B 71 -18.99 -30.17 -24.35
N THR B 72 -19.36 -29.30 -25.28
CA THR B 72 -19.81 -29.74 -26.59
C THR B 72 -19.41 -28.73 -27.65
N PRO B 73 -18.97 -29.19 -28.81
CA PRO B 73 -18.40 -28.26 -29.80
C PRO B 73 -19.44 -27.30 -30.33
N HIS B 74 -19.06 -26.03 -30.38
CA HIS B 74 -19.80 -25.00 -31.09
C HIS B 74 -18.87 -24.44 -32.15
N THR B 75 -19.32 -24.39 -33.42
CA THR B 75 -18.44 -23.98 -34.54
C THR B 75 -18.42 -22.52 -34.98
N ALA B 76 -17.23 -21.94 -35.12
CA ALA B 76 -17.07 -20.55 -35.58
C ALA B 76 -16.21 -20.54 -36.84
N GLY B 77 -16.67 -19.87 -37.91
CA GLY B 77 -15.94 -19.84 -39.17
C GLY B 77 -15.95 -18.50 -39.85
N VAL B 78 -14.99 -18.26 -40.74
CA VAL B 78 -14.91 -17.00 -41.48
C VAL B 78 -14.51 -17.36 -42.91
N ALA B 79 -14.90 -16.56 -43.90
CA ALA B 79 -14.60 -16.85 -45.30
C ALA B 79 -14.63 -15.56 -46.10
N THR B 80 -13.92 -15.55 -47.21
CA THR B 80 -13.81 -14.36 -48.05
C THR B 80 -13.39 -14.79 -49.44
N ALA B 81 -13.61 -13.89 -50.39
CA ALA B 81 -13.40 -14.16 -51.80
C ALA B 81 -12.22 -13.34 -52.32
N ILE B 82 -11.73 -13.74 -53.49
CA ILE B 82 -10.66 -13.02 -54.17
C ILE B 82 -10.67 -13.43 -55.63
N THR B 83 -10.57 -12.46 -56.53
CA THR B 83 -10.69 -12.76 -57.95
C THR B 83 -9.31 -13.03 -58.54
N ARG B 84 -9.25 -13.18 -59.86
CA ARG B 84 -7.99 -13.46 -60.54
C ARG B 84 -7.22 -12.19 -60.78
N ARG B 85 -7.92 -11.14 -61.20
CA ARG B 85 -7.27 -9.89 -61.52
C ARG B 85 -6.56 -9.27 -60.32
N MET B 86 -7.17 -9.35 -59.14
CA MET B 86 -6.54 -8.82 -57.95
C MET B 86 -5.22 -9.53 -57.72
N MET B 87 -5.22 -10.86 -57.85
CA MET B 87 -3.97 -11.60 -57.73
C MET B 87 -3.00 -11.25 -58.86
N GLN B 88 -3.52 -11.11 -60.07
CA GLN B 88 -2.66 -10.83 -61.22
C GLN B 88 -1.84 -9.56 -61.02
N GLN B 89 -2.47 -8.51 -60.53
CA GLN B 89 -1.75 -7.25 -60.38
C GLN B 89 -2.06 -6.67 -59.01
N GLY B 90 -1.31 -7.14 -58.01
CA GLY B 90 -1.44 -6.65 -56.65
C GLY B 90 -0.17 -5.98 -56.20
N SER B 91 -0.32 -4.86 -55.50
CA SER B 91 0.87 -4.08 -55.14
C SER B 91 1.68 -4.77 -54.05
N PRO B 92 1.11 -5.19 -52.91
CA PRO B 92 1.75 -6.29 -52.20
C PRO B 92 1.07 -7.59 -52.58
N ASP B 93 1.64 -8.73 -52.22
CA ASP B 93 1.01 -10.00 -52.56
C ASP B 93 -0.29 -10.14 -51.78
N ILE B 94 -1.42 -10.18 -52.50
CA ILE B 94 -2.71 -10.03 -51.86
C ILE B 94 -3.10 -11.26 -51.06
N GLU B 95 -2.73 -12.45 -51.53
CA GLU B 95 -3.17 -13.67 -50.88
C GLU B 95 -2.63 -13.80 -49.47
N ALA B 96 -1.45 -13.27 -49.17
CA ALA B 96 -0.97 -13.28 -47.81
C ALA B 96 -1.65 -12.24 -46.95
N LEU B 97 -1.95 -11.07 -47.52
CA LEU B 97 -2.75 -10.09 -46.81
C LEU B 97 -4.05 -10.70 -46.32
N VAL B 98 -4.78 -11.36 -47.21
CA VAL B 98 -6.07 -11.90 -46.82
C VAL B 98 -5.91 -13.06 -45.84
N ARG B 99 -4.86 -13.86 -45.99
CA ARG B 99 -4.65 -14.95 -45.05
C ARG B 99 -4.44 -14.42 -43.63
N ASP B 100 -3.57 -13.41 -43.50
CA ASP B 100 -3.34 -12.84 -42.18
C ASP B 100 -4.56 -12.13 -41.63
N ASP B 101 -5.31 -11.43 -42.47
CA ASP B 101 -6.59 -10.92 -42.02
C ASP B 101 -7.49 -12.00 -41.44
N LEU B 102 -7.65 -13.11 -42.16
CA LEU B 102 -8.51 -14.18 -41.66
C LEU B 102 -8.02 -14.70 -40.32
N LEU B 103 -6.73 -15.00 -40.23
CA LEU B 103 -6.21 -15.61 -39.00
C LEU B 103 -6.38 -14.67 -37.81
N THR B 104 -5.90 -13.44 -37.94
CA THR B 104 -5.97 -12.54 -36.79
C THR B 104 -7.35 -11.95 -36.58
N SER B 105 -8.29 -12.18 -37.49
CA SER B 105 -9.66 -11.78 -37.21
C SER B 105 -10.48 -12.92 -36.65
N LEU B 106 -10.01 -14.16 -36.76
CA LEU B 106 -10.64 -15.27 -36.10
C LEU B 106 -10.11 -15.49 -34.69
N THR B 107 -8.81 -15.36 -34.49
CA THR B 107 -8.26 -15.54 -33.16
C THR B 107 -8.88 -14.56 -32.17
N LEU B 108 -8.96 -13.30 -32.55
CA LEU B 108 -9.54 -12.30 -31.66
C LEU B 108 -11.02 -12.52 -31.42
N GLY B 109 -11.76 -12.93 -32.44
CA GLY B 109 -13.14 -13.30 -32.22
C GLY B 109 -13.31 -14.40 -31.21
N LEU B 110 -12.47 -15.44 -31.28
CA LEU B 110 -12.52 -16.49 -30.28
C LEU B 110 -12.17 -15.98 -28.89
N ASP B 111 -11.12 -15.17 -28.76
CA ASP B 111 -10.81 -14.62 -27.45
C ASP B 111 -11.98 -13.83 -26.87
N LYS B 112 -12.57 -12.95 -27.67
CA LYS B 112 -13.71 -12.19 -27.16
C LYS B 112 -14.85 -13.11 -26.77
N THR B 113 -15.16 -14.10 -27.60
CA THR B 113 -16.28 -14.98 -27.30
C THR B 113 -16.03 -15.80 -26.05
N ALA B 114 -14.77 -16.08 -25.74
CA ALA B 114 -14.46 -16.79 -24.51
C ALA B 114 -14.95 -16.01 -23.29
N LEU B 115 -14.47 -14.78 -23.12
CA LEU B 115 -14.83 -14.02 -21.93
C LEU B 115 -16.30 -13.64 -21.93
N VAL B 116 -16.71 -12.85 -22.87
CA VAL B 116 -18.11 -12.48 -23.02
C VAL B 116 -18.72 -13.36 -24.09
N GLY B 117 -19.89 -13.91 -23.80
CA GLY B 117 -20.55 -14.75 -24.78
C GLY B 117 -21.00 -13.93 -25.97
N HIS B 118 -20.86 -14.50 -27.15
CA HIS B 118 -21.38 -13.86 -28.35
C HIS B 118 -22.89 -13.80 -28.31
N SER B 119 -23.46 -12.98 -29.19
CA SER B 119 -24.90 -12.76 -29.19
C SER B 119 -25.68 -13.87 -29.87
N SER B 120 -25.09 -14.58 -30.82
CA SER B 120 -25.82 -15.56 -31.61
C SER B 120 -26.27 -16.72 -30.74
N PRO B 121 -27.41 -17.34 -31.07
CA PRO B 121 -27.86 -18.49 -30.27
C PRO B 121 -26.93 -19.69 -30.39
N SER B 122 -26.36 -19.93 -31.56
CA SER B 122 -25.42 -21.03 -31.74
C SER B 122 -24.03 -20.50 -31.44
N ALA B 123 -23.77 -20.29 -30.15
CA ALA B 123 -22.50 -19.71 -29.73
C ALA B 123 -22.13 -20.30 -28.39
N PRO B 124 -20.84 -20.52 -28.14
CA PRO B 124 -20.43 -21.04 -26.83
C PRO B 124 -20.81 -20.08 -25.73
N ASN B 125 -21.12 -20.64 -24.57
CA ASN B 125 -21.47 -19.82 -23.41
C ASN B 125 -20.20 -19.25 -22.80
N GLY B 126 -20.10 -17.92 -22.76
CA GLY B 126 -18.93 -17.28 -22.20
C GLY B 126 -18.86 -17.41 -20.70
N VAL B 127 -17.69 -17.07 -20.17
CA VAL B 127 -17.51 -17.04 -18.73
C VAL B 127 -18.54 -16.12 -18.08
N ARG B 128 -18.79 -14.97 -18.71
CA ARG B 128 -19.82 -14.08 -18.23
C ARG B 128 -21.18 -14.76 -18.24
N ASP B 129 -21.44 -15.63 -19.21
CA ASP B 129 -22.71 -16.35 -19.23
C ASP B 129 -22.84 -17.25 -18.03
N LEU B 130 -21.73 -17.84 -17.58
CA LEU B 130 -21.79 -18.79 -16.48
C LEU B 130 -21.90 -18.09 -15.14
N VAL B 131 -20.94 -17.21 -14.84
CA VAL B 131 -20.76 -16.76 -13.47
C VAL B 131 -21.54 -15.48 -13.21
N ILE B 132 -22.46 -15.13 -14.11
CA ILE B 132 -23.24 -13.90 -13.92
C ILE B 132 -24.33 -14.07 -12.87
N GLY B 133 -24.73 -15.30 -12.55
CA GLY B 133 -25.72 -15.49 -11.50
C GLY B 133 -25.25 -14.95 -10.17
N ASP B 134 -23.98 -15.10 -9.88
CA ASP B 134 -23.35 -14.49 -8.71
C ASP B 134 -22.72 -13.20 -9.18
N ALA B 135 -23.46 -12.10 -9.04
CA ALA B 135 -23.01 -10.80 -9.52
C ALA B 135 -23.05 -9.80 -8.39
N LEU B 136 -22.00 -9.01 -8.27
CA LEU B 136 -21.94 -8.01 -7.21
C LEU B 136 -22.14 -6.63 -7.80
N PRO B 137 -23.31 -6.01 -7.63
CA PRO B 137 -23.50 -4.65 -8.14
C PRO B 137 -22.51 -3.67 -7.54
N PHE B 138 -22.45 -2.50 -8.14
CA PHE B 138 -21.48 -1.48 -7.75
C PHE B 138 -22.10 -0.21 -7.20
N THR B 139 -23.40 0.00 -7.40
CA THR B 139 -24.07 1.19 -6.89
C THR B 139 -23.37 2.46 -7.35
N GLY B 140 -23.12 2.54 -8.66
CA GLY B 140 -22.46 3.69 -9.23
C GLY B 140 -21.91 3.36 -10.60
N PRO B 141 -21.58 4.39 -11.38
CA PRO B 141 -21.09 4.14 -12.73
C PRO B 141 -19.81 3.31 -12.75
N PHE B 142 -19.05 3.30 -11.67
CA PHE B 142 -17.86 2.49 -11.57
C PHE B 142 -17.79 1.90 -10.18
N ALA B 143 -16.66 1.31 -9.83
CA ALA B 143 -16.47 0.70 -8.53
C ALA B 143 -15.42 1.47 -7.74
N THR B 144 -15.65 1.59 -6.44
CA THR B 144 -14.71 2.22 -5.55
C THR B 144 -13.66 1.20 -5.12
N PHE B 145 -12.77 1.61 -4.22
CA PHE B 145 -11.79 0.66 -3.72
C PHE B 145 -12.40 -0.35 -2.78
N GLU B 146 -13.61 -0.12 -2.29
CA GLU B 146 -14.23 -1.09 -1.41
C GLU B 146 -14.62 -2.34 -2.17
N GLU B 147 -15.53 -2.20 -3.13
CA GLU B 147 -15.96 -3.37 -3.88
C GLU B 147 -14.81 -4.01 -4.62
N LEU B 148 -13.82 -3.22 -5.02
CA LEU B 148 -12.72 -3.76 -5.80
C LEU B 148 -11.87 -4.72 -4.99
N VAL B 149 -11.97 -4.64 -3.66
CA VAL B 149 -11.42 -5.69 -2.80
C VAL B 149 -12.50 -6.61 -2.30
N ASP B 150 -13.76 -6.21 -2.40
CA ASP B 150 -14.84 -7.10 -2.01
C ASP B 150 -14.90 -8.31 -2.92
N LEU B 151 -14.60 -8.13 -4.20
CA LEU B 151 -14.48 -9.29 -5.09
C LEU B 151 -13.45 -10.28 -4.56
N GLU B 152 -12.30 -9.77 -4.13
CA GLU B 152 -11.24 -10.65 -3.68
C GLU B 152 -11.70 -11.50 -2.50
N THR B 153 -12.34 -10.90 -1.51
CA THR B 153 -12.81 -11.69 -0.39
C THR B 153 -13.96 -12.61 -0.77
N ALA B 154 -14.78 -12.21 -1.74
CA ALA B 154 -15.82 -13.12 -2.21
C ALA B 154 -15.25 -14.29 -2.99
N VAL B 155 -14.00 -14.20 -3.42
CA VAL B 155 -13.34 -15.37 -3.99
C VAL B 155 -12.60 -16.16 -2.92
N ALA B 156 -11.81 -15.49 -2.10
CA ALA B 156 -10.97 -16.19 -1.13
C ALA B 156 -11.78 -16.82 -0.01
N SER B 157 -13.06 -16.50 0.12
CA SER B 157 -13.84 -17.12 1.17
C SER B 157 -14.10 -18.59 0.89
N ALA B 158 -14.13 -18.98 -0.39
CA ALA B 158 -14.35 -20.36 -0.77
C ALA B 158 -13.05 -21.13 -0.95
N ASN B 159 -11.98 -20.68 -0.33
CA ASN B 159 -10.68 -21.35 -0.35
C ASN B 159 -10.11 -21.50 -1.75
N ALA B 160 -10.73 -20.87 -2.73
CA ALA B 160 -10.38 -21.08 -4.13
C ALA B 160 -9.32 -20.12 -4.61
N ASP B 161 -8.51 -19.55 -3.73
CA ASP B 161 -7.55 -18.52 -4.11
C ASP B 161 -6.16 -19.11 -4.28
N VAL B 162 -5.51 -18.76 -5.38
CA VAL B 162 -4.13 -19.08 -5.62
C VAL B 162 -3.36 -17.77 -5.60
N ASP B 163 -2.08 -17.84 -5.23
CA ASP B 163 -1.28 -16.64 -5.06
C ASP B 163 -1.29 -15.74 -6.29
N SER B 164 -1.40 -16.32 -7.48
CA SER B 164 -1.29 -15.56 -8.73
C SER B 164 -2.65 -15.52 -9.42
N MET B 165 -3.47 -14.55 -9.06
CA MET B 165 -4.71 -14.26 -9.75
C MET B 165 -4.54 -12.96 -10.53
N ALA B 166 -5.64 -12.47 -11.10
CA ALA B 166 -5.52 -11.29 -11.94
C ALA B 166 -6.88 -10.63 -12.10
N TYR B 167 -6.84 -9.32 -12.32
CA TYR B 167 -8.03 -8.53 -12.61
C TYR B 167 -8.15 -8.33 -14.12
N ILE B 168 -9.37 -8.12 -14.58
CA ILE B 168 -9.63 -7.83 -15.98
C ILE B 168 -10.68 -6.74 -16.05
N TYR B 169 -10.35 -5.63 -16.69
CA TYR B 169 -11.31 -4.55 -16.83
C TYR B 169 -11.11 -3.84 -18.15
N ASN B 170 -12.18 -3.22 -18.61
CA ASN B 170 -12.19 -2.48 -19.86
C ASN B 170 -11.17 -1.35 -19.83
N ALA B 171 -10.68 -0.99 -21.02
CA ALA B 171 -9.68 0.06 -21.10
C ALA B 171 -10.23 1.43 -20.75
N ALA B 172 -11.52 1.65 -20.97
CA ALA B 172 -12.15 2.89 -20.53
C ALA B 172 -12.40 2.90 -19.03
N THR B 173 -12.03 1.84 -18.32
CA THR B 173 -12.13 1.78 -16.88
C THR B 173 -10.77 1.91 -16.21
N SER B 174 -9.67 1.60 -16.88
CA SER B 174 -8.36 1.84 -16.25
C SER B 174 -8.22 3.30 -15.84
N GLY B 175 -8.72 4.20 -16.69
CA GLY B 175 -8.61 5.63 -16.41
C GLY B 175 -9.31 6.09 -15.14
N HIS B 176 -10.49 5.54 -14.87
CA HIS B 176 -11.20 5.88 -13.66
C HIS B 176 -10.38 5.46 -12.44
N PHE B 177 -9.81 4.27 -12.50
CA PHE B 177 -9.01 3.78 -11.39
C PHE B 177 -7.82 4.70 -11.22
N LYS B 178 -7.23 5.15 -12.32
CA LYS B 178 -6.12 6.09 -12.26
C LYS B 178 -6.48 7.43 -11.61
N LYS B 179 -7.65 8.00 -11.92
CA LYS B 179 -7.97 9.34 -11.39
C LYS B 179 -8.59 9.36 -9.99
N THR B 180 -8.67 8.22 -9.31
CA THR B 180 -9.34 8.13 -8.03
C THR B 180 -8.40 7.56 -6.99
N LEU B 181 -8.44 8.14 -5.79
CA LEU B 181 -7.68 7.61 -4.67
C LEU B 181 -8.45 6.47 -4.02
N GLU B 182 -7.72 5.63 -3.29
CA GLU B 182 -8.37 4.54 -2.58
C GLU B 182 -9.16 5.06 -1.39
N PHE B 183 -8.53 5.85 -0.55
CA PHE B 183 -9.19 6.51 0.57
C PHE B 183 -9.09 8.02 0.36
N ALA B 184 -9.81 8.77 1.19
CA ALA B 184 -10.05 10.17 0.87
C ALA B 184 -8.77 11.00 0.96
N GLY B 185 -8.20 11.11 2.15
CA GLY B 185 -7.13 12.07 2.34
C GLY B 185 -5.75 11.52 2.04
N VAL B 186 -5.58 10.20 2.21
CA VAL B 186 -4.28 9.60 1.96
C VAL B 186 -3.93 9.73 0.48
N SER B 187 -2.63 9.71 0.19
CA SER B 187 -2.18 9.73 -1.18
C SER B 187 -2.45 8.38 -1.84
N GLY B 188 -2.00 8.24 -3.08
CA GLY B 188 -2.10 6.98 -3.78
C GLY B 188 -3.40 6.76 -4.50
N THR B 189 -3.33 6.18 -5.70
CA THR B 189 -4.50 5.90 -6.50
C THR B 189 -4.61 4.40 -6.74
N ILE B 190 -5.74 3.97 -7.29
CA ILE B 190 -6.02 2.55 -7.36
C ILE B 190 -5.11 1.87 -8.38
N GLU B 191 -5.28 2.21 -9.65
CA GLU B 191 -4.37 1.68 -10.66
C GLU B 191 -3.01 2.27 -10.36
N ARG B 192 -2.20 1.55 -9.58
CA ARG B 192 -0.92 2.10 -9.16
C ARG B 192 0.28 1.28 -9.58
N GLY B 193 0.99 1.75 -10.59
CA GLY B 193 2.22 1.08 -10.98
C GLY B 193 2.04 -0.27 -11.63
N GLY B 194 1.00 -0.44 -12.45
CA GLY B 194 0.78 -1.67 -13.14
C GLY B 194 0.01 -2.73 -12.38
N GLN B 195 -0.34 -2.47 -11.13
CA GLN B 195 -1.18 -3.37 -10.37
C GLN B 195 -2.31 -2.57 -9.73
N VAL B 196 -3.21 -3.27 -9.06
CA VAL B 196 -4.36 -2.65 -8.42
C VAL B 196 -4.41 -2.97 -6.93
N ASN B 197 -4.32 -4.24 -6.58
CA ASN B 197 -4.44 -4.63 -5.18
C ASN B 197 -3.40 -5.69 -4.85
N GLY B 198 -2.18 -5.49 -5.32
CA GLY B 198 -1.17 -6.51 -5.24
C GLY B 198 -1.27 -7.56 -6.32
N TYR B 199 -2.36 -7.58 -7.08
CA TYR B 199 -2.51 -8.49 -8.20
C TYR B 199 -2.39 -7.74 -9.51
N ASN B 200 -2.19 -8.50 -10.58
CA ASN B 200 -2.00 -7.89 -11.89
C ASN B 200 -3.32 -7.57 -12.55
N ARG B 201 -3.29 -6.57 -13.40
CA ARG B 201 -4.40 -6.28 -14.30
C ARG B 201 -3.96 -6.54 -15.72
N VAL B 202 -4.92 -6.57 -16.64
CA VAL B 202 -4.66 -6.84 -18.04
C VAL B 202 -5.05 -5.68 -18.94
N LYS B 203 -6.17 -5.02 -18.65
CA LYS B 203 -6.59 -3.84 -19.39
C LYS B 203 -6.73 -4.15 -20.88
N SER B 204 -7.71 -4.98 -21.18
CA SER B 204 -8.06 -5.27 -22.56
C SER B 204 -9.34 -4.54 -22.94
N ASN B 205 -9.67 -4.61 -24.22
CA ASN B 205 -10.89 -3.99 -24.72
C ASN B 205 -11.96 -5.01 -25.05
N GLN B 206 -11.68 -6.30 -24.87
CA GLN B 206 -12.71 -7.30 -25.12
C GLN B 206 -13.95 -7.03 -24.31
N ILE B 207 -13.79 -6.63 -23.05
CA ILE B 207 -14.94 -6.29 -22.21
C ILE B 207 -15.57 -5.04 -22.80
N THR B 208 -16.74 -5.19 -23.41
CA THR B 208 -17.33 -4.08 -24.14
C THR B 208 -17.88 -3.02 -23.20
N THR B 209 -18.48 -3.43 -22.09
CA THR B 209 -19.18 -2.47 -21.25
C THR B 209 -18.21 -1.55 -20.53
N ALA B 210 -18.75 -0.53 -19.87
CA ALA B 210 -17.90 0.51 -19.31
C ALA B 210 -17.20 0.02 -18.05
N GLY B 211 -17.95 -0.29 -17.01
CA GLY B 211 -17.34 -0.52 -15.72
C GLY B 211 -17.35 -1.96 -15.25
N GLU B 212 -17.53 -2.90 -16.17
CA GLU B 212 -17.51 -4.31 -15.81
C GLU B 212 -16.08 -4.71 -15.53
N VAL B 213 -15.83 -5.28 -14.35
CA VAL B 213 -14.53 -5.83 -14.01
C VAL B 213 -14.74 -7.28 -13.60
N ALA B 214 -13.67 -8.06 -13.70
CA ALA B 214 -13.76 -9.49 -13.42
C ALA B 214 -12.46 -9.92 -12.76
N PHE B 215 -12.58 -10.65 -11.66
CA PHE B 215 -11.42 -11.08 -10.91
C PHE B 215 -11.56 -12.56 -10.59
N GLY B 216 -10.45 -13.27 -10.57
CA GLY B 216 -10.47 -14.66 -10.19
C GLY B 216 -9.26 -15.39 -10.72
N ASN B 217 -9.11 -16.62 -10.24
CA ASN B 217 -7.99 -17.46 -10.63
C ASN B 217 -8.22 -17.92 -12.06
N TRP B 218 -7.44 -17.38 -12.99
CA TRP B 218 -7.66 -17.60 -14.41
C TRP B 218 -7.02 -18.88 -14.92
N SER B 219 -6.71 -19.81 -14.04
CA SER B 219 -6.31 -21.14 -14.46
C SER B 219 -7.39 -22.17 -14.18
N ASP B 220 -8.61 -21.72 -13.91
CA ASP B 220 -9.69 -22.62 -13.58
C ASP B 220 -10.72 -22.74 -14.70
N VAL B 221 -10.46 -22.14 -15.85
CA VAL B 221 -11.31 -22.33 -17.01
C VAL B 221 -10.56 -23.19 -18.00
N VAL B 222 -11.31 -23.92 -18.81
CA VAL B 222 -10.75 -24.74 -19.87
C VAL B 222 -11.51 -24.47 -21.15
N ILE B 223 -10.78 -24.33 -22.24
CA ILE B 223 -11.36 -24.22 -23.57
C ILE B 223 -10.98 -25.46 -24.35
N GLY B 224 -11.98 -26.12 -24.92
CA GLY B 224 -11.71 -27.36 -25.62
C GLY B 224 -11.74 -27.18 -27.12
N MET B 225 -10.57 -27.14 -27.74
CA MET B 225 -10.47 -27.00 -29.18
C MET B 225 -10.50 -28.39 -29.80
N TRP B 226 -11.60 -28.71 -30.48
CA TRP B 226 -11.70 -30.00 -31.14
C TRP B 226 -10.83 -30.08 -32.37
N SER B 227 -10.43 -28.95 -32.92
CA SER B 227 -9.55 -28.93 -34.08
C SER B 227 -8.85 -27.60 -34.17
N GLY B 228 -7.59 -27.62 -34.59
CA GLY B 228 -6.82 -26.41 -34.74
C GLY B 228 -7.37 -25.52 -35.82
N LEU B 229 -6.66 -24.42 -36.04
CA LEU B 229 -7.05 -23.48 -37.10
C LEU B 229 -6.64 -24.03 -38.45
N ASP B 230 -7.54 -24.75 -39.11
CA ASP B 230 -7.26 -25.34 -40.41
C ASP B 230 -7.64 -24.36 -41.51
N LEU B 231 -6.83 -24.32 -42.55
CA LEU B 231 -6.99 -23.38 -43.65
C LEU B 231 -7.32 -24.12 -44.93
N ARG B 232 -8.40 -23.71 -45.58
CA ARG B 232 -8.81 -24.29 -46.84
C ARG B 232 -8.68 -23.24 -47.95
N VAL B 233 -8.16 -23.65 -49.10
CA VAL B 233 -7.97 -22.72 -50.20
C VAL B 233 -9.19 -22.67 -51.11
N ASP B 234 -9.82 -23.82 -51.36
CA ASP B 234 -11.13 -23.87 -52.00
C ASP B 234 -11.10 -23.19 -53.37
N THR B 235 -10.32 -23.77 -54.27
CA THR B 235 -10.22 -23.20 -55.61
C THR B 235 -11.42 -23.50 -56.49
N SER B 236 -12.19 -24.53 -56.15
CA SER B 236 -13.19 -25.04 -57.08
C SER B 236 -14.50 -24.26 -57.06
N THR B 237 -14.77 -23.48 -56.02
CA THR B 237 -16.07 -22.83 -55.92
C THR B 237 -16.24 -21.77 -57.00
N LYS B 238 -15.15 -21.16 -57.44
CA LYS B 238 -15.23 -20.14 -58.46
C LYS B 238 -14.21 -20.38 -59.56
N ALA B 239 -14.14 -21.61 -60.06
CA ALA B 239 -13.26 -21.90 -61.18
C ALA B 239 -13.86 -21.51 -62.51
N ALA B 240 -15.11 -21.03 -62.55
CA ALA B 240 -15.68 -20.55 -63.79
C ALA B 240 -15.02 -19.26 -64.25
N SER B 241 -14.32 -18.56 -63.35
CA SER B 241 -13.51 -17.41 -63.72
C SER B 241 -12.21 -17.40 -62.93
N ASP B 242 -11.80 -18.55 -62.41
CA ASP B 242 -10.55 -18.69 -61.69
C ASP B 242 -10.49 -17.76 -60.48
N GLY B 243 -11.38 -18.00 -59.54
CA GLY B 243 -11.39 -17.21 -58.32
C GLY B 243 -11.28 -18.05 -57.07
N LYS B 244 -10.24 -17.83 -56.28
CA LYS B 244 -10.08 -18.54 -55.02
C LYS B 244 -11.00 -17.93 -53.97
N VAL B 245 -11.29 -18.72 -52.94
CA VAL B 245 -12.03 -18.24 -51.77
C VAL B 245 -11.40 -18.88 -50.55
N LEU B 246 -10.75 -18.08 -49.72
CA LEU B 246 -10.10 -18.58 -48.53
C LEU B 246 -11.09 -18.61 -47.39
N ARG B 247 -11.08 -19.72 -46.64
CA ARG B 247 -11.99 -19.88 -45.52
C ARG B 247 -11.27 -20.64 -44.42
N VAL B 248 -11.61 -20.34 -43.18
CA VAL B 248 -11.04 -20.98 -42.00
C VAL B 248 -12.16 -21.34 -41.06
N PHE B 249 -12.20 -22.59 -40.61
CA PHE B 249 -13.18 -23.05 -39.65
C PHE B 249 -12.50 -23.44 -38.35
N THR B 250 -13.29 -23.49 -37.29
CA THR B 250 -12.85 -24.03 -36.00
C THR B 250 -14.06 -24.12 -35.08
N ASP B 251 -14.10 -25.17 -34.27
CA ASP B 251 -15.20 -25.42 -33.34
C ASP B 251 -14.62 -25.69 -31.96
N ILE B 252 -15.05 -24.91 -30.98
CA ILE B 252 -14.53 -25.00 -29.63
C ILE B 252 -15.69 -24.90 -28.64
N ASP B 253 -15.35 -25.02 -27.37
CA ASP B 253 -16.26 -24.67 -26.28
C ASP B 253 -15.44 -24.43 -25.04
N VAL B 254 -16.04 -23.72 -24.09
CA VAL B 254 -15.36 -23.26 -22.89
C VAL B 254 -16.18 -23.64 -21.67
N ALA B 255 -15.48 -24.01 -20.60
CA ALA B 255 -16.11 -24.26 -19.32
C ALA B 255 -15.07 -24.09 -18.25
N LEU B 256 -15.53 -23.88 -17.02
CA LEU B 256 -14.65 -23.71 -15.88
C LEU B 256 -14.97 -24.77 -14.83
N ARG B 257 -13.94 -25.16 -14.07
CA ARG B 257 -14.12 -26.27 -13.15
C ARG B 257 -14.95 -25.86 -11.95
N ASN B 258 -14.46 -24.92 -11.15
CA ASN B 258 -15.13 -24.51 -9.93
C ASN B 258 -15.77 -23.14 -10.12
N VAL B 259 -17.09 -23.09 -10.01
CA VAL B 259 -17.81 -21.86 -10.30
C VAL B 259 -17.32 -20.71 -9.43
N GLU B 260 -16.92 -21.02 -8.19
CA GLU B 260 -16.47 -19.98 -7.27
C GLU B 260 -14.98 -19.71 -7.44
N SER B 261 -14.61 -19.36 -8.66
CA SER B 261 -13.26 -18.94 -8.96
C SER B 261 -13.21 -17.68 -9.80
N ILE B 262 -14.36 -17.15 -10.19
CA ILE B 262 -14.46 -15.92 -10.97
C ILE B 262 -15.53 -15.07 -10.34
N LYS B 263 -15.38 -13.75 -10.43
CA LYS B 263 -16.41 -12.83 -9.97
C LYS B 263 -16.60 -11.72 -10.99
N TRP B 264 -17.86 -11.34 -11.20
CA TRP B 264 -18.19 -10.34 -12.20
C TRP B 264 -18.61 -9.04 -11.54
N GLY B 265 -18.27 -7.93 -12.20
CA GLY B 265 -18.47 -6.61 -11.65
C GLY B 265 -19.82 -6.00 -11.89
N VAL B 266 -20.26 -5.99 -13.15
CA VAL B 266 -21.59 -5.54 -13.58
C VAL B 266 -22.00 -4.29 -12.83
N PRO B 267 -21.41 -3.14 -13.14
CA PRO B 267 -21.78 -1.91 -12.43
C PRO B 267 -23.22 -1.55 -12.68
N ALA B 268 -23.85 -1.01 -11.65
CA ALA B 268 -25.23 -0.56 -11.77
C ALA B 268 -25.26 0.96 -11.78
N GLY C 1 -26.20 -37.18 -43.07
CA GLY C 1 -25.40 -37.51 -41.90
C GLY C 1 -25.44 -36.45 -40.84
N GLY C 2 -26.61 -35.84 -40.65
CA GLY C 2 -26.75 -34.81 -39.63
C GLY C 2 -26.48 -35.37 -38.25
N VAL C 3 -25.94 -34.52 -37.38
CA VAL C 3 -25.50 -34.96 -36.06
C VAL C 3 -26.64 -35.11 -35.06
N LEU C 4 -27.89 -34.95 -35.49
CA LEU C 4 -28.98 -34.87 -34.51
C LEU C 4 -29.39 -36.23 -34.01
N VAL C 5 -29.98 -37.07 -34.87
CA VAL C 5 -30.55 -38.34 -34.42
C VAL C 5 -30.05 -39.49 -35.29
N ALA C 6 -29.46 -39.17 -36.43
CA ALA C 6 -28.98 -40.19 -37.35
C ALA C 6 -27.47 -40.35 -37.31
N GLN C 7 -26.75 -39.54 -36.52
CA GLN C 7 -25.32 -39.66 -36.34
C GLN C 7 -25.02 -39.55 -34.84
N ASP C 8 -25.75 -40.34 -34.06
CA ASP C 8 -25.58 -40.31 -32.61
C ASP C 8 -24.41 -41.19 -32.20
N TYR C 9 -23.35 -41.20 -32.99
CA TYR C 9 -22.15 -41.92 -32.59
C TYR C 9 -21.45 -41.20 -31.44
N ARG C 10 -21.53 -39.88 -31.43
CA ARG C 10 -20.90 -39.09 -30.37
C ARG C 10 -21.27 -39.60 -28.98
N ALA C 11 -20.29 -40.12 -28.25
CA ALA C 11 -20.58 -40.54 -26.89
C ALA C 11 -19.69 -39.72 -25.96
N GLY C 12 -19.62 -40.11 -24.70
CA GLY C 12 -18.77 -39.39 -23.76
C GLY C 12 -17.33 -39.86 -23.77
N SER C 13 -16.39 -38.91 -23.71
CA SER C 13 -14.98 -39.25 -23.73
C SER C 13 -14.47 -39.56 -22.33
N PHE C 14 -14.94 -38.81 -21.34
CA PHE C 14 -14.66 -39.07 -19.92
C PHE C 14 -13.15 -39.03 -19.64
N ILE C 15 -12.59 -37.84 -19.83
CA ILE C 15 -11.21 -37.61 -19.44
C ILE C 15 -11.12 -37.62 -17.93
N GLU C 16 -10.14 -38.37 -17.40
CA GLU C 16 -10.03 -38.62 -15.96
C GLU C 16 -9.03 -37.64 -15.34
N LEU C 17 -9.41 -36.35 -15.37
CA LEU C 17 -8.70 -35.31 -14.65
C LEU C 17 -9.67 -34.72 -13.63
N LEU C 18 -9.74 -35.35 -12.46
CA LEU C 18 -10.79 -35.04 -11.51
C LEU C 18 -10.64 -33.63 -10.95
N ARG C 19 -11.76 -32.93 -10.89
CA ARG C 19 -11.86 -31.64 -10.20
C ARG C 19 -12.10 -31.93 -8.73
N ASN C 20 -11.06 -31.77 -7.92
CA ASN C 20 -11.13 -32.15 -6.52
C ASN C 20 -11.76 -31.04 -5.69
N ARG C 21 -12.11 -31.39 -4.45
CA ARG C 21 -12.78 -30.48 -3.54
C ARG C 21 -11.84 -29.37 -3.10
N MET C 22 -12.42 -28.26 -2.65
CA MET C 22 -11.68 -27.17 -2.05
C MET C 22 -11.60 -27.38 -0.55
N ALA C 23 -10.39 -27.33 -0.01
CA ALA C 23 -10.16 -27.61 1.40
C ALA C 23 -9.60 -26.38 2.10
N LEU C 24 -9.68 -26.39 3.41
CA LEU C 24 -9.24 -25.24 4.20
C LEU C 24 -7.73 -25.29 4.45
N ALA C 25 -7.27 -24.47 5.38
CA ALA C 25 -5.87 -24.47 5.77
C ALA C 25 -5.73 -24.93 7.23
N GLY C 26 -4.49 -24.93 7.71
CA GLY C 26 -4.21 -25.41 9.05
C GLY C 26 -3.49 -24.44 9.97
N VAL C 27 -2.55 -24.96 10.78
CA VAL C 27 -1.76 -24.17 11.71
C VAL C 27 -0.33 -24.71 11.72
N GLY C 28 0.61 -23.83 12.05
CA GLY C 28 2.01 -24.19 12.01
C GLY C 28 2.89 -23.63 13.11
N VAL C 29 2.36 -23.42 14.32
CA VAL C 29 3.11 -22.73 15.37
C VAL C 29 3.21 -23.57 16.64
N ARG C 30 2.25 -24.47 16.86
CA ARG C 30 2.10 -25.16 18.13
C ARG C 30 3.15 -26.26 18.29
N ILE C 31 3.03 -27.06 19.36
CA ILE C 31 3.95 -28.16 19.63
C ILE C 31 3.14 -29.42 19.93
N LEU C 32 3.78 -30.57 19.77
CA LEU C 32 3.11 -31.86 19.87
C LEU C 32 4.11 -32.93 20.29
N GLN C 33 3.65 -34.18 20.31
CA GLN C 33 4.44 -35.29 20.80
C GLN C 33 3.73 -36.60 20.51
N GLY C 34 4.50 -37.69 20.54
CA GLY C 34 3.95 -39.04 20.41
C GLY C 34 4.33 -39.91 21.59
N LEU C 35 3.35 -40.54 22.23
CA LEU C 35 3.58 -41.12 23.56
C LEU C 35 2.61 -42.27 23.79
N THR C 36 2.57 -42.75 25.04
CA THR C 36 1.66 -43.80 25.48
C THR C 36 1.36 -43.63 26.95
N GLY C 37 0.23 -44.18 27.38
CA GLY C 37 -0.19 -44.03 28.76
C GLY C 37 -0.61 -42.62 29.09
N ASN C 38 -1.30 -42.42 30.21
CA ASN C 38 -1.70 -41.08 30.60
C ASN C 38 -0.48 -40.22 30.85
N VAL C 39 -0.68 -38.91 30.82
CA VAL C 39 0.39 -37.94 30.99
C VAL C 39 -0.09 -36.81 31.89
N ASP C 40 0.81 -36.31 32.73
CA ASP C 40 0.51 -35.20 33.64
C ASP C 40 1.77 -34.37 33.85
N ILE C 41 1.60 -33.06 33.91
CA ILE C 41 2.70 -32.13 34.06
C ILE C 41 2.41 -31.26 35.28
N PRO C 42 3.38 -31.02 36.15
CA PRO C 42 3.12 -30.20 37.34
C PRO C 42 3.13 -28.72 37.03
N LYS C 43 2.25 -27.99 37.72
CA LYS C 43 2.06 -26.56 37.51
C LYS C 43 2.27 -25.83 38.83
N ARG C 44 2.87 -24.65 38.76
CA ARG C 44 3.22 -23.92 39.97
C ARG C 44 2.00 -23.30 40.64
N THR C 45 1.34 -22.38 39.93
CA THR C 45 0.06 -21.76 40.29
C THR C 45 0.03 -21.15 41.68
N GLY C 46 1.17 -21.04 42.35
CA GLY C 46 1.20 -20.49 43.68
C GLY C 46 2.60 -20.05 44.06
N ALA C 47 2.67 -18.96 44.80
CA ALA C 47 3.94 -18.39 45.23
C ALA C 47 3.81 -17.86 46.64
N SER C 48 4.95 -17.80 47.33
CA SER C 48 4.97 -17.30 48.70
C SER C 48 4.83 -15.79 48.71
N THR C 49 4.36 -15.27 49.83
CA THR C 49 4.12 -13.84 50.00
C THR C 49 5.18 -13.24 50.91
N MET C 50 5.37 -11.93 50.78
CA MET C 50 6.34 -11.21 51.58
C MET C 50 5.63 -10.44 52.68
N TYR C 51 6.21 -10.46 53.88
CA TYR C 51 5.66 -9.74 55.02
C TYR C 51 6.67 -8.71 55.52
N PHE C 52 6.18 -7.51 55.78
CA PHE C 52 6.97 -6.49 56.47
C PHE C 52 6.65 -6.59 57.94
N VAL C 53 7.71 -6.64 58.76
CA VAL C 53 7.54 -6.90 60.18
C VAL C 53 8.37 -5.90 60.98
N ASP C 54 7.89 -5.61 62.18
CA ASP C 54 8.61 -4.74 63.11
C ASP C 54 9.77 -5.52 63.71
N GLU C 55 10.46 -4.92 64.67
CA GLU C 55 11.60 -5.58 65.28
C GLU C 55 11.15 -6.49 66.41
N ASP C 56 11.80 -7.65 66.56
CA ASP C 56 11.43 -8.63 67.60
C ASP C 56 9.99 -9.14 67.43
N VAL C 57 9.43 -8.98 66.24
CA VAL C 57 8.09 -9.50 65.98
C VAL C 57 8.23 -10.60 64.93
N ASP C 58 7.64 -11.76 65.18
CA ASP C 58 7.80 -12.90 64.26
C ASP C 58 7.11 -12.78 62.90
N VAL C 59 7.70 -13.39 61.87
CA VAL C 59 7.05 -13.40 60.56
C VAL C 59 6.16 -14.63 60.52
N THR C 60 5.34 -14.77 59.46
CA THR C 60 4.42 -15.89 59.44
C THR C 60 4.86 -16.92 58.40
N GLU C 61 4.04 -17.94 58.21
CA GLU C 61 4.32 -18.99 57.24
C GLU C 61 3.39 -18.86 56.05
N SER C 62 3.98 -18.68 54.87
CA SER C 62 3.25 -18.67 53.62
C SER C 62 3.78 -19.78 52.75
N ASP C 63 2.88 -20.59 52.21
CA ASP C 63 3.24 -21.74 51.40
C ASP C 63 2.54 -21.66 50.06
N GLY C 64 3.23 -22.12 49.01
CA GLY C 64 2.67 -22.05 47.67
C GLY C 64 1.75 -23.21 47.38
N ALA C 65 0.75 -22.94 46.53
CA ALA C 65 -0.16 -23.97 46.09
C ALA C 65 0.45 -24.71 44.90
N PHE C 66 -0.25 -25.72 44.41
CA PHE C 66 0.25 -26.51 43.30
C PHE C 66 -0.93 -27.07 42.51
N GLY C 67 -0.60 -27.69 41.38
CA GLY C 67 -1.60 -28.27 40.50
C GLY C 67 -0.90 -28.90 39.32
N LEU C 68 -1.66 -29.69 38.58
CA LEU C 68 -1.07 -30.40 37.45
C LEU C 68 -2.10 -30.52 36.34
N VAL C 69 -1.61 -30.44 35.11
CA VAL C 69 -2.46 -30.56 33.92
C VAL C 69 -2.44 -32.00 33.46
N GLY C 70 -3.51 -32.42 32.80
CA GLY C 70 -3.63 -33.80 32.38
C GLY C 70 -4.25 -33.98 31.02
N MET C 71 -3.87 -35.04 30.32
CA MET C 71 -4.37 -35.32 28.97
C MET C 71 -4.71 -36.79 28.86
N THR C 72 -5.91 -37.08 28.35
CA THR C 72 -6.34 -38.44 28.15
C THR C 72 -6.83 -38.62 26.71
N PRO C 73 -6.51 -39.74 26.07
CA PRO C 73 -6.81 -39.88 24.65
C PRO C 73 -8.31 -39.99 24.40
N HIS C 74 -8.83 -39.09 23.57
CA HIS C 74 -10.16 -39.20 23.02
C HIS C 74 -10.04 -39.62 21.57
N THR C 75 -10.66 -40.75 21.21
CA THR C 75 -10.53 -41.28 19.85
C THR C 75 -11.49 -40.65 18.88
N ALA C 76 -11.09 -40.57 17.62
CA ALA C 76 -11.89 -39.96 16.58
C ALA C 76 -11.81 -40.94 15.45
N GLY C 77 -12.70 -40.84 14.48
CA GLY C 77 -12.58 -41.71 13.33
C GLY C 77 -13.64 -41.50 12.27
N VAL C 78 -13.25 -41.56 10.99
CA VAL C 78 -14.23 -41.47 9.92
C VAL C 78 -14.27 -42.82 9.18
N ALA C 79 -15.45 -43.21 8.71
CA ALA C 79 -15.63 -44.48 8.03
C ALA C 79 -16.64 -44.32 6.91
N THR C 80 -16.41 -45.05 5.83
CA THR C 80 -17.25 -44.95 4.64
C THR C 80 -17.41 -46.31 4.01
N ALA C 81 -18.39 -46.42 3.11
CA ALA C 81 -18.78 -47.67 2.50
C ALA C 81 -18.66 -47.60 0.99
N ILE C 82 -18.45 -48.77 0.37
CA ILE C 82 -18.34 -48.90 -1.07
C ILE C 82 -19.03 -50.20 -1.47
N THR C 83 -20.12 -50.10 -2.22
CA THR C 83 -20.83 -51.29 -2.63
C THR C 83 -20.01 -52.04 -3.69
N ARG C 84 -20.48 -53.23 -4.07
CA ARG C 84 -19.79 -54.03 -5.09
C ARG C 84 -19.75 -53.36 -6.46
N ARG C 85 -20.90 -52.85 -6.91
CA ARG C 85 -20.97 -52.24 -8.24
C ARG C 85 -20.07 -51.02 -8.39
N MET C 86 -20.01 -50.19 -7.35
CA MET C 86 -19.12 -49.03 -7.39
C MET C 86 -17.69 -49.48 -7.51
N MET C 87 -17.33 -50.54 -6.77
CA MET C 87 -15.98 -51.07 -6.84
C MET C 87 -15.72 -51.63 -8.23
N GLN C 88 -16.73 -52.30 -8.79
CA GLN C 88 -16.59 -52.89 -10.12
C GLN C 88 -16.34 -51.84 -11.20
N GLN C 89 -17.04 -50.71 -11.11
CA GLN C 89 -16.92 -49.70 -12.16
C GLN C 89 -16.62 -48.30 -11.65
N GLY C 90 -15.39 -48.05 -11.21
CA GLY C 90 -15.01 -46.70 -10.80
C GLY C 90 -13.96 -46.20 -11.76
N SER C 91 -14.22 -45.07 -12.43
CA SER C 91 -13.29 -44.57 -13.44
C SER C 91 -11.91 -44.11 -12.97
N PRO C 92 -11.83 -43.35 -11.86
CA PRO C 92 -10.49 -43.03 -11.35
C PRO C 92 -10.18 -44.07 -10.32
N ASP C 93 -11.07 -45.07 -10.15
CA ASP C 93 -10.94 -46.15 -9.17
C ASP C 93 -11.60 -45.69 -7.89
N ILE C 94 -12.12 -46.63 -7.13
CA ILE C 94 -12.80 -46.27 -5.89
C ILE C 94 -11.94 -46.72 -4.71
N GLU C 95 -10.94 -47.54 -5.00
CA GLU C 95 -10.09 -48.04 -3.94
C GLU C 95 -9.01 -47.02 -3.59
N ALA C 96 -8.82 -46.04 -4.46
CA ALA C 96 -7.77 -45.06 -4.23
C ALA C 96 -8.31 -43.65 -4.16
N LEU C 97 -9.43 -43.39 -4.82
CA LEU C 97 -10.07 -42.08 -4.72
C LEU C 97 -10.57 -41.83 -3.31
N VAL C 98 -11.28 -42.80 -2.72
CA VAL C 98 -11.79 -42.61 -1.38
C VAL C 98 -10.70 -42.70 -0.33
N ARG C 99 -9.62 -43.42 -0.62
CA ARG C 99 -8.58 -43.64 0.38
C ARG C 99 -7.99 -42.34 0.88
N ASP C 100 -7.34 -41.58 0.00
CA ASP C 100 -6.74 -40.33 0.41
C ASP C 100 -7.78 -39.28 0.79
N ASP C 101 -8.99 -39.38 0.22
CA ASP C 101 -10.06 -38.49 0.64
C ASP C 101 -10.33 -38.60 2.13
N LEU C 102 -10.39 -39.83 2.65
CA LEU C 102 -10.60 -40.00 4.09
C LEU C 102 -9.49 -39.32 4.89
N LEU C 103 -8.23 -39.52 4.52
CA LEU C 103 -7.13 -38.95 5.29
C LEU C 103 -7.17 -37.43 5.26
N THR C 104 -7.41 -36.85 4.08
CA THR C 104 -7.45 -35.40 4.00
C THR C 104 -8.67 -34.82 4.67
N SER C 105 -9.75 -35.59 4.80
CA SER C 105 -10.91 -35.09 5.53
C SER C 105 -10.78 -35.29 7.03
N LEU C 106 -9.90 -36.17 7.47
CA LEU C 106 -9.67 -36.35 8.90
C LEU C 106 -8.58 -35.45 9.47
N THR C 107 -7.49 -35.23 8.74
CA THR C 107 -6.45 -34.35 9.24
C THR C 107 -6.99 -32.96 9.50
N LEU C 108 -7.75 -32.41 8.54
CA LEU C 108 -8.35 -31.11 8.73
C LEU C 108 -9.39 -31.11 9.83
N GLY C 109 -10.14 -32.20 10.00
CA GLY C 109 -11.08 -32.26 11.10
C GLY C 109 -10.39 -32.18 12.45
N LEU C 110 -9.28 -32.90 12.61
CA LEU C 110 -8.50 -32.80 13.84
C LEU C 110 -7.95 -31.40 14.03
N ASP C 111 -7.38 -30.82 12.98
CA ASP C 111 -6.83 -29.48 13.12
C ASP C 111 -7.90 -28.46 13.49
N LYS C 112 -9.11 -28.64 12.97
CA LYS C 112 -10.18 -27.72 13.33
C LYS C 112 -10.62 -27.92 14.76
N THR C 113 -10.89 -29.17 15.16
CA THR C 113 -11.39 -29.40 16.51
C THR C 113 -10.34 -29.08 17.56
N ALA C 114 -9.05 -29.07 17.21
CA ALA C 114 -8.06 -28.62 18.18
C ALA C 114 -8.14 -27.13 18.40
N LEU C 115 -8.47 -26.37 17.36
CA LEU C 115 -8.57 -24.92 17.49
C LEU C 115 -9.92 -24.52 18.07
N VAL C 116 -11.00 -24.81 17.37
CA VAL C 116 -12.34 -24.57 17.86
C VAL C 116 -12.89 -25.87 18.42
N GLY C 117 -13.52 -25.79 19.59
CA GLY C 117 -14.05 -26.99 20.22
C GLY C 117 -15.14 -27.60 19.36
N HIS C 118 -14.98 -28.89 19.04
CA HIS C 118 -16.03 -29.59 18.32
C HIS C 118 -17.27 -29.71 19.18
N SER C 119 -18.41 -29.33 18.62
CA SER C 119 -19.67 -29.37 19.36
C SER C 119 -20.18 -30.80 19.38
N SER C 120 -19.63 -31.58 20.32
CA SER C 120 -20.07 -32.95 20.53
C SER C 120 -19.49 -33.42 21.86
N PRO C 121 -20.25 -34.17 22.67
CA PRO C 121 -19.68 -34.74 23.89
C PRO C 121 -18.65 -35.79 23.53
N SER C 122 -17.89 -36.19 24.56
CA SER C 122 -16.79 -37.15 24.40
C SER C 122 -15.83 -36.69 23.31
N ALA C 123 -15.67 -35.38 23.19
CA ALA C 123 -14.72 -34.78 22.26
C ALA C 123 -13.84 -33.81 23.01
N PRO C 124 -12.55 -33.77 22.68
CA PRO C 124 -11.63 -32.90 23.41
C PRO C 124 -12.02 -31.45 23.24
N ASN C 125 -12.27 -30.77 24.35
CA ASN C 125 -12.64 -29.37 24.30
C ASN C 125 -11.52 -28.55 23.68
N GLY C 126 -11.83 -27.83 22.62
CA GLY C 126 -10.84 -27.07 21.90
C GLY C 126 -10.39 -25.83 22.65
N VAL C 127 -9.43 -25.14 22.06
CA VAL C 127 -8.90 -23.93 22.68
C VAL C 127 -10.00 -22.91 22.89
N ARG C 128 -10.87 -22.73 21.91
CA ARG C 128 -11.95 -21.75 22.05
C ARG C 128 -12.85 -22.07 23.24
N ASP C 129 -12.90 -23.33 23.66
CA ASP C 129 -13.72 -23.67 24.82
C ASP C 129 -13.02 -23.37 26.13
N LEU C 130 -11.70 -23.41 26.17
CA LEU C 130 -10.96 -23.19 27.40
C LEU C 130 -10.73 -21.71 27.71
N VAL C 131 -11.06 -20.82 26.79
CA VAL C 131 -10.75 -19.40 26.95
C VAL C 131 -11.93 -18.49 26.66
N ILE C 132 -13.07 -19.05 26.22
CA ILE C 132 -14.23 -18.21 25.93
C ILE C 132 -14.82 -17.57 27.17
N GLY C 133 -14.41 -18.01 28.36
CA GLY C 133 -14.93 -17.42 29.58
C GLY C 133 -14.65 -15.94 29.73
N ASP C 134 -13.61 -15.44 29.07
CA ASP C 134 -13.24 -14.03 29.11
C ASP C 134 -13.24 -13.43 27.71
N ALA C 135 -14.27 -13.73 26.93
CA ALA C 135 -14.36 -13.21 25.58
C ALA C 135 -14.52 -11.70 25.59
N LEU C 136 -13.78 -11.03 24.72
CA LEU C 136 -13.85 -9.58 24.61
C LEU C 136 -14.76 -9.20 23.47
N PRO C 137 -15.85 -8.49 23.71
CA PRO C 137 -16.74 -8.07 22.62
C PRO C 137 -16.06 -7.03 21.73
N PHE C 138 -16.69 -6.77 20.59
CA PHE C 138 -16.16 -5.82 19.62
C PHE C 138 -17.11 -4.68 19.28
N THR C 139 -18.25 -4.57 19.96
CA THR C 139 -19.26 -3.54 19.73
C THR C 139 -19.44 -3.20 18.26
N GLY C 140 -19.46 -4.23 17.41
CA GLY C 140 -19.59 -4.03 15.98
C GLY C 140 -19.45 -5.33 15.21
N PRO C 141 -20.03 -5.37 14.01
CA PRO C 141 -19.92 -6.58 13.19
C PRO C 141 -18.49 -6.97 12.88
N PHE C 142 -17.54 -6.05 12.97
CA PHE C 142 -16.14 -6.38 12.83
C PHE C 142 -15.35 -5.72 13.95
N ALA C 143 -14.03 -5.78 13.88
CA ALA C 143 -13.17 -5.23 14.91
C ALA C 143 -12.39 -4.04 14.35
N THR C 144 -12.45 -2.93 15.07
CA THR C 144 -11.69 -1.75 14.68
C THR C 144 -10.22 -1.96 15.05
N PHE C 145 -9.37 -1.00 14.70
CA PHE C 145 -7.97 -1.13 15.06
C PHE C 145 -7.75 -1.00 16.57
N GLU C 146 -8.69 -0.40 17.29
CA GLU C 146 -8.52 -0.26 18.73
C GLU C 146 -8.54 -1.61 19.43
N GLU C 147 -9.50 -2.46 19.08
CA GLU C 147 -9.61 -3.74 19.74
C GLU C 147 -8.46 -4.68 19.42
N LEU C 148 -7.92 -4.61 18.21
CA LEU C 148 -6.78 -5.46 17.87
C LEU C 148 -5.58 -5.16 18.75
N VAL C 149 -5.52 -3.97 19.34
CA VAL C 149 -4.49 -3.71 20.34
C VAL C 149 -4.99 -4.05 21.74
N ASP C 150 -6.30 -3.98 21.96
CA ASP C 150 -6.84 -4.39 23.26
C ASP C 150 -6.52 -5.85 23.55
N LEU C 151 -6.69 -6.73 22.57
CA LEU C 151 -6.32 -8.12 22.75
C LEU C 151 -4.86 -8.27 23.15
N GLU C 152 -3.98 -7.49 22.53
CA GLU C 152 -2.56 -7.58 22.87
C GLU C 152 -2.30 -7.14 24.30
N THR C 153 -3.03 -6.13 24.79
CA THR C 153 -2.86 -5.71 26.17
C THR C 153 -3.36 -6.78 27.13
N ALA C 154 -4.55 -7.31 26.88
CA ALA C 154 -5.11 -8.33 27.76
C ALA C 154 -4.19 -9.54 27.89
N VAL C 155 -3.31 -9.76 26.92
CA VAL C 155 -2.32 -10.82 27.06
C VAL C 155 -1.08 -10.30 27.75
N ALA C 156 -0.64 -9.09 27.40
CA ALA C 156 0.52 -8.51 28.06
C ALA C 156 0.24 -8.07 29.48
N SER C 157 -1.03 -7.88 29.83
CA SER C 157 -1.36 -7.51 31.20
C SER C 157 -1.19 -8.66 32.16
N ALA C 158 -1.06 -9.89 31.65
CA ALA C 158 -0.85 -11.07 32.48
C ALA C 158 0.58 -11.57 32.41
N ASN C 159 1.52 -10.72 31.99
CA ASN C 159 2.95 -11.03 31.98
C ASN C 159 3.29 -12.19 31.08
N ALA C 160 2.41 -12.58 30.18
CA ALA C 160 2.62 -13.71 29.27
C ALA C 160 2.91 -13.17 27.89
N ASP C 161 4.18 -12.87 27.62
CA ASP C 161 4.59 -12.33 26.33
C ASP C 161 5.91 -12.96 25.93
N VAL C 162 5.99 -13.41 24.68
CA VAL C 162 7.20 -14.04 24.18
C VAL C 162 7.57 -13.39 22.86
N ASP C 163 6.92 -12.26 22.57
CA ASP C 163 7.18 -11.42 21.41
C ASP C 163 7.18 -12.18 20.09
N SER C 164 6.61 -13.39 20.08
CA SER C 164 6.37 -14.14 18.85
C SER C 164 4.97 -14.73 18.96
N MET C 165 3.98 -13.93 18.59
CA MET C 165 2.59 -14.33 18.66
C MET C 165 2.00 -14.27 17.26
N ALA C 166 0.69 -14.44 17.17
CA ALA C 166 0.04 -14.41 15.86
C ALA C 166 -1.45 -14.21 16.05
N TYR C 167 -2.05 -13.52 15.09
CA TYR C 167 -3.49 -13.37 15.03
C TYR C 167 -4.06 -14.47 14.14
N ILE C 168 -5.32 -14.80 14.34
CA ILE C 168 -6.00 -15.82 13.56
C ILE C 168 -7.40 -15.32 13.25
N TYR C 169 -7.79 -15.34 11.98
CA TYR C 169 -9.13 -14.97 11.59
C TYR C 169 -9.41 -15.56 10.22
N ASN C 170 -10.69 -15.65 9.87
CA ASN C 170 -11.09 -16.23 8.59
C ASN C 170 -10.79 -15.23 7.48
N ALA C 171 -11.20 -15.56 6.26
CA ALA C 171 -10.91 -14.68 5.14
C ALA C 171 -11.86 -13.49 5.10
N ALA C 172 -13.16 -13.73 5.30
CA ALA C 172 -14.12 -12.65 5.27
C ALA C 172 -13.80 -11.55 6.27
N THR C 173 -13.12 -11.89 7.36
CA THR C 173 -12.58 -10.84 8.22
C THR C 173 -11.36 -10.19 7.58
N SER C 174 -10.44 -11.01 7.05
CA SER C 174 -9.25 -10.45 6.42
C SER C 174 -9.59 -9.51 5.28
N GLY C 175 -10.76 -9.64 4.68
CA GLY C 175 -11.18 -8.66 3.69
C GLY C 175 -11.40 -7.30 4.31
N HIS C 176 -12.14 -7.25 5.41
CA HIS C 176 -12.41 -5.98 6.07
C HIS C 176 -11.14 -5.34 6.61
N PHE C 177 -10.20 -6.14 7.11
CA PHE C 177 -8.94 -5.60 7.59
C PHE C 177 -8.04 -5.15 6.45
N LYS C 178 -8.47 -5.34 5.20
CA LYS C 178 -7.65 -4.95 4.07
C LYS C 178 -8.07 -3.57 3.55
N LYS C 179 -9.35 -3.26 3.66
CA LYS C 179 -9.91 -2.04 3.09
C LYS C 179 -10.34 -1.04 4.16
N THR C 180 -9.78 -1.14 5.35
CA THR C 180 -10.09 -0.22 6.44
C THR C 180 -8.83 0.53 6.86
N LEU C 181 -8.95 1.84 7.00
CA LEU C 181 -7.81 2.64 7.40
C LEU C 181 -7.45 2.39 8.86
N GLU C 182 -6.15 2.46 9.14
CA GLU C 182 -5.70 2.26 10.52
C GLU C 182 -6.17 3.38 11.43
N PHE C 183 -6.02 4.62 10.99
CA PHE C 183 -6.42 5.77 11.77
C PHE C 183 -7.36 6.66 10.98
N ALA C 184 -7.60 7.87 11.46
CA ALA C 184 -8.50 8.79 10.77
C ALA C 184 -8.00 9.10 9.38
N GLY C 185 -6.82 9.72 9.27
CA GLY C 185 -6.35 10.18 7.98
C GLY C 185 -4.95 9.79 7.64
N VAL C 186 -4.33 8.92 8.45
CA VAL C 186 -2.97 8.49 8.21
C VAL C 186 -2.98 7.59 6.99
N SER C 187 -1.80 7.29 6.44
CA SER C 187 -1.74 6.57 5.18
C SER C 187 -2.07 5.09 5.35
N GLY C 188 -1.33 4.39 6.20
CA GLY C 188 -1.39 2.94 6.21
C GLY C 188 -2.75 2.39 6.59
N THR C 189 -2.93 1.10 6.29
CA THR C 189 -4.13 0.34 6.62
C THR C 189 -3.79 -0.70 7.68
N ILE C 190 -4.75 -1.54 8.01
CA ILE C 190 -4.57 -2.48 9.10
C ILE C 190 -3.66 -3.63 8.69
N GLU C 191 -4.07 -4.41 7.70
CA GLU C 191 -3.34 -5.62 7.33
C GLU C 191 -2.44 -5.35 6.14
N ARG C 192 -1.40 -4.57 6.38
CA ARG C 192 -0.41 -4.28 5.36
C ARG C 192 0.74 -5.28 5.45
N GLY C 193 1.37 -5.53 4.31
CA GLY C 193 2.42 -6.53 4.27
C GLY C 193 1.86 -7.88 4.64
N GLY C 194 2.48 -8.52 5.63
CA GLY C 194 1.97 -9.78 6.12
C GLY C 194 1.59 -9.69 7.58
N GLN C 195 1.93 -8.57 8.21
CA GLN C 195 1.69 -8.36 9.62
C GLN C 195 0.36 -7.64 9.82
N VAL C 196 0.00 -7.45 11.08
CA VAL C 196 -1.17 -6.66 11.43
C VAL C 196 -0.75 -5.54 12.38
N ASN C 197 -0.21 -5.93 13.53
CA ASN C 197 0.27 -5.00 14.53
C ASN C 197 1.70 -5.31 14.90
N GLY C 198 2.53 -5.53 13.89
CA GLY C 198 3.87 -6.03 14.10
C GLY C 198 3.96 -7.53 14.27
N TYR C 199 2.84 -8.20 14.45
CA TYR C 199 2.79 -9.66 14.59
C TYR C 199 2.16 -10.27 13.34
N ASN C 200 2.45 -11.55 13.13
CA ASN C 200 1.98 -12.22 11.94
C ASN C 200 0.50 -12.59 12.07
N ARG C 201 -0.09 -12.97 10.94
CA ARG C 201 -1.42 -13.53 10.90
C ARG C 201 -1.39 -14.77 10.03
N VAL C 202 -2.49 -15.52 10.03
CA VAL C 202 -2.49 -16.79 9.31
C VAL C 202 -3.63 -16.87 8.30
N LYS C 203 -4.72 -16.14 8.55
CA LYS C 203 -5.86 -16.07 7.63
C LYS C 203 -6.33 -17.48 7.24
N SER C 204 -6.82 -18.20 8.23
CA SER C 204 -7.33 -19.55 8.02
C SER C 204 -8.85 -19.56 8.15
N ASN C 205 -9.50 -20.33 7.29
CA ASN C 205 -10.95 -20.43 7.30
C ASN C 205 -11.47 -21.43 8.30
N GLN C 206 -10.63 -21.90 9.22
CA GLN C 206 -11.12 -22.83 10.23
C GLN C 206 -12.13 -22.17 11.14
N ILE C 207 -11.86 -20.93 11.54
CA ILE C 207 -12.81 -20.18 12.37
C ILE C 207 -13.99 -19.79 11.49
N THR C 208 -15.12 -20.47 11.67
CA THR C 208 -16.25 -20.31 10.78
C THR C 208 -16.94 -18.97 10.93
N THR C 209 -16.94 -18.39 12.12
CA THR C 209 -17.67 -17.15 12.35
C THR C 209 -17.02 -16.01 11.57
N ALA C 210 -17.81 -14.96 11.31
CA ALA C 210 -17.33 -13.89 10.42
C ALA C 210 -16.25 -13.06 11.08
N GLY C 211 -16.57 -12.39 12.18
CA GLY C 211 -15.65 -11.43 12.75
C GLY C 211 -14.92 -11.92 13.99
N GLU C 212 -14.84 -13.23 14.16
CA GLU C 212 -14.17 -13.80 15.32
C GLU C 212 -12.68 -13.86 15.07
N VAL C 213 -11.90 -13.30 15.99
CA VAL C 213 -10.45 -13.22 15.86
C VAL C 213 -9.82 -13.67 17.17
N ALA C 214 -8.69 -14.34 17.08
CA ALA C 214 -7.98 -14.86 18.24
C ALA C 214 -6.53 -14.42 18.21
N PHE C 215 -5.95 -14.26 19.38
CA PHE C 215 -4.58 -13.80 19.51
C PHE C 215 -3.95 -14.40 20.75
N GLY C 216 -2.64 -14.55 20.72
CA GLY C 216 -1.93 -14.99 21.90
C GLY C 216 -0.71 -15.82 21.52
N ASN C 217 0.06 -16.14 22.53
CA ASN C 217 1.25 -16.97 22.37
C ASN C 217 0.80 -18.40 22.12
N TRP C 218 0.88 -18.84 20.87
CA TRP C 218 0.46 -20.20 20.53
C TRP C 218 1.51 -21.24 20.88
N SER C 219 2.69 -20.82 21.37
CA SER C 219 3.74 -21.79 21.60
C SER C 219 3.41 -22.74 22.75
N ASP C 220 2.68 -22.26 23.75
CA ASP C 220 2.32 -23.11 24.88
C ASP C 220 0.92 -23.70 24.70
N VAL C 221 0.78 -24.47 23.63
CA VAL C 221 -0.41 -25.26 23.38
C VAL C 221 0.06 -26.65 22.98
N VAL C 222 -0.11 -27.62 23.87
CA VAL C 222 0.38 -28.97 23.65
C VAL C 222 -0.78 -29.85 23.22
N ILE C 223 -0.51 -30.78 22.32
CA ILE C 223 -1.49 -31.74 21.84
C ILE C 223 -0.86 -33.12 21.86
N GLY C 224 -1.53 -34.08 22.48
CA GLY C 224 -0.98 -35.40 22.62
C GLY C 224 -1.54 -36.40 21.63
N MET C 225 -0.72 -36.83 20.70
CA MET C 225 -1.11 -37.82 19.70
C MET C 225 -0.63 -39.19 20.17
N TRP C 226 -1.57 -40.02 20.61
CA TRP C 226 -1.21 -41.33 21.12
C TRP C 226 -0.86 -42.30 19.99
N SER C 227 -1.39 -42.08 18.79
CA SER C 227 -1.13 -42.99 17.69
C SER C 227 -1.27 -42.22 16.37
N GLY C 228 -0.66 -42.78 15.34
CA GLY C 228 -0.72 -42.17 14.02
C GLY C 228 -2.05 -42.37 13.33
N LEU C 229 -2.00 -42.57 12.02
CA LEU C 229 -3.20 -42.84 11.23
C LEU C 229 -3.26 -44.32 10.90
N ASP C 230 -4.43 -44.91 11.10
CA ASP C 230 -4.56 -46.37 10.97
C ASP C 230 -4.86 -46.82 9.55
N LEU C 231 -5.98 -46.36 8.99
CA LEU C 231 -6.42 -46.75 7.65
C LEU C 231 -6.57 -48.27 7.56
N ARG C 232 -7.54 -48.76 8.33
CA ARG C 232 -7.90 -50.17 8.33
C ARG C 232 -8.91 -50.42 7.22
N VAL C 233 -8.57 -51.32 6.30
CA VAL C 233 -9.48 -51.74 5.24
C VAL C 233 -10.23 -52.98 5.71
N ASP C 234 -11.52 -53.03 5.44
CA ASP C 234 -12.38 -54.08 5.96
C ASP C 234 -13.20 -54.67 4.84
N THR C 235 -13.52 -55.97 4.95
CA THR C 235 -14.43 -56.64 4.04
C THR C 235 -15.56 -57.37 4.75
N SER C 236 -15.33 -57.88 5.96
CA SER C 236 -16.29 -58.77 6.59
C SER C 236 -17.53 -58.02 7.05
N THR C 237 -17.39 -56.75 7.43
CA THR C 237 -18.52 -56.00 7.97
C THR C 237 -19.68 -55.92 6.99
N LYS C 238 -19.41 -56.01 5.69
CA LYS C 238 -20.48 -56.07 4.67
C LYS C 238 -19.99 -57.04 3.61
N ALA C 239 -20.35 -58.32 3.76
CA ALA C 239 -19.92 -59.35 2.82
C ALA C 239 -21.02 -60.32 2.43
N ALA C 240 -22.22 -60.21 3.01
CA ALA C 240 -23.33 -61.02 2.52
C ALA C 240 -23.64 -60.68 1.07
N SER C 241 -24.08 -59.44 0.82
CA SER C 241 -24.02 -58.85 -0.50
C SER C 241 -22.69 -58.11 -0.59
N ASP C 242 -21.82 -58.58 -1.48
CA ASP C 242 -20.41 -58.22 -1.43
C ASP C 242 -20.21 -56.72 -1.38
N GLY C 243 -19.21 -56.30 -0.62
CA GLY C 243 -18.91 -54.89 -0.43
C GLY C 243 -17.66 -54.72 0.40
N LYS C 244 -17.03 -53.55 0.30
CA LYS C 244 -15.79 -53.28 1.02
C LYS C 244 -15.91 -51.90 1.68
N VAL C 245 -15.95 -51.88 3.00
CA VAL C 245 -15.99 -50.62 3.72
C VAL C 245 -14.58 -50.21 4.11
N LEU C 246 -14.39 -48.92 4.31
CA LEU C 246 -13.11 -48.36 4.71
C LEU C 246 -13.30 -47.53 5.97
N ARG C 247 -12.23 -47.41 6.75
CA ARG C 247 -12.31 -46.71 8.02
C ARG C 247 -10.92 -46.38 8.51
N VAL C 248 -10.82 -45.32 9.30
CA VAL C 248 -9.54 -44.89 9.86
C VAL C 248 -9.81 -44.19 11.18
N PHE C 249 -9.00 -44.51 12.20
CA PHE C 249 -9.15 -43.94 13.52
C PHE C 249 -7.89 -43.19 13.92
N THR C 250 -8.03 -42.38 14.97
CA THR C 250 -6.91 -41.71 15.62
C THR C 250 -7.42 -41.07 16.90
N ASP C 251 -6.60 -41.06 17.94
CA ASP C 251 -6.93 -40.47 19.22
C ASP C 251 -5.98 -39.33 19.54
N ILE C 252 -6.49 -38.33 20.25
CA ILE C 252 -5.74 -37.10 20.50
C ILE C 252 -6.37 -36.39 21.68
N ASP C 253 -5.61 -35.50 22.32
CA ASP C 253 -6.16 -34.60 23.32
C ASP C 253 -5.35 -33.32 23.33
N VAL C 254 -6.02 -32.23 23.71
CA VAL C 254 -5.46 -30.89 23.62
C VAL C 254 -5.52 -30.24 25.00
N ALA C 255 -4.48 -29.49 25.34
CA ALA C 255 -4.46 -28.70 26.56
C ALA C 255 -3.38 -27.65 26.42
N LEU C 256 -3.49 -26.60 27.23
CA LEU C 256 -2.55 -25.50 27.17
C LEU C 256 -2.00 -25.24 28.57
N ARG C 257 -0.75 -24.76 28.61
CA ARG C 257 -0.03 -24.70 29.86
C ARG C 257 -0.52 -23.57 30.75
N ASN C 258 -0.79 -22.39 30.18
CA ASN C 258 -1.28 -21.27 30.94
C ASN C 258 -2.57 -20.77 30.32
N VAL C 259 -3.58 -20.54 31.18
CA VAL C 259 -4.91 -20.26 30.68
C VAL C 259 -4.97 -18.90 29.98
N GLU C 260 -4.11 -17.97 30.36
CA GLU C 260 -4.21 -16.60 29.85
C GLU C 260 -3.25 -16.32 28.71
N SER C 261 -2.50 -17.31 28.24
CA SER C 261 -1.61 -17.06 27.11
C SER C 261 -2.35 -16.91 25.80
N ILE C 262 -3.67 -17.02 25.81
CA ILE C 262 -4.49 -16.85 24.62
C ILE C 262 -5.64 -15.92 24.97
N LYS C 263 -5.99 -15.05 24.04
CA LYS C 263 -7.15 -14.18 24.20
C LYS C 263 -8.06 -14.34 22.99
N TRP C 264 -9.36 -14.36 23.25
CA TRP C 264 -10.36 -14.64 22.23
C TRP C 264 -11.37 -13.51 22.20
N GLY C 265 -11.45 -12.82 21.06
CA GLY C 265 -12.42 -11.76 20.86
C GLY C 265 -13.59 -12.28 20.03
N VAL C 266 -14.78 -11.82 20.38
CA VAL C 266 -16.02 -12.25 19.74
C VAL C 266 -16.72 -11.03 19.19
N PRO C 267 -17.10 -11.02 17.92
CA PRO C 267 -17.85 -9.86 17.39
C PRO C 267 -19.22 -9.78 18.03
N ALA C 268 -19.46 -8.68 18.73
CA ALA C 268 -20.73 -8.48 19.41
C ALA C 268 -21.87 -8.45 18.41
N GLY D 1 -12.37 -56.42 28.09
CA GLY D 1 -11.13 -55.82 28.56
C GLY D 1 -11.11 -54.31 28.47
N GLY D 2 -12.20 -53.68 28.90
CA GLY D 2 -12.28 -52.23 28.87
C GLY D 2 -11.31 -51.58 29.82
N VAL D 3 -11.18 -50.26 29.70
CA VAL D 3 -10.23 -49.51 30.51
C VAL D 3 -10.91 -48.79 31.67
N LEU D 4 -12.06 -49.27 32.12
CA LEU D 4 -12.65 -48.71 33.33
C LEU D 4 -12.08 -49.38 34.57
N VAL D 5 -12.12 -50.71 34.62
CA VAL D 5 -11.44 -51.50 35.63
C VAL D 5 -11.17 -52.87 35.00
N ALA D 6 -10.44 -53.76 35.68
CA ALA D 6 -10.04 -54.99 35.01
C ALA D 6 -9.16 -54.43 33.97
N GLN D 7 -8.53 -53.31 34.31
CA GLN D 7 -7.53 -52.71 33.49
C GLN D 7 -7.16 -51.57 34.44
N ASP D 8 -6.61 -51.94 35.58
CA ASP D 8 -6.24 -50.96 36.59
C ASP D 8 -4.77 -50.66 36.44
N TYR D 9 -4.16 -51.19 35.38
CA TYR D 9 -2.73 -51.03 35.20
C TYR D 9 -2.30 -49.87 34.30
N ARG D 10 -3.23 -49.00 33.94
CA ARG D 10 -2.84 -47.82 33.16
C ARG D 10 -1.88 -47.01 34.01
N ALA D 11 -0.83 -46.47 33.40
CA ALA D 11 0.18 -45.76 34.18
C ALA D 11 0.20 -44.25 33.96
N GLY D 12 0.21 -43.49 35.05
CA GLY D 12 0.25 -42.05 34.95
C GLY D 12 1.65 -41.54 34.69
N SER D 13 1.99 -41.34 33.41
CA SER D 13 3.31 -40.85 33.04
C SER D 13 3.52 -39.47 33.64
N PHE D 14 4.69 -39.26 34.25
CA PHE D 14 5.03 -38.01 34.91
C PHE D 14 6.24 -37.42 34.21
N ILE D 15 6.07 -36.29 33.55
CA ILE D 15 7.15 -35.60 32.88
C ILE D 15 7.55 -34.40 33.73
N GLU D 16 8.86 -34.10 33.77
CA GLU D 16 9.35 -33.03 34.65
C GLU D 16 9.44 -31.72 33.91
N LEU D 17 8.31 -31.03 33.79
CA LEU D 17 8.30 -29.75 33.13
C LEU D 17 7.54 -28.80 34.04
N LEU D 18 8.11 -28.55 35.22
CA LEU D 18 7.49 -27.58 36.13
C LEU D 18 7.65 -26.21 35.50
N ARG D 19 6.62 -25.39 35.58
CA ARG D 19 6.68 -24.04 35.01
C ARG D 19 6.41 -23.09 36.15
N ASN D 20 7.28 -22.10 36.33
CA ASN D 20 7.05 -21.12 37.37
C ASN D 20 5.82 -20.31 37.00
N ARG D 21 5.08 -19.86 38.01
CA ARG D 21 3.87 -19.11 37.78
C ARG D 21 4.31 -17.79 37.15
N MET D 22 3.42 -17.14 36.41
CA MET D 22 3.80 -15.89 35.74
C MET D 22 4.35 -14.91 36.77
N ALA D 23 5.41 -14.17 36.41
CA ALA D 23 6.04 -13.21 37.32
C ALA D 23 6.17 -11.87 36.65
N LEU D 24 6.45 -10.80 37.41
CA LEU D 24 6.53 -9.46 36.84
C LEU D 24 7.96 -9.19 36.38
N ALA D 25 8.26 -7.93 36.07
CA ALA D 25 9.60 -7.54 35.65
C ALA D 25 10.04 -6.30 36.41
N GLY D 26 11.25 -6.36 36.99
CA GLY D 26 11.76 -5.27 37.80
C GLY D 26 12.30 -4.12 36.96
N VAL D 27 12.77 -3.09 37.66
CA VAL D 27 13.24 -1.86 37.04
C VAL D 27 14.46 -1.34 37.80
N GLY D 28 15.64 -1.46 37.19
CA GLY D 28 16.84 -0.91 37.80
C GLY D 28 17.58 0.15 37.01
N VAL D 29 17.48 1.41 37.45
CA VAL D 29 18.33 2.50 36.96
C VAL D 29 18.81 3.38 38.13
N ARG D 30 18.63 2.89 39.36
CA ARG D 30 18.68 3.72 40.56
C ARG D 30 20.08 3.73 41.17
N ILE D 31 20.17 4.21 42.42
CA ILE D 31 21.41 4.32 43.17
C ILE D 31 21.24 3.60 44.51
N LEU D 32 22.21 2.76 44.87
CA LEU D 32 22.15 1.98 46.10
C LEU D 32 23.51 1.96 46.78
N GLN D 33 23.53 1.38 47.98
CA GLN D 33 24.73 1.35 48.80
C GLN D 33 24.55 0.42 49.99
N GLY D 34 25.62 -0.23 50.41
CA GLY D 34 25.60 -1.08 51.60
C GLY D 34 26.36 -0.45 52.75
N LEU D 35 25.80 -0.46 53.96
CA LEU D 35 26.32 0.37 55.05
C LEU D 35 25.77 -0.16 56.38
N THR D 36 26.04 0.58 57.45
CA THR D 36 25.57 0.25 58.79
C THR D 36 25.22 1.53 59.53
N GLY D 37 24.67 1.41 60.75
CA GLY D 37 24.27 2.56 61.56
C GLY D 37 23.04 3.29 61.05
N ASN D 38 22.70 4.43 61.63
CA ASN D 38 21.61 5.26 61.08
C ASN D 38 22.35 6.01 60.00
N VAL D 39 21.68 6.69 59.07
CA VAL D 39 22.38 7.51 58.06
C VAL D 39 21.81 8.92 57.92
N ASP D 40 22.65 9.91 57.59
CA ASP D 40 22.20 11.31 57.47
C ASP D 40 23.02 12.10 56.43
N ILE D 41 22.38 12.93 55.60
CA ILE D 41 23.05 13.73 54.59
C ILE D 41 22.48 15.15 54.61
N PRO D 42 23.32 16.17 54.68
CA PRO D 42 22.80 17.53 54.74
C PRO D 42 22.40 18.03 53.37
N LYS D 43 21.42 18.92 53.36
CA LYS D 43 20.90 19.45 52.10
C LYS D 43 20.55 20.91 52.27
N ARG D 44 20.97 21.74 51.32
CA ARG D 44 20.67 23.16 51.33
C ARG D 44 19.32 23.37 50.65
N THR D 45 18.46 24.19 51.26
CA THR D 45 17.17 24.52 50.68
C THR D 45 16.91 26.02 50.68
N GLY D 46 17.96 26.82 50.77
CA GLY D 46 17.80 28.27 50.79
C GLY D 46 19.02 28.95 50.22
N ALA D 47 18.82 30.15 49.70
CA ALA D 47 19.91 30.93 49.12
C ALA D 47 19.73 32.39 49.49
N SER D 48 20.82 33.14 49.38
CA SER D 48 20.79 34.57 49.68
C SER D 48 20.08 35.32 48.57
N THR D 49 19.60 36.51 48.89
CA THR D 49 18.86 37.35 47.95
C THR D 49 19.66 38.62 47.66
N MET D 50 19.92 38.85 46.38
CA MET D 50 20.65 40.04 45.97
C MET D 50 19.79 41.29 46.18
N TYR D 51 20.43 42.38 46.57
CA TYR D 51 19.74 43.64 46.79
C TYR D 51 20.40 44.72 45.95
N PHE D 52 19.59 45.45 45.19
CA PHE D 52 20.07 46.66 44.52
C PHE D 52 19.92 47.83 45.46
N VAL D 53 21.00 48.58 45.62
CA VAL D 53 21.02 49.68 46.58
C VAL D 53 21.67 50.88 45.91
N ASP D 54 21.20 52.07 46.28
CA ASP D 54 21.67 53.30 45.67
C ASP D 54 22.97 53.72 46.34
N GLU D 55 23.39 54.96 46.14
CA GLU D 55 24.66 55.43 46.71
C GLU D 55 24.69 55.50 48.24
N ASP D 56 25.68 54.87 48.86
CA ASP D 56 25.86 54.95 50.32
C ASP D 56 24.69 54.53 51.22
N VAL D 57 24.01 53.44 50.88
CA VAL D 57 22.94 52.93 51.74
C VAL D 57 23.23 51.48 52.14
N ASP D 58 22.94 51.13 53.39
CA ASP D 58 23.27 49.78 53.87
C ASP D 58 22.58 48.61 53.19
N VAL D 59 23.34 47.54 52.93
CA VAL D 59 22.75 46.33 52.35
C VAL D 59 22.06 45.51 53.43
N THR D 60 21.11 44.65 53.04
CA THR D 60 20.40 43.83 54.00
C THR D 60 20.99 42.42 54.11
N GLU D 61 20.82 41.79 55.27
CA GLU D 61 21.34 40.42 55.47
C GLU D 61 20.31 39.34 55.16
N SER D 62 20.68 38.35 54.35
CA SER D 62 19.78 37.24 54.03
C SER D 62 20.38 35.89 54.42
N ASP D 63 19.62 35.06 55.13
CA ASP D 63 20.16 33.78 55.60
C ASP D 63 19.49 32.55 54.98
N GLY D 64 20.30 31.65 54.44
CA GLY D 64 19.77 30.43 53.83
C GLY D 64 19.26 29.37 54.79
N ALA D 65 18.31 28.56 54.33
CA ALA D 65 17.77 27.48 55.17
C ALA D 65 18.43 26.15 54.84
N PHE D 66 18.41 25.20 55.78
CA PHE D 66 19.07 23.92 55.56
C PHE D 66 18.12 22.79 55.89
N GLY D 67 18.59 21.58 55.67
CA GLY D 67 17.82 20.38 55.96
C GLY D 67 18.66 19.16 55.71
N LEU D 68 18.19 18.02 56.22
CA LEU D 68 18.91 16.77 56.06
C LEU D 68 17.92 15.65 55.77
N VAL D 69 18.43 14.61 55.12
CA VAL D 69 17.64 13.46 54.68
C VAL D 69 18.11 12.24 55.46
N GLY D 70 17.18 11.57 56.12
CA GLY D 70 17.53 10.43 56.95
C GLY D 70 16.83 9.14 56.58
N MET D 71 17.49 8.01 56.84
CA MET D 71 16.93 6.70 56.54
C MET D 71 17.19 5.78 57.72
N THR D 72 16.32 4.77 57.87
CA THR D 72 16.44 3.81 58.94
C THR D 72 15.99 2.44 58.46
N PRO D 73 16.69 1.38 58.87
CA PRO D 73 16.38 0.04 58.37
C PRO D 73 14.97 -0.43 58.68
N HIS D 74 14.21 -0.73 57.63
CA HIS D 74 12.96 -1.43 57.78
C HIS D 74 13.15 -2.89 57.36
N THR D 75 12.53 -3.80 58.08
CA THR D 75 12.79 -5.22 57.95
C THR D 75 11.64 -5.93 57.25
N ALA D 76 11.99 -6.84 56.34
CA ALA D 76 11.00 -7.65 55.64
C ALA D 76 11.60 -9.01 55.34
N GLY D 77 10.75 -10.02 55.33
CA GLY D 77 11.21 -11.38 55.09
C GLY D 77 10.05 -12.31 54.84
N VAL D 78 10.38 -13.51 54.35
CA VAL D 78 9.38 -14.52 54.02
C VAL D 78 9.94 -15.88 54.42
N ALA D 79 9.04 -16.83 54.66
CA ALA D 79 9.44 -18.14 55.13
C ALA D 79 8.34 -19.16 54.89
N THR D 80 8.72 -20.42 54.76
CA THR D 80 7.77 -21.50 54.59
C THR D 80 8.39 -22.80 55.09
N ALA D 81 7.55 -23.84 55.18
CA ALA D 81 7.91 -25.08 55.84
C ALA D 81 7.83 -26.26 54.87
N ILE D 82 8.61 -27.29 55.17
CA ILE D 82 8.63 -28.53 54.40
C ILE D 82 8.68 -29.70 55.37
N THR D 83 7.76 -30.64 55.21
CA THR D 83 7.74 -31.80 56.08
C THR D 83 8.77 -32.82 55.59
N ARG D 84 8.78 -33.99 56.23
CA ARG D 84 9.78 -35.01 55.88
C ARG D 84 9.34 -35.86 54.71
N ARG D 85 8.10 -36.32 54.73
CA ARG D 85 7.59 -37.18 53.66
C ARG D 85 7.60 -36.45 52.33
N MET D 86 7.21 -35.17 52.35
CA MET D 86 7.20 -34.38 51.13
C MET D 86 8.60 -34.26 50.56
N MET D 87 9.58 -34.04 51.43
CA MET D 87 10.97 -33.91 50.98
C MET D 87 11.50 -35.20 50.37
N GLN D 88 11.18 -36.34 50.96
CA GLN D 88 11.71 -37.61 50.47
C GLN D 88 11.22 -37.98 49.07
N GLN D 89 9.91 -38.03 48.89
CA GLN D 89 9.36 -38.44 47.59
C GLN D 89 8.79 -37.20 46.88
N GLY D 90 9.67 -36.46 46.22
CA GLY D 90 9.27 -35.32 45.43
C GLY D 90 9.80 -35.44 44.02
N SER D 91 8.95 -35.24 43.02
CA SER D 91 9.37 -35.57 41.66
C SER D 91 10.41 -34.58 41.13
N PRO D 92 10.24 -33.25 41.25
CA PRO D 92 11.42 -32.40 41.20
C PRO D 92 11.94 -32.26 42.62
N ASP D 93 13.12 -31.68 42.81
CA ASP D 93 13.61 -31.51 44.17
C ASP D 93 12.85 -30.38 44.83
N ILE D 94 11.91 -30.74 45.72
CA ILE D 94 11.08 -29.73 46.36
C ILE D 94 11.92 -28.68 47.08
N GLU D 95 13.06 -29.10 47.65
CA GLU D 95 13.94 -28.15 48.29
C GLU D 95 14.35 -27.04 47.33
N ALA D 96 14.82 -27.39 46.15
CA ALA D 96 15.24 -26.38 45.18
C ALA D 96 14.08 -25.50 44.75
N LEU D 97 12.90 -26.08 44.54
CA LEU D 97 11.74 -25.26 44.20
C LEU D 97 11.49 -24.19 45.24
N VAL D 98 11.44 -24.57 46.51
CA VAL D 98 11.17 -23.57 47.54
C VAL D 98 12.32 -22.59 47.65
N ARG D 99 13.56 -23.09 47.60
CA ARG D 99 14.73 -22.23 47.76
C ARG D 99 14.81 -21.18 46.66
N ASP D 100 14.27 -21.48 45.49
CA ASP D 100 14.24 -20.49 44.43
C ASP D 100 13.04 -19.58 44.52
N ASP D 101 11.86 -20.13 44.80
CA ASP D 101 10.66 -19.32 44.90
C ASP D 101 10.79 -18.24 45.97
N LEU D 102 11.40 -18.56 47.10
CA LEU D 102 11.53 -17.57 48.16
C LEU D 102 12.35 -16.37 47.68
N LEU D 103 13.53 -16.62 47.12
CA LEU D 103 14.36 -15.53 46.64
C LEU D 103 13.66 -14.73 45.56
N THR D 104 12.97 -15.40 44.64
CA THR D 104 12.30 -14.66 43.57
C THR D 104 11.19 -13.79 44.13
N SER D 105 10.35 -14.34 44.99
CA SER D 105 9.22 -13.59 45.52
C SER D 105 9.64 -12.53 46.52
N LEU D 106 10.87 -12.57 47.01
CA LEU D 106 11.36 -11.47 47.82
C LEU D 106 12.02 -10.38 46.99
N THR D 107 12.84 -10.75 46.02
CA THR D 107 13.40 -9.76 45.11
C THR D 107 12.30 -8.97 44.43
N LEU D 108 11.29 -9.65 43.90
CA LEU D 108 10.19 -8.93 43.26
C LEU D 108 9.36 -8.15 44.27
N GLY D 109 9.26 -8.63 45.50
CA GLY D 109 8.48 -7.93 46.49
C GLY D 109 9.12 -6.65 47.00
N LEU D 110 10.45 -6.56 46.97
CA LEU D 110 11.08 -5.36 47.51
C LEU D 110 10.92 -4.16 46.60
N ASP D 111 11.30 -4.29 45.32
CA ASP D 111 11.26 -3.12 44.45
C ASP D 111 9.85 -2.61 44.24
N LYS D 112 8.85 -3.49 44.24
CA LYS D 112 7.47 -3.03 44.16
C LYS D 112 7.14 -2.11 45.32
N THR D 113 7.57 -2.47 46.54
CA THR D 113 7.39 -1.56 47.66
C THR D 113 8.19 -0.29 47.45
N ALA D 114 9.38 -0.39 46.88
CA ALA D 114 10.19 0.79 46.61
C ALA D 114 9.44 1.79 45.73
N LEU D 115 8.75 1.30 44.70
CA LEU D 115 7.99 2.20 43.84
C LEU D 115 6.68 2.59 44.50
N VAL D 116 5.80 1.61 44.71
CA VAL D 116 4.51 1.84 45.34
C VAL D 116 4.61 1.43 46.80
N GLY D 117 4.32 2.36 47.69
CA GLY D 117 4.44 2.06 49.11
C GLY D 117 3.52 0.93 49.53
N HIS D 118 4.09 -0.05 50.22
CA HIS D 118 3.30 -1.15 50.74
C HIS D 118 2.23 -0.63 51.68
N SER D 119 1.11 -1.36 51.75
CA SER D 119 -0.04 -0.89 52.51
C SER D 119 0.12 -1.06 54.01
N SER D 120 1.02 -1.91 54.45
CA SER D 120 1.14 -2.14 55.89
C SER D 120 1.99 -1.05 56.54
N PRO D 121 1.71 -0.74 57.81
CA PRO D 121 2.63 0.10 58.57
C PRO D 121 3.92 -0.65 58.84
N SER D 122 4.87 0.06 59.44
CA SER D 122 6.21 -0.49 59.70
C SER D 122 6.86 -0.96 58.41
N ALA D 123 6.44 -0.36 57.30
CA ALA D 123 6.99 -0.62 55.99
C ALA D 123 7.59 0.65 55.41
N PRO D 124 8.69 0.55 54.68
CA PRO D 124 9.35 1.77 54.19
C PRO D 124 8.45 2.55 53.27
N ASN D 125 8.67 3.86 53.22
CA ASN D 125 7.85 4.73 52.37
C ASN D 125 8.35 4.67 50.95
N GLY D 126 7.46 4.32 50.02
CA GLY D 126 7.83 4.26 48.62
C GLY D 126 7.91 5.65 48.00
N VAL D 127 8.45 5.67 46.78
CA VAL D 127 8.52 6.91 46.04
C VAL D 127 7.13 7.51 45.86
N ARG D 128 6.15 6.68 45.52
CA ARG D 128 4.78 7.16 45.38
C ARG D 128 4.26 7.75 46.67
N ASP D 129 4.76 7.29 47.82
CA ASP D 129 4.31 7.84 49.08
C ASP D 129 4.78 9.27 49.28
N LEU D 130 5.97 9.60 48.80
CA LEU D 130 6.58 10.90 49.07
C LEU D 130 6.14 11.96 48.07
N VAL D 131 6.02 11.62 46.80
CA VAL D 131 5.81 12.61 45.75
C VAL D 131 4.34 12.76 45.41
N ILE D 132 3.46 11.92 45.95
CA ILE D 132 2.03 12.02 45.62
C ILE D 132 1.38 13.27 46.19
N GLY D 133 2.09 14.03 47.03
CA GLY D 133 1.52 15.26 47.56
C GLY D 133 1.03 16.18 46.48
N ASP D 134 1.89 16.47 45.51
CA ASP D 134 1.49 17.16 44.28
C ASP D 134 1.38 16.12 43.18
N ALA D 135 0.31 16.19 42.41
CA ALA D 135 0.06 15.17 41.40
C ALA D 135 -0.85 15.75 40.33
N LEU D 136 -0.37 15.73 39.10
CA LEU D 136 -1.11 16.31 37.99
C LEU D 136 -2.25 15.38 37.60
N PRO D 137 -3.50 15.82 37.68
CA PRO D 137 -4.61 14.99 37.21
C PRO D 137 -4.58 14.83 35.71
N PHE D 138 -5.48 13.99 35.21
CA PHE D 138 -5.49 13.65 33.79
C PHE D 138 -6.81 13.90 33.08
N THR D 139 -7.91 14.12 33.80
CA THR D 139 -9.21 14.41 33.21
C THR D 139 -9.61 13.34 32.20
N GLY D 140 -9.44 12.08 32.59
CA GLY D 140 -9.75 10.97 31.74
C GLY D 140 -9.10 9.69 32.22
N PRO D 141 -9.57 8.55 31.71
CA PRO D 141 -9.01 7.27 32.14
C PRO D 141 -7.54 7.12 31.78
N PHE D 142 -7.07 7.81 30.76
CA PHE D 142 -5.67 7.73 30.36
C PHE D 142 -5.17 9.13 30.05
N ALA D 143 -3.90 9.23 29.69
CA ALA D 143 -3.21 10.51 29.57
C ALA D 143 -3.10 10.88 28.11
N THR D 144 -3.74 11.99 27.73
CA THR D 144 -3.58 12.55 26.40
C THR D 144 -2.13 13.01 26.23
N PHE D 145 -1.66 13.00 24.98
CA PHE D 145 -0.26 13.27 24.70
C PHE D 145 0.22 14.59 25.30
N GLU D 146 -0.68 15.57 25.46
CA GLU D 146 -0.22 16.85 25.98
C GLU D 146 0.18 16.74 27.44
N GLU D 147 -0.54 15.94 28.24
CA GLU D 147 -0.15 15.79 29.64
C GLU D 147 1.23 15.16 29.77
N LEU D 148 1.58 14.26 28.87
CA LEU D 148 2.92 13.69 28.87
C LEU D 148 3.98 14.76 28.63
N VAL D 149 3.58 15.91 28.11
CA VAL D 149 4.52 17.03 28.01
C VAL D 149 4.42 17.90 29.25
N ASP D 150 3.24 17.98 29.86
CA ASP D 150 3.12 18.71 31.11
C ASP D 150 3.97 18.11 32.20
N LEU D 151 4.07 16.79 32.25
CA LEU D 151 5.00 16.17 33.19
C LEU D 151 6.42 16.60 32.93
N GLU D 152 6.85 16.55 31.67
CA GLU D 152 8.23 16.91 31.36
C GLU D 152 8.52 18.37 31.69
N THR D 153 7.50 19.24 31.57
CA THR D 153 7.73 20.63 31.92
C THR D 153 7.76 20.83 33.42
N ALA D 154 6.79 20.28 34.14
CA ALA D 154 6.72 20.45 35.59
C ALA D 154 8.01 20.01 36.29
N VAL D 155 8.78 19.13 35.67
CA VAL D 155 10.12 18.86 36.18
C VAL D 155 11.11 19.88 35.65
N ALA D 156 11.01 20.21 34.36
CA ALA D 156 11.89 21.22 33.80
C ALA D 156 11.64 22.59 34.42
N SER D 157 10.40 22.87 34.81
CA SER D 157 10.10 24.16 35.40
C SER D 157 10.81 24.37 36.73
N ALA D 158 11.14 23.30 37.43
CA ALA D 158 11.94 23.38 38.64
C ALA D 158 13.42 23.26 38.35
N ASN D 159 13.81 23.40 37.09
CA ASN D 159 15.20 23.26 36.62
C ASN D 159 15.90 22.10 37.32
N ALA D 160 15.21 20.97 37.39
CA ALA D 160 15.80 19.69 37.80
C ALA D 160 16.12 18.83 36.59
N ASP D 161 16.53 19.47 35.50
CA ASP D 161 16.64 18.81 34.21
C ASP D 161 17.93 18.01 34.12
N VAL D 162 17.81 16.72 33.88
CA VAL D 162 18.92 15.88 33.48
C VAL D 162 18.51 15.16 32.20
N ASP D 163 19.48 14.93 31.31
CA ASP D 163 19.20 14.41 29.98
C ASP D 163 19.13 12.89 29.94
N SER D 164 18.77 12.25 31.04
CA SER D 164 18.64 10.79 31.06
C SER D 164 17.40 10.39 31.84
N MET D 165 16.33 11.15 31.72
CA MET D 165 15.09 10.81 32.41
C MET D 165 14.43 9.62 31.73
N ALA D 166 13.28 9.26 32.29
CA ALA D 166 12.54 8.16 31.74
C ALA D 166 11.15 8.16 32.28
N TYR D 167 10.21 7.68 31.49
CA TYR D 167 8.85 7.44 31.94
C TYR D 167 8.72 6.05 32.51
N ILE D 168 7.69 5.85 33.33
CA ILE D 168 7.34 4.54 33.86
C ILE D 168 5.82 4.46 33.87
N TYR D 169 5.27 3.47 33.19
CA TYR D 169 3.81 3.32 33.18
C TYR D 169 3.44 1.85 33.15
N ASN D 170 2.21 1.59 33.57
CA ASN D 170 1.67 0.25 33.65
C ASN D 170 1.57 -0.37 32.26
N ALA D 171 1.63 -1.70 32.22
CA ALA D 171 1.55 -2.40 30.94
C ALA D 171 0.20 -2.19 30.28
N ALA D 172 -0.88 -2.11 31.08
CA ALA D 172 -2.20 -1.88 30.50
C ALA D 172 -2.30 -0.49 29.89
N THR D 173 -1.53 0.47 30.39
CA THR D 173 -1.54 1.79 29.79
C THR D 173 -0.83 1.79 28.45
N SER D 174 0.30 1.07 28.34
CA SER D 174 1.05 1.05 27.09
C SER D 174 0.19 0.69 25.90
N GLY D 175 -0.88 -0.07 26.11
CA GLY D 175 -1.83 -0.30 25.02
C GLY D 175 -2.50 0.98 24.57
N HIS D 176 -2.84 1.85 25.51
CA HIS D 176 -3.46 3.11 25.15
C HIS D 176 -2.46 4.08 24.54
N PHE D 177 -1.18 3.76 24.56
CA PHE D 177 -0.17 4.61 23.95
C PHE D 177 0.32 4.08 22.63
N LYS D 178 -0.36 3.10 22.06
CA LYS D 178 -0.06 2.63 20.72
C LYS D 178 -1.25 2.72 19.78
N LYS D 179 -2.45 2.90 20.31
CA LYS D 179 -3.65 3.05 19.51
C LYS D 179 -4.11 4.50 19.46
N THR D 180 -3.28 5.45 19.90
CA THR D 180 -3.63 6.85 19.94
C THR D 180 -2.56 7.67 19.22
N LEU D 181 -2.99 8.57 18.36
CA LEU D 181 -2.08 9.41 17.62
C LEU D 181 -1.59 10.56 18.50
N GLU D 182 -0.47 11.15 18.09
CA GLU D 182 0.00 12.36 18.74
C GLU D 182 -0.96 13.52 18.48
N PHE D 183 -1.18 13.83 17.20
CA PHE D 183 -2.13 14.85 16.79
C PHE D 183 -3.12 14.24 15.80
N ALA D 184 -4.18 14.97 15.49
CA ALA D 184 -5.16 14.48 14.52
C ALA D 184 -4.52 14.15 13.17
N GLY D 185 -4.46 12.87 12.83
CA GLY D 185 -3.90 12.45 11.55
C GLY D 185 -2.47 12.88 11.26
N VAL D 186 -1.61 12.85 12.28
CA VAL D 186 -0.24 13.31 12.11
C VAL D 186 0.75 12.21 11.68
N SER D 187 0.30 10.97 11.60
CA SER D 187 1.14 9.83 11.16
C SER D 187 2.07 9.22 12.21
N GLY D 188 1.98 9.67 13.46
CA GLY D 188 2.79 9.07 14.50
C GLY D 188 2.00 8.76 15.76
N THR D 189 2.25 7.62 16.37
CA THR D 189 1.58 7.30 17.63
C THR D 189 2.46 7.78 18.79
N ILE D 190 1.98 7.68 20.01
CA ILE D 190 2.73 8.17 21.16
C ILE D 190 3.97 7.32 21.39
N GLU D 191 3.79 6.05 21.68
CA GLU D 191 4.90 5.14 21.95
C GLU D 191 5.39 4.55 20.64
N ARG D 192 6.58 4.97 20.21
CA ARG D 192 7.16 4.52 18.96
C ARG D 192 8.55 3.97 19.23
N GLY D 193 8.77 2.70 18.90
CA GLY D 193 10.09 2.11 19.00
C GLY D 193 10.67 2.12 20.39
N GLY D 194 9.84 1.90 21.41
CA GLY D 194 10.33 1.90 22.77
C GLY D 194 10.77 3.25 23.28
N GLN D 195 10.22 4.34 22.76
CA GLN D 195 10.54 5.67 23.24
C GLN D 195 9.28 6.52 23.22
N VAL D 196 9.22 7.50 24.11
CA VAL D 196 8.11 8.42 24.21
C VAL D 196 8.68 9.82 24.38
N ASN D 197 8.22 10.75 23.55
CA ASN D 197 8.64 12.15 23.63
C ASN D 197 10.16 12.29 23.60
N GLY D 198 10.83 11.36 22.95
CA GLY D 198 12.28 11.33 22.93
C GLY D 198 12.92 10.74 24.16
N TYR D 199 12.13 10.28 25.13
CA TYR D 199 12.66 9.69 26.34
C TYR D 199 12.27 8.22 26.43
N ASN D 200 13.03 7.48 27.22
CA ASN D 200 12.79 6.06 27.33
C ASN D 200 11.61 5.77 28.25
N ARG D 201 11.07 4.56 28.12
CA ARG D 201 10.07 4.04 29.04
C ARG D 201 10.51 2.66 29.48
N VAL D 202 9.84 2.14 30.51
CA VAL D 202 10.19 0.84 31.04
C VAL D 202 9.06 -0.19 30.86
N LYS D 203 7.81 0.26 30.81
CA LYS D 203 6.67 -0.63 30.60
C LYS D 203 6.69 -1.81 31.57
N SER D 204 6.79 -1.48 32.84
CA SER D 204 6.70 -2.50 33.88
C SER D 204 5.25 -2.70 34.26
N ASN D 205 5.00 -3.80 34.97
CA ASN D 205 3.66 -4.12 35.43
C ASN D 205 3.55 -3.95 36.94
N GLN D 206 4.57 -3.35 37.55
CA GLN D 206 4.53 -3.12 38.99
C GLN D 206 3.48 -2.08 39.36
N ILE D 207 3.25 -1.10 38.50
CA ILE D 207 2.27 -0.06 38.81
C ILE D 207 0.89 -0.67 38.68
N THR D 208 0.32 -1.08 39.80
CA THR D 208 -0.94 -1.82 39.78
C THR D 208 -2.12 -0.98 39.36
N THR D 209 -1.97 0.33 39.24
CA THR D 209 -3.08 1.16 38.82
C THR D 209 -3.21 1.14 37.30
N ALA D 210 -4.35 1.60 36.82
CA ALA D 210 -4.62 1.54 35.38
C ALA D 210 -3.74 2.51 34.61
N GLY D 211 -3.90 3.80 34.84
CA GLY D 211 -3.24 4.79 34.01
C GLY D 211 -2.22 5.65 34.71
N GLU D 212 -1.76 5.23 35.87
CA GLU D 212 -0.72 5.97 36.56
C GLU D 212 0.58 5.91 35.78
N VAL D 213 1.18 7.07 35.54
CA VAL D 213 2.44 7.16 34.82
C VAL D 213 3.36 8.10 35.56
N ALA D 214 4.56 7.65 35.87
CA ALA D 214 5.55 8.44 36.58
C ALA D 214 6.63 8.89 35.61
N PHE D 215 7.31 9.97 35.99
CA PHE D 215 8.38 10.51 35.16
C PHE D 215 9.31 11.34 36.00
N GLY D 216 10.59 11.30 35.63
CA GLY D 216 11.57 12.11 36.29
C GLY D 216 12.94 11.54 36.15
N ASN D 217 13.92 12.14 36.81
CA ASN D 217 15.29 11.64 36.85
C ASN D 217 15.40 10.58 37.94
N TRP D 218 15.40 9.32 37.53
CA TRP D 218 15.47 8.22 38.49
C TRP D 218 16.86 8.00 39.06
N SER D 219 17.84 8.77 38.63
CA SER D 219 19.16 8.73 39.24
C SER D 219 19.23 9.55 40.51
N ASP D 220 18.08 9.94 41.05
CA ASP D 220 18.03 10.81 42.21
C ASP D 220 17.33 10.14 43.38
N VAL D 221 16.96 8.88 43.24
CA VAL D 221 16.36 8.10 44.32
C VAL D 221 17.46 7.22 44.92
N VAL D 222 17.44 7.07 46.23
CA VAL D 222 18.48 6.35 46.95
C VAL D 222 17.82 5.31 47.84
N ILE D 223 18.26 4.06 47.70
CA ILE D 223 17.81 2.96 48.54
C ILE D 223 18.96 2.55 49.44
N GLY D 224 18.65 2.21 50.68
CA GLY D 224 19.68 1.83 51.64
C GLY D 224 19.63 0.38 52.01
N MET D 225 20.71 -0.34 51.74
CA MET D 225 20.80 -1.75 52.07
C MET D 225 21.73 -1.94 53.27
N TRP D 226 21.30 -2.80 54.19
CA TRP D 226 22.11 -3.15 55.34
C TRP D 226 22.62 -4.57 55.32
N SER D 227 22.00 -5.45 54.55
CA SER D 227 22.43 -6.83 54.44
C SER D 227 21.81 -7.43 53.19
N GLY D 228 22.59 -8.23 52.48
CA GLY D 228 22.07 -8.92 51.32
C GLY D 228 20.99 -9.92 51.69
N LEU D 229 20.58 -10.69 50.68
CA LEU D 229 19.58 -11.73 50.90
C LEU D 229 20.22 -12.84 51.73
N ASP D 230 19.84 -12.92 52.99
CA ASP D 230 20.39 -13.93 53.91
C ASP D 230 19.42 -15.09 54.00
N LEU D 231 19.86 -16.26 53.54
CA LEU D 231 19.03 -17.46 53.55
C LEU D 231 19.33 -18.25 54.81
N ARG D 232 18.36 -18.30 55.72
CA ARG D 232 18.49 -19.05 56.96
C ARG D 232 17.74 -20.37 56.80
N VAL D 233 18.48 -21.45 56.61
CA VAL D 233 17.89 -22.80 56.62
C VAL D 233 17.77 -23.26 58.05
N ASP D 234 16.54 -23.51 58.50
CA ASP D 234 16.26 -23.76 59.89
C ASP D 234 15.72 -25.17 60.06
N THR D 235 16.35 -25.95 60.93
CA THR D 235 15.90 -27.29 61.24
C THR D 235 15.58 -27.51 62.70
N SER D 236 16.01 -26.62 63.59
CA SER D 236 15.73 -26.81 65.02
C SER D 236 14.24 -26.75 65.29
N THR D 237 13.52 -25.86 64.60
CA THR D 237 12.07 -25.87 64.69
C THR D 237 11.54 -27.14 64.06
N LYS D 238 10.43 -27.65 64.61
CA LYS D 238 9.77 -28.84 64.08
C LYS D 238 10.71 -30.03 64.01
N ALA D 239 11.81 -29.99 64.77
CA ALA D 239 12.74 -31.12 64.80
C ALA D 239 12.12 -32.36 65.42
N ALA D 240 11.05 -32.20 66.21
CA ALA D 240 10.36 -33.37 66.75
C ALA D 240 9.64 -34.14 65.65
N SER D 241 9.38 -33.51 64.52
CA SER D 241 8.85 -34.19 63.34
C SER D 241 9.84 -34.19 62.19
N ASP D 242 11.06 -33.69 62.42
CA ASP D 242 12.14 -33.71 61.44
C ASP D 242 11.78 -32.94 60.17
N GLY D 243 10.92 -31.94 60.30
CA GLY D 243 10.58 -31.12 59.16
C GLY D 243 11.29 -29.78 59.18
N LYS D 244 12.13 -29.51 58.20
CA LYS D 244 12.90 -28.29 58.17
C LYS D 244 12.04 -27.13 57.68
N VAL D 245 12.49 -25.92 57.99
CA VAL D 245 11.80 -24.70 57.61
C VAL D 245 12.80 -23.74 57.00
N LEU D 246 12.46 -23.15 55.87
CA LEU D 246 13.32 -22.22 55.18
C LEU D 246 12.82 -20.79 55.37
N ARG D 247 13.76 -19.88 55.63
CA ARG D 247 13.41 -18.49 55.87
C ARG D 247 14.52 -17.60 55.33
N VAL D 248 14.15 -16.39 54.96
CA VAL D 248 15.09 -15.43 54.39
C VAL D 248 14.69 -14.03 54.84
N PHE D 249 15.68 -13.24 55.25
CA PHE D 249 15.46 -11.89 55.78
C PHE D 249 16.30 -10.88 55.04
N THR D 250 15.86 -9.63 55.08
CA THR D 250 16.62 -8.52 54.50
C THR D 250 15.99 -7.21 54.97
N ASP D 251 16.84 -6.23 55.30
CA ASP D 251 16.39 -4.91 55.72
C ASP D 251 16.67 -3.90 54.63
N ILE D 252 15.79 -2.91 54.50
CA ILE D 252 15.84 -1.97 53.39
C ILE D 252 15.26 -0.63 53.83
N ASP D 253 15.61 0.41 53.06
CA ASP D 253 14.97 1.72 53.21
C ASP D 253 15.30 2.55 51.98
N VAL D 254 14.43 3.52 51.69
CA VAL D 254 14.51 4.32 50.48
C VAL D 254 14.07 5.75 50.76
N ALA D 255 14.77 6.71 50.17
CA ALA D 255 14.42 8.11 50.25
C ALA D 255 15.19 8.85 49.17
N LEU D 256 14.53 9.78 48.50
CA LEU D 256 15.11 10.51 47.39
C LEU D 256 15.53 11.91 47.83
N ARG D 257 16.49 12.47 47.09
CA ARG D 257 17.08 13.74 47.49
C ARG D 257 16.16 14.92 47.26
N ASN D 258 15.82 15.18 46.00
CA ASN D 258 15.06 16.37 45.63
C ASN D 258 13.64 15.97 45.26
N VAL D 259 12.67 16.42 46.05
CA VAL D 259 11.29 16.00 45.87
C VAL D 259 10.78 16.37 44.50
N GLU D 260 11.30 17.44 43.90
CA GLU D 260 10.83 17.87 42.59
C GLU D 260 11.53 17.16 41.44
N SER D 261 12.14 16.01 41.68
CA SER D 261 12.76 15.25 40.62
C SER D 261 11.84 14.19 40.03
N ILE D 262 10.65 14.01 40.59
CA ILE D 262 9.72 12.99 40.15
C ILE D 262 8.33 13.63 40.07
N LYS D 263 7.48 13.10 39.19
CA LYS D 263 6.10 13.52 39.10
C LYS D 263 5.22 12.30 38.89
N TRP D 264 3.97 12.40 39.34
CA TRP D 264 3.05 11.28 39.27
C TRP D 264 1.85 11.62 38.40
N GLY D 265 1.23 10.58 37.85
CA GLY D 265 0.23 10.73 36.81
C GLY D 265 -1.21 10.76 37.29
N VAL D 266 -1.57 9.88 38.21
CA VAL D 266 -2.87 9.82 38.88
C VAL D 266 -4.02 10.06 37.90
N PRO D 267 -4.35 9.09 37.05
CA PRO D 267 -5.48 9.28 36.14
C PRO D 267 -6.78 9.45 36.92
N ALA D 268 -7.62 10.33 36.40
CA ALA D 268 -8.90 10.60 37.03
C ALA D 268 -9.92 11.06 36.00
N GLY E 1 31.23 62.89 50.87
CA GLY E 1 31.80 62.67 49.55
C GLY E 1 30.85 62.02 48.56
N GLY E 2 29.54 62.13 48.83
CA GLY E 2 28.56 61.55 47.93
C GLY E 2 28.56 62.21 46.58
N VAL E 3 28.03 61.51 45.59
CA VAL E 3 28.10 61.97 44.21
C VAL E 3 27.01 63.01 43.95
N LEU E 4 27.36 64.27 44.18
CA LEU E 4 26.51 65.44 43.98
C LEU E 4 27.43 66.61 43.62
N VAL E 5 26.94 67.84 43.81
CA VAL E 5 27.78 69.02 43.74
C VAL E 5 29.10 68.82 44.49
N ALA E 6 29.08 68.11 45.62
CA ALA E 6 30.30 67.84 46.35
C ALA E 6 31.19 66.82 45.65
N GLN E 7 30.75 66.26 44.53
CA GLN E 7 31.61 65.34 43.77
C GLN E 7 31.47 65.62 42.28
N ASP E 8 31.86 66.81 41.85
CA ASP E 8 31.74 67.16 40.44
C ASP E 8 32.98 66.79 39.61
N TYR E 9 34.03 66.36 40.31
CA TYR E 9 35.27 66.03 39.61
C TYR E 9 35.21 64.86 38.64
N ARG E 10 34.37 63.88 38.88
CA ARG E 10 34.33 62.71 38.02
C ARG E 10 34.08 63.13 36.60
N ALA E 11 34.83 62.57 35.65
CA ALA E 11 34.73 63.01 34.27
C ALA E 11 33.73 62.30 33.37
N GLY E 12 33.69 62.72 32.11
CA GLY E 12 32.76 62.14 31.15
C GLY E 12 33.51 61.48 30.00
N SER E 13 33.66 60.16 30.06
CA SER E 13 34.47 59.46 29.08
C SER E 13 33.79 59.42 27.73
N PHE E 14 34.57 59.70 26.68
CA PHE E 14 34.08 59.69 25.31
C PHE E 14 34.87 58.66 24.52
N ILE E 15 34.18 57.63 24.04
CA ILE E 15 34.81 56.55 23.28
C ILE E 15 34.38 56.68 21.82
N GLU E 16 35.33 56.49 20.91
CA GLU E 16 35.06 56.69 19.48
C GLU E 16 34.78 55.37 18.79
N LEU E 17 33.73 54.70 19.26
CA LEU E 17 33.14 53.55 18.59
C LEU E 17 31.74 53.97 18.20
N LEU E 18 31.65 54.65 17.06
CA LEU E 18 30.35 55.14 16.57
C LEU E 18 29.51 54.02 15.99
N ARG E 19 28.22 54.28 15.80
CA ARG E 19 27.34 53.27 15.24
C ARG E 19 26.81 53.73 13.90
N ASN E 20 27.01 52.91 12.87
CA ASN E 20 26.55 53.26 11.53
C ASN E 20 25.04 53.18 11.41
N ARG E 21 24.46 54.08 10.61
CA ARG E 21 23.02 54.04 10.41
C ARG E 21 22.67 52.81 9.58
N MET E 22 21.82 51.93 10.13
CA MET E 22 21.44 50.72 9.43
C MET E 22 20.79 51.07 8.10
N ALA E 23 21.43 50.63 7.02
CA ALA E 23 21.01 50.96 5.67
C ALA E 23 20.30 49.77 5.03
N LEU E 24 19.97 49.92 3.75
CA LEU E 24 19.24 48.92 3.00
C LEU E 24 20.22 48.06 2.18
N ALA E 25 19.68 47.25 1.27
CA ALA E 25 20.48 46.43 0.39
C ALA E 25 20.25 46.86 -1.07
N GLY E 26 20.95 46.20 -1.98
CA GLY E 26 20.93 46.64 -3.38
C GLY E 26 20.49 45.62 -4.41
N VAL E 27 21.34 45.39 -5.41
CA VAL E 27 21.01 44.52 -6.54
C VAL E 27 22.30 44.10 -7.22
N GLY E 28 22.33 42.87 -7.72
CA GLY E 28 23.54 42.33 -8.30
C GLY E 28 23.38 41.51 -9.57
N VAL E 29 22.44 41.88 -10.46
CA VAL E 29 22.16 41.07 -11.64
C VAL E 29 22.06 41.89 -12.93
N ARG E 30 22.18 43.21 -12.87
CA ARG E 30 21.91 44.06 -14.03
C ARG E 30 23.19 44.32 -14.82
N ILE E 31 23.13 45.27 -15.75
CA ILE E 31 24.23 45.61 -16.64
C ILE E 31 24.26 47.13 -16.84
N LEU E 32 25.45 47.68 -17.05
CA LEU E 32 25.61 49.12 -17.13
C LEU E 32 26.86 49.46 -17.96
N GLN E 33 27.19 50.75 -18.02
CA GLN E 33 28.25 51.23 -18.88
C GLN E 33 28.61 52.67 -18.53
N GLY E 34 29.78 53.10 -18.99
CA GLY E 34 30.22 54.48 -18.85
C GLY E 34 30.39 55.10 -20.22
N LEU E 35 29.76 56.26 -20.43
CA LEU E 35 29.55 56.78 -21.77
C LEU E 35 29.55 58.31 -21.77
N THR E 36 29.29 58.88 -22.94
CA THR E 36 29.17 60.31 -23.12
C THR E 36 28.30 60.59 -24.34
N GLY E 37 27.58 61.71 -24.28
CA GLY E 37 26.62 62.03 -25.33
C GLY E 37 25.44 61.08 -25.30
N ASN E 38 24.37 61.47 -25.97
CA ASN E 38 23.18 60.64 -26.01
C ASN E 38 23.51 59.27 -26.59
N VAL E 39 22.67 58.29 -26.27
CA VAL E 39 22.87 56.93 -26.73
C VAL E 39 21.53 56.34 -27.13
N ASP E 40 21.57 55.46 -28.12
CA ASP E 40 20.41 54.69 -28.53
C ASP E 40 20.89 53.49 -29.33
N ILE E 41 20.08 52.44 -29.33
CA ILE E 41 20.44 51.19 -29.99
C ILE E 41 19.25 50.69 -30.78
N PRO E 42 19.47 50.06 -31.93
CA PRO E 42 18.35 49.62 -32.76
C PRO E 42 17.79 48.30 -32.28
N LYS E 43 16.47 48.16 -32.43
CA LYS E 43 15.78 46.97 -31.98
C LYS E 43 14.79 46.52 -33.03
N ARG E 44 15.01 45.35 -33.60
CA ARG E 44 14.09 44.80 -34.57
C ARG E 44 12.76 44.52 -33.92
N THR E 45 11.66 44.90 -34.58
CA THR E 45 10.33 44.72 -34.03
C THR E 45 9.33 44.22 -35.05
N GLY E 46 9.78 43.74 -36.19
CA GLY E 46 8.89 43.24 -37.22
C GLY E 46 9.44 41.97 -37.83
N ALA E 47 8.52 41.07 -38.17
CA ALA E 47 8.87 39.78 -38.76
C ALA E 47 8.29 39.69 -40.16
N SER E 48 9.08 39.18 -41.09
CA SER E 48 8.63 39.02 -42.45
C SER E 48 7.65 37.87 -42.55
N THR E 49 6.45 38.15 -43.06
CA THR E 49 5.41 37.15 -43.15
C THR E 49 5.72 36.15 -44.27
N MET E 50 4.95 35.06 -44.28
CA MET E 50 5.07 34.04 -45.31
C MET E 50 3.73 33.85 -46.00
N TYR E 51 3.77 33.22 -47.17
CA TYR E 51 2.57 32.96 -47.95
C TYR E 51 2.65 31.59 -48.57
N PHE E 52 1.49 30.98 -48.79
CA PHE E 52 1.37 29.76 -49.57
C PHE E 52 0.80 30.13 -50.93
N VAL E 53 1.53 29.78 -51.98
CA VAL E 53 1.17 30.17 -53.33
C VAL E 53 0.53 28.98 -54.03
N ASP E 54 -0.13 29.28 -55.14
CA ASP E 54 -0.73 28.25 -55.98
C ASP E 54 0.36 27.64 -56.84
N GLU E 55 -0.04 26.93 -57.90
CA GLU E 55 0.94 26.27 -58.77
C GLU E 55 1.92 27.27 -59.38
N ASP E 56 1.40 28.33 -59.99
CA ASP E 56 2.27 29.35 -60.55
C ASP E 56 1.84 30.73 -60.08
N VAL E 57 2.05 31.02 -58.81
CA VAL E 57 1.69 32.33 -58.27
C VAL E 57 2.90 32.91 -57.56
N ASP E 58 3.20 34.19 -57.81
CA ASP E 58 4.32 34.83 -57.12
C ASP E 58 4.03 35.09 -55.66
N VAL E 59 5.02 34.88 -54.80
CA VAL E 59 4.84 35.19 -53.39
C VAL E 59 4.85 36.71 -53.23
N THR E 60 3.87 37.23 -52.48
CA THR E 60 3.77 38.68 -52.30
C THR E 60 4.87 39.21 -51.40
N GLU E 61 5.59 40.23 -51.86
CA GLU E 61 6.64 40.82 -51.04
C GLU E 61 6.07 41.52 -49.82
N SER E 62 6.73 41.38 -48.68
CA SER E 62 6.26 42.01 -47.45
C SER E 62 7.43 42.57 -46.67
N ASP E 63 7.18 43.50 -45.76
CA ASP E 63 8.29 44.16 -45.07
C ASP E 63 8.22 44.16 -43.56
N GLY E 64 9.37 44.27 -42.91
CA GLY E 64 9.41 44.33 -41.45
C GLY E 64 9.78 45.70 -40.92
N ALA E 65 9.34 46.03 -39.71
CA ALA E 65 9.63 47.32 -39.11
C ALA E 65 10.81 47.22 -38.15
N PHE E 66 11.40 48.37 -37.87
CA PHE E 66 12.53 48.46 -36.96
C PHE E 66 12.24 49.51 -35.90
N GLY E 67 12.73 49.27 -34.69
CA GLY E 67 12.54 50.19 -33.58
C GLY E 67 13.87 50.61 -33.00
N LEU E 68 13.88 51.79 -32.41
CA LEU E 68 15.09 52.39 -31.85
C LEU E 68 14.81 52.80 -30.41
N VAL E 69 15.61 52.27 -29.48
CA VAL E 69 15.46 52.56 -28.06
C VAL E 69 16.70 53.28 -27.57
N GLY E 70 16.50 54.34 -26.80
CA GLY E 70 17.61 55.14 -26.33
C GLY E 70 17.25 55.84 -25.03
N MET E 71 18.25 56.54 -24.48
CA MET E 71 18.10 57.21 -23.20
C MET E 71 18.87 58.51 -23.21
N THR E 72 18.64 59.32 -22.18
CA THR E 72 19.27 60.62 -22.02
C THR E 72 19.59 60.85 -20.54
N PRO E 73 20.76 61.42 -20.24
CA PRO E 73 21.21 61.47 -18.84
C PRO E 73 20.35 62.41 -18.02
N HIS E 74 19.80 61.89 -16.93
CA HIS E 74 19.18 62.69 -15.90
C HIS E 74 20.19 62.94 -14.78
N THR E 75 19.99 64.03 -14.06
CA THR E 75 20.94 64.45 -13.03
C THR E 75 20.36 64.24 -11.64
N ALA E 76 21.25 64.12 -10.66
CA ALA E 76 20.84 63.90 -9.29
C ALA E 76 22.02 64.18 -8.37
N GLY E 77 21.72 64.75 -7.21
CA GLY E 77 22.78 65.10 -6.28
C GLY E 77 22.24 65.33 -4.90
N VAL E 78 23.38 65.59 -3.99
CA VAL E 78 23.04 65.79 -2.59
C VAL E 78 24.09 66.70 -1.98
N ALA E 79 23.49 67.38 -0.89
CA ALA E 79 24.38 68.38 -0.31
C ALA E 79 24.02 68.62 1.15
N THR E 80 25.04 68.87 1.96
CA THR E 80 24.87 69.13 3.38
C THR E 80 25.89 70.17 3.81
N ALA E 81 25.51 71.03 4.75
CA ALA E 81 26.34 72.15 5.16
C ALA E 81 26.91 71.93 6.54
N ILE E 82 28.11 72.48 6.78
CA ILE E 82 28.77 72.42 8.06
C ILE E 82 29.06 73.84 8.52
N THR E 83 28.91 74.11 9.81
CA THR E 83 29.29 75.40 10.33
C THR E 83 30.76 75.39 10.76
N ARG E 84 31.22 76.49 11.32
CA ARG E 84 32.63 76.63 11.63
C ARG E 84 32.97 76.02 12.98
N ARG E 85 32.22 76.37 14.02
CA ARG E 85 32.49 75.83 15.34
C ARG E 85 32.40 74.32 15.35
N MET E 86 31.32 73.76 14.79
CA MET E 86 31.15 72.32 14.74
C MET E 86 32.29 71.63 14.02
N MET E 87 33.05 72.37 13.21
CA MET E 87 34.25 71.82 12.61
C MET E 87 35.46 72.01 13.49
N GLN E 88 35.48 73.07 14.29
CA GLN E 88 36.59 73.31 15.21
C GLN E 88 36.68 72.29 16.31
N GLN E 89 35.60 72.06 17.05
CA GLN E 89 35.58 71.12 18.16
C GLN E 89 34.68 69.94 17.79
N GLY E 90 35.24 68.96 17.09
CA GLY E 90 34.50 67.77 16.74
C GLY E 90 35.19 66.54 17.29
N SER E 91 34.44 65.69 17.98
CA SER E 91 35.09 64.59 18.70
C SER E 91 35.63 63.54 17.75
N PRO E 92 34.86 63.03 16.78
CA PRO E 92 35.52 62.45 15.60
C PRO E 92 35.62 63.52 14.53
N ASP E 93 36.32 63.27 13.43
CA ASP E 93 36.50 64.31 12.44
C ASP E 93 35.19 64.47 11.67
N ILE E 94 34.50 65.60 11.89
CA ILE E 94 33.16 65.79 11.36
C ILE E 94 33.13 65.69 9.83
N GLU E 95 34.11 66.29 9.15
CA GLU E 95 34.10 66.24 7.70
C GLU E 95 34.23 64.81 7.19
N ALA E 96 35.00 63.98 7.88
CA ALA E 96 35.07 62.57 7.52
C ALA E 96 33.72 61.90 7.61
N LEU E 97 32.98 62.17 8.69
CA LEU E 97 31.64 61.60 8.84
C LEU E 97 30.74 62.01 7.70
N VAL E 98 30.69 63.30 7.37
CA VAL E 98 29.75 63.70 6.33
C VAL E 98 30.20 63.20 4.96
N ARG E 99 31.51 63.15 4.72
CA ARG E 99 31.98 62.65 3.44
C ARG E 99 31.76 61.16 3.28
N ASP E 100 31.73 60.41 4.37
CA ASP E 100 31.40 58.99 4.28
C ASP E 100 29.92 58.71 4.37
N ASP E 101 29.13 59.69 4.79
CA ASP E 101 27.69 59.55 4.71
C ASP E 101 27.14 59.85 3.33
N LEU E 102 27.62 60.94 2.72
CA LEU E 102 27.03 61.40 1.46
C LEU E 102 27.15 60.36 0.35
N LEU E 103 28.31 59.73 0.21
CA LEU E 103 28.50 58.80 -0.90
C LEU E 103 27.53 57.64 -0.81
N THR E 104 27.39 57.04 0.38
CA THR E 104 26.45 55.94 0.53
C THR E 104 25.00 56.40 0.40
N SER E 105 24.66 57.54 0.98
CA SER E 105 23.30 58.05 0.86
C SER E 105 22.93 58.40 -0.56
N LEU E 106 23.92 58.61 -1.43
CA LEU E 106 23.64 58.83 -2.83
C LEU E 106 23.59 57.54 -3.63
N THR E 107 24.50 56.61 -3.36
CA THR E 107 24.43 55.32 -4.05
C THR E 107 23.11 54.62 -3.77
N LEU E 108 22.69 54.58 -2.51
CA LEU E 108 21.44 53.93 -2.15
C LEU E 108 20.22 54.70 -2.59
N GLY E 109 20.38 55.94 -3.04
CA GLY E 109 19.26 56.68 -3.60
C GLY E 109 19.19 56.44 -5.09
N LEU E 110 20.35 56.36 -5.73
CA LEU E 110 20.40 56.05 -7.16
C LEU E 110 19.81 54.67 -7.43
N ASP E 111 20.25 53.66 -6.68
CA ASP E 111 19.68 52.34 -6.85
C ASP E 111 18.18 52.34 -6.55
N LYS E 112 17.76 53.00 -5.47
CA LYS E 112 16.36 53.09 -5.12
C LYS E 112 15.52 53.66 -6.24
N THR E 113 15.97 54.75 -6.85
CA THR E 113 15.19 55.34 -7.92
C THR E 113 15.32 54.59 -9.24
N ALA E 114 16.39 53.80 -9.42
CA ALA E 114 16.48 52.97 -10.60
C ALA E 114 15.47 51.84 -10.53
N LEU E 115 15.35 51.19 -9.38
CA LEU E 115 14.43 50.08 -9.26
C LEU E 115 12.99 50.58 -9.30
N VAL E 116 12.63 51.41 -8.33
CA VAL E 116 11.30 52.03 -8.28
C VAL E 116 11.44 53.47 -8.73
N GLY E 117 10.53 53.91 -9.59
CA GLY E 117 10.59 55.26 -10.09
C GLY E 117 10.37 56.27 -8.98
N HIS E 118 11.19 57.31 -8.99
CA HIS E 118 11.03 58.40 -8.03
C HIS E 118 9.78 59.21 -8.37
N SER E 119 9.14 59.77 -7.35
CA SER E 119 7.91 60.53 -7.53
C SER E 119 8.23 62.02 -7.60
N SER E 120 8.85 62.40 -8.72
CA SER E 120 9.22 63.79 -8.96
C SER E 120 9.49 63.97 -10.44
N PRO E 121 9.08 65.09 -11.02
CA PRO E 121 9.46 65.37 -12.40
C PRO E 121 10.97 65.53 -12.52
N SER E 122 11.46 65.43 -13.75
CA SER E 122 12.89 65.47 -14.04
C SER E 122 13.62 64.35 -13.30
N ALA E 123 12.93 63.26 -13.05
CA ALA E 123 13.56 62.09 -12.48
C ALA E 123 13.46 60.92 -13.44
N PRO E 124 14.49 60.09 -13.51
CA PRO E 124 14.48 58.99 -14.49
C PRO E 124 13.29 58.07 -14.28
N ASN E 125 12.84 57.49 -15.37
CA ASN E 125 11.75 56.52 -15.31
C ASN E 125 12.27 55.22 -14.73
N GLY E 126 11.84 54.87 -13.53
CA GLY E 126 12.23 53.62 -12.93
C GLY E 126 11.59 52.45 -13.65
N VAL E 127 12.12 51.25 -13.34
CA VAL E 127 11.56 50.05 -13.94
C VAL E 127 10.08 49.93 -13.61
N ARG E 128 9.67 50.33 -12.41
CA ARG E 128 8.25 50.34 -12.10
C ARG E 128 7.48 51.24 -13.05
N ASP E 129 8.05 52.39 -13.40
CA ASP E 129 7.35 53.34 -14.26
C ASP E 129 7.02 52.75 -15.62
N LEU E 130 7.82 51.82 -16.11
CA LEU E 130 7.68 51.33 -17.47
C LEU E 130 6.82 50.08 -17.59
N VAL E 131 6.63 49.34 -16.50
CA VAL E 131 5.84 48.12 -16.54
C VAL E 131 4.62 48.21 -15.65
N ILE E 132 4.34 49.37 -15.07
CA ILE E 132 3.18 49.50 -14.19
C ILE E 132 1.88 49.44 -14.97
N GLY E 133 1.91 49.71 -16.28
CA GLY E 133 0.71 49.59 -17.07
C GLY E 133 0.26 48.16 -17.24
N ASP E 134 1.20 47.22 -17.28
CA ASP E 134 0.92 45.80 -17.39
C ASP E 134 0.88 45.12 -16.03
N ALA E 135 0.48 45.84 -15.00
CA ALA E 135 0.48 45.31 -13.65
C ALA E 135 -0.56 44.21 -13.52
N LEU E 136 -0.47 43.47 -12.41
CA LEU E 136 -1.34 42.32 -12.17
C LEU E 136 -1.82 42.35 -10.73
N PRO E 137 -3.07 42.76 -10.47
CA PRO E 137 -3.54 42.88 -9.08
C PRO E 137 -3.47 41.56 -8.34
N PHE E 138 -3.69 41.65 -7.03
CA PHE E 138 -3.47 40.53 -6.12
C PHE E 138 -4.68 40.15 -5.28
N THR E 139 -5.82 40.80 -5.48
CA THR E 139 -7.10 40.47 -4.85
C THR E 139 -7.01 40.29 -3.34
N GLY E 140 -5.93 40.77 -2.73
CA GLY E 140 -5.77 40.70 -1.29
C GLY E 140 -4.62 41.56 -0.82
N PRO E 141 -4.40 41.58 0.50
CA PRO E 141 -3.25 42.35 1.01
C PRO E 141 -1.93 41.77 0.57
N PHE E 142 -1.82 40.45 0.50
CA PHE E 142 -0.63 39.78 0.03
C PHE E 142 -1.02 38.82 -1.08
N ALA E 143 -0.01 38.25 -1.72
CA ALA E 143 -0.26 37.36 -2.85
C ALA E 143 -0.11 35.91 -2.44
N THR E 144 -1.00 35.08 -2.95
CA THR E 144 -0.95 33.64 -2.70
C THR E 144 0.00 32.99 -3.70
N PHE E 145 0.16 31.68 -3.61
CA PHE E 145 1.03 30.98 -4.54
C PHE E 145 0.53 31.08 -5.96
N GLU E 146 -0.80 31.19 -6.15
CA GLU E 146 -1.34 31.27 -7.49
C GLU E 146 -0.78 32.46 -8.25
N GLU E 147 -0.86 33.65 -7.69
CA GLU E 147 -0.29 34.81 -8.36
C GLU E 147 1.22 34.74 -8.46
N LEU E 148 1.87 34.11 -7.48
CA LEU E 148 3.31 33.94 -7.54
C LEU E 148 3.74 33.15 -8.76
N VAL E 149 2.96 32.14 -9.15
CA VAL E 149 3.28 31.45 -10.40
C VAL E 149 2.67 32.16 -11.60
N ASP E 150 1.64 32.97 -11.38
CA ASP E 150 1.01 33.70 -12.47
C ASP E 150 1.96 34.72 -13.08
N LEU E 151 2.77 35.38 -12.24
CA LEU E 151 3.73 36.31 -12.78
C LEU E 151 4.71 35.62 -13.72
N GLU E 152 5.27 34.49 -13.29
CA GLU E 152 6.19 33.75 -14.14
C GLU E 152 5.50 33.28 -15.41
N THR E 153 4.25 32.82 -15.32
CA THR E 153 3.52 32.42 -16.51
C THR E 153 3.41 33.58 -17.49
N ALA E 154 2.86 34.70 -17.03
CA ALA E 154 2.67 35.86 -17.89
C ALA E 154 3.99 36.42 -18.43
N VAL E 155 5.11 36.13 -17.78
CA VAL E 155 6.39 36.54 -18.38
C VAL E 155 6.81 35.55 -19.46
N ALA E 156 6.85 34.26 -19.14
CA ALA E 156 7.24 33.27 -20.14
C ALA E 156 6.22 33.16 -21.27
N SER E 157 5.02 33.70 -21.09
CA SER E 157 4.02 33.66 -22.14
C SER E 157 4.30 34.65 -23.27
N ALA E 158 5.48 35.26 -23.30
CA ALA E 158 5.87 36.16 -24.36
C ALA E 158 7.24 35.79 -24.91
N ASN E 159 7.61 34.52 -24.80
CA ASN E 159 8.86 33.98 -25.31
C ASN E 159 10.09 34.62 -24.68
N ALA E 160 9.91 35.52 -23.72
CA ALA E 160 10.99 36.32 -23.18
C ALA E 160 11.63 35.70 -21.97
N ASP E 161 11.41 34.41 -21.73
CA ASP E 161 11.93 33.77 -20.54
C ASP E 161 13.35 33.27 -20.78
N VAL E 162 14.13 33.22 -19.71
CA VAL E 162 15.46 32.62 -19.73
C VAL E 162 15.67 31.98 -18.37
N ASP E 163 16.55 30.99 -18.31
CA ASP E 163 16.71 30.19 -17.10
C ASP E 163 17.04 31.05 -15.87
N SER E 164 17.85 32.09 -16.04
CA SER E 164 18.33 32.89 -14.92
C SER E 164 17.36 34.04 -14.68
N MET E 165 16.44 33.84 -13.75
CA MET E 165 15.48 34.86 -13.36
C MET E 165 15.54 35.06 -11.86
N ALA E 166 14.70 35.93 -11.34
CA ALA E 166 14.71 36.21 -9.91
C ALA E 166 13.47 36.97 -9.53
N TYR E 167 13.00 36.71 -8.31
CA TYR E 167 11.95 37.49 -7.67
C TYR E 167 12.58 38.59 -6.84
N ILE E 168 11.81 39.65 -6.58
CA ILE E 168 12.24 40.74 -5.72
C ILE E 168 11.02 41.23 -4.96
N TYR E 169 11.11 41.21 -3.64
CA TYR E 169 9.99 41.65 -2.82
C TYR E 169 10.48 42.24 -1.52
N ASN E 170 9.64 43.08 -0.94
CA ASN E 170 9.95 43.77 0.31
C ASN E 170 10.18 42.75 1.42
N ALA E 171 10.99 43.01 2.44
CA ALA E 171 11.12 42.05 3.57
C ALA E 171 9.79 41.50 4.18
N ALA E 172 8.77 42.35 4.26
CA ALA E 172 7.48 41.92 4.81
C ALA E 172 6.83 40.84 3.95
N THR E 173 6.95 40.99 2.63
CA THR E 173 6.41 39.98 1.73
C THR E 173 7.13 38.66 1.96
N SER E 174 8.44 38.71 2.19
CA SER E 174 9.21 37.50 2.49
C SER E 174 8.71 36.85 3.76
N GLY E 175 8.46 37.65 4.79
CA GLY E 175 7.92 37.08 6.01
C GLY E 175 6.57 36.41 5.79
N HIS E 176 5.72 37.05 5.00
CA HIS E 176 4.41 36.45 4.71
C HIS E 176 4.55 35.14 3.94
N PHE E 177 5.49 35.09 3.00
CA PHE E 177 5.71 33.88 2.22
C PHE E 177 6.16 32.78 3.16
N LYS E 178 7.01 33.15 4.12
CA LYS E 178 7.45 32.18 5.11
C LYS E 178 6.30 31.65 5.97
N LYS E 179 5.35 32.50 6.36
CA LYS E 179 4.30 31.96 7.26
C LYS E 179 3.05 31.24 6.69
N THR E 180 3.02 30.83 5.41
CA THR E 180 1.82 30.27 4.81
C THR E 180 2.19 29.12 3.89
N LEU E 181 1.18 28.30 3.60
CA LEU E 181 1.32 27.14 2.73
C LEU E 181 0.82 27.49 1.33
N GLU E 182 1.36 26.79 0.33
CA GLU E 182 0.87 27.02 -1.02
C GLU E 182 -0.43 26.25 -1.27
N PHE E 183 -0.52 25.06 -0.72
CA PHE E 183 -1.73 24.28 -0.80
C PHE E 183 -1.82 23.86 0.65
N ALA E 184 -3.02 23.83 1.22
CA ALA E 184 -3.12 23.55 2.65
C ALA E 184 -2.54 22.19 2.97
N GLY E 185 -2.84 21.20 2.15
CA GLY E 185 -2.28 19.89 2.36
C GLY E 185 -0.79 19.72 2.21
N VAL E 186 -0.21 20.35 1.19
CA VAL E 186 1.21 20.15 0.92
C VAL E 186 2.13 20.75 1.98
N SER E 187 3.24 20.06 2.24
CA SER E 187 4.23 20.58 3.19
C SER E 187 5.06 21.68 2.54
N GLY E 188 5.68 22.53 3.35
CA GLY E 188 6.53 23.58 2.81
C GLY E 188 5.88 24.94 2.70
N THR E 189 6.68 25.98 2.60
CA THR E 189 6.15 27.34 2.56
C THR E 189 6.46 28.01 1.24
N ILE E 190 5.71 29.04 0.90
CA ILE E 190 5.96 29.78 -0.34
C ILE E 190 7.44 30.13 -0.49
N GLU E 191 8.15 30.33 0.63
CA GLU E 191 9.56 30.67 0.56
C GLU E 191 10.43 29.53 1.07
N ARG E 192 10.03 28.30 0.81
CA ARG E 192 10.81 27.15 1.21
C ARG E 192 12.25 27.26 0.73
N GLY E 193 13.19 27.09 1.65
CA GLY E 193 14.58 27.20 1.27
C GLY E 193 14.91 28.61 0.81
N GLY E 194 15.91 28.69 -0.06
CA GLY E 194 16.28 29.98 -0.62
C GLY E 194 15.48 30.36 -1.84
N GLN E 195 14.85 29.38 -2.49
CA GLN E 195 14.07 29.64 -3.69
C GLN E 195 12.65 30.05 -3.32
N VAL E 196 11.83 30.30 -4.34
CA VAL E 196 10.41 30.51 -4.14
C VAL E 196 9.64 29.57 -5.04
N ASN E 197 9.92 29.62 -6.34
CA ASN E 197 9.27 28.79 -7.33
C ASN E 197 10.31 28.17 -8.24
N GLY E 198 11.36 27.63 -7.64
CA GLY E 198 12.49 27.11 -8.37
C GLY E 198 13.52 28.14 -8.73
N TYR E 199 13.15 29.42 -8.77
CA TYR E 199 14.09 30.49 -9.05
C TYR E 199 14.55 31.14 -7.76
N ASN E 200 15.58 31.97 -7.87
CA ASN E 200 16.12 32.65 -6.71
C ASN E 200 15.20 33.78 -6.28
N ARG E 201 15.59 34.44 -5.20
CA ARG E 201 14.90 35.62 -4.70
C ARG E 201 15.91 36.50 -3.99
N VAL E 202 15.71 37.81 -4.07
CA VAL E 202 16.48 38.76 -3.27
C VAL E 202 15.50 39.75 -2.66
N LYS E 203 15.62 39.94 -1.35
CA LYS E 203 14.74 40.84 -0.64
C LYS E 203 15.52 42.07 -0.21
N SER E 204 14.83 43.21 -0.22
CA SER E 204 15.44 44.47 0.15
C SER E 204 14.32 45.47 0.39
N ASN E 205 14.48 46.26 1.44
CA ASN E 205 13.46 47.22 1.81
C ASN E 205 13.40 48.41 0.85
N GLN E 206 14.15 48.36 -0.25
CA GLN E 206 14.01 49.40 -1.27
C GLN E 206 12.56 49.53 -1.72
N ILE E 207 11.92 48.42 -2.06
CA ILE E 207 10.49 48.46 -2.32
C ILE E 207 9.78 48.88 -1.05
N THR E 208 9.16 50.05 -1.09
CA THR E 208 8.66 50.64 0.15
C THR E 208 7.32 50.06 0.58
N THR E 209 6.43 49.75 -0.37
CA THR E 209 5.08 49.36 -0.02
C THR E 209 5.06 47.96 0.57
N ALA E 210 3.85 47.46 0.84
CA ALA E 210 3.70 46.25 1.63
C ALA E 210 4.01 44.99 0.82
N GLY E 211 3.23 44.74 -0.22
CA GLY E 211 3.30 43.44 -0.87
C GLY E 211 3.63 43.46 -2.34
N GLU E 212 4.16 44.57 -2.85
CA GLU E 212 4.58 44.60 -4.23
C GLU E 212 5.72 43.62 -4.46
N VAL E 213 5.67 42.90 -5.57
CA VAL E 213 6.67 41.91 -5.90
C VAL E 213 6.90 41.95 -7.40
N ALA E 214 8.16 41.86 -7.81
CA ALA E 214 8.54 41.90 -9.20
C ALA E 214 9.24 40.61 -9.59
N PHE E 215 9.16 40.29 -10.87
CA PHE E 215 9.79 39.07 -11.38
C PHE E 215 10.15 39.27 -12.84
N GLY E 216 11.18 38.57 -13.26
CA GLY E 216 11.53 38.53 -14.66
C GLY E 216 13.04 38.58 -14.86
N ASN E 217 13.43 38.34 -16.10
CA ASN E 217 14.84 38.37 -16.48
C ASN E 217 15.39 39.76 -16.22
N TRP E 218 16.32 39.85 -15.26
CA TRP E 218 16.85 41.15 -14.85
C TRP E 218 18.05 41.58 -15.65
N SER E 219 18.68 40.70 -16.41
CA SER E 219 19.79 41.08 -17.25
C SER E 219 19.34 41.84 -18.49
N ASP E 220 18.08 42.27 -18.52
CA ASP E 220 17.52 43.03 -19.62
C ASP E 220 17.34 44.49 -19.28
N VAL E 221 18.13 45.02 -18.35
CA VAL E 221 18.00 46.39 -17.89
C VAL E 221 19.38 47.03 -17.93
N VAL E 222 19.54 48.05 -18.75
CA VAL E 222 20.80 48.76 -18.88
C VAL E 222 20.72 50.07 -18.12
N ILE E 223 21.85 50.49 -17.58
CA ILE E 223 21.94 51.70 -16.78
C ILE E 223 23.05 52.56 -17.36
N GLY E 224 22.75 53.83 -17.61
CA GLY E 224 23.73 54.73 -18.17
C GLY E 224 24.45 55.58 -17.14
N MET E 225 25.70 55.26 -16.88
CA MET E 225 26.51 55.99 -15.91
C MET E 225 27.38 56.99 -16.67
N TRP E 226 26.87 58.21 -16.83
CA TRP E 226 27.65 59.24 -17.52
C TRP E 226 28.88 59.63 -16.72
N SER E 227 28.68 60.07 -15.48
CA SER E 227 29.77 60.55 -14.66
C SER E 227 29.90 59.72 -13.39
N GLY E 228 31.10 59.71 -12.83
CA GLY E 228 31.34 59.07 -11.56
C GLY E 228 30.67 59.82 -10.43
N LEU E 229 31.15 59.54 -9.21
CA LEU E 229 30.64 60.22 -8.03
C LEU E 229 31.45 61.50 -7.82
N ASP E 230 30.97 62.59 -8.40
CA ASP E 230 31.68 63.85 -8.32
C ASP E 230 31.57 64.43 -6.92
N LEU E 231 32.71 64.69 -6.30
CA LEU E 231 32.77 65.30 -4.97
C LEU E 231 33.21 66.75 -5.12
N ARG E 232 32.54 67.65 -4.41
CA ARG E 232 32.81 69.07 -4.49
C ARG E 232 32.78 69.68 -3.11
N VAL E 233 33.85 70.37 -2.75
CA VAL E 233 33.95 71.12 -1.50
C VAL E 233 33.71 72.58 -1.82
N ASP E 234 32.68 73.15 -1.22
CA ASP E 234 32.28 74.53 -1.48
C ASP E 234 32.50 75.32 -0.20
N THR E 235 33.41 76.29 -0.26
CA THR E 235 33.66 77.19 0.86
C THR E 235 33.05 78.56 0.67
N SER E 236 32.74 78.94 -0.56
CA SER E 236 32.31 80.29 -0.87
C SER E 236 30.80 80.47 -0.90
N THR E 237 30.03 79.40 -0.64
CA THR E 237 28.58 79.56 -0.63
C THR E 237 28.14 80.44 0.52
N LYS E 238 28.58 80.14 1.74
CA LYS E 238 28.34 80.99 2.89
C LYS E 238 29.67 81.20 3.61
N ALA E 239 30.42 82.20 3.15
CA ALA E 239 31.64 82.60 3.83
C ALA E 239 31.41 83.74 4.79
N ALA E 240 30.23 84.36 4.76
CA ALA E 240 29.90 85.39 5.74
C ALA E 240 29.87 84.86 7.15
N SER E 241 29.85 83.54 7.32
CA SER E 241 29.98 82.91 8.63
C SER E 241 31.06 81.84 8.63
N ASP E 242 31.89 81.80 7.59
CA ASP E 242 33.02 80.88 7.51
C ASP E 242 32.58 79.42 7.61
N GLY E 243 31.45 79.12 7.01
CA GLY E 243 30.95 77.75 7.02
C GLY E 243 30.91 77.13 5.64
N LYS E 244 31.68 76.06 5.45
CA LYS E 244 31.73 75.41 4.16
C LYS E 244 30.47 74.59 3.93
N VAL E 245 30.43 73.90 2.79
CA VAL E 245 29.31 73.03 2.45
C VAL E 245 29.79 72.04 1.42
N LEU E 246 29.37 70.78 1.57
CA LEU E 246 29.81 69.70 0.72
C LEU E 246 28.69 69.29 -0.21
N ARG E 247 29.03 69.05 -1.48
CA ARG E 247 28.07 68.66 -2.48
C ARG E 247 28.62 67.49 -3.29
N VAL E 248 27.71 66.66 -3.79
CA VAL E 248 28.08 65.51 -4.60
C VAL E 248 27.06 65.38 -5.72
N PHE E 249 27.55 65.30 -6.96
CA PHE E 249 26.70 65.21 -8.14
C PHE E 249 27.01 63.93 -8.91
N THR E 250 25.99 63.42 -9.61
CA THR E 250 26.17 62.31 -10.54
C THR E 250 24.96 62.23 -11.43
N ASP E 251 25.18 61.95 -12.71
CA ASP E 251 24.11 61.86 -13.70
C ASP E 251 23.90 60.42 -14.12
N ILE E 252 22.64 60.05 -14.37
CA ILE E 252 22.30 58.67 -14.63
C ILE E 252 20.99 58.62 -15.39
N ASP E 253 20.73 57.48 -16.04
CA ASP E 253 19.41 57.16 -16.57
C ASP E 253 19.35 55.66 -16.83
N VAL E 254 18.13 55.13 -16.81
CA VAL E 254 17.91 53.69 -16.92
C VAL E 254 16.81 53.41 -17.94
N ALA E 255 16.99 52.32 -18.67
CA ALA E 255 15.99 51.84 -19.61
C ALA E 255 16.23 50.36 -19.83
N LEU E 256 15.18 49.67 -20.24
CA LEU E 256 15.26 48.23 -20.46
C LEU E 256 14.96 47.93 -21.92
N ARG E 257 15.65 46.90 -22.43
CA ARG E 257 15.63 46.66 -23.87
C ARG E 257 14.31 46.04 -24.31
N ASN E 258 14.00 44.84 -23.81
CA ASN E 258 12.78 44.15 -24.20
C ASN E 258 11.76 44.33 -23.09
N VAL E 259 10.68 45.06 -23.39
CA VAL E 259 9.82 45.60 -22.34
C VAL E 259 9.10 44.51 -21.58
N GLU E 260 8.84 43.36 -22.20
CA GLU E 260 8.06 42.32 -21.55
C GLU E 260 8.91 41.38 -20.70
N SER E 261 10.09 41.80 -20.27
CA SER E 261 10.95 40.94 -19.47
C SER E 261 10.71 41.11 -17.98
N ILE E 262 9.77 41.95 -17.57
CA ILE E 262 9.48 42.21 -16.16
C ILE E 262 7.97 42.26 -15.98
N LYS E 263 7.52 42.05 -14.76
CA LYS E 263 6.12 42.31 -14.41
C LYS E 263 6.02 42.62 -12.93
N TRP E 264 4.99 43.37 -12.55
CA TRP E 264 4.87 43.94 -11.22
C TRP E 264 3.65 43.38 -10.51
N GLY E 265 3.66 43.49 -9.18
CA GLY E 265 2.67 42.79 -8.37
C GLY E 265 1.52 43.65 -7.91
N VAL E 266 1.82 44.84 -7.40
CA VAL E 266 0.83 45.84 -6.94
C VAL E 266 -0.32 45.20 -6.17
N PRO E 267 -0.11 44.81 -4.91
CA PRO E 267 -1.21 44.22 -4.14
C PRO E 267 -2.36 45.19 -4.01
N ALA E 268 -3.52 44.78 -4.50
CA ALA E 268 -4.71 45.61 -4.43
C ALA E 268 -5.28 45.60 -3.03
N GLY F 1 26.10 78.06 -23.82
CA GLY F 1 25.42 78.72 -22.71
C GLY F 1 24.18 77.99 -22.24
N GLY F 2 24.01 76.77 -22.74
CA GLY F 2 22.85 75.97 -22.38
C GLY F 2 23.05 74.55 -22.86
N VAL F 3 22.00 73.74 -22.70
CA VAL F 3 22.06 72.35 -23.12
C VAL F 3 20.81 71.97 -23.90
N LEU F 4 19.77 72.80 -23.83
CA LEU F 4 18.44 72.36 -24.24
C LEU F 4 18.14 72.63 -25.71
N VAL F 5 18.13 73.90 -26.10
CA VAL F 5 17.65 74.29 -27.43
C VAL F 5 18.63 75.27 -28.06
N ALA F 6 18.78 75.17 -29.38
CA ALA F 6 19.66 76.03 -30.18
C ALA F 6 21.09 76.02 -29.68
N GLN F 7 21.42 75.10 -28.76
CA GLN F 7 22.78 74.88 -28.30
C GLN F 7 23.05 73.39 -28.17
N ASP F 8 22.38 72.58 -28.98
CA ASP F 8 22.55 71.13 -28.91
C ASP F 8 23.52 70.59 -29.95
N TYR F 9 24.82 70.73 -29.69
CA TYR F 9 25.84 70.22 -30.61
C TYR F 9 26.27 68.81 -30.24
N ARG F 10 25.68 68.25 -29.19
CA ARG F 10 26.01 66.90 -28.78
C ARG F 10 25.63 65.91 -29.87
N ALA F 11 26.48 64.92 -30.11
CA ALA F 11 26.19 63.91 -31.13
C ALA F 11 25.45 62.73 -30.50
N GLY F 12 24.54 62.12 -31.25
CA GLY F 12 23.81 60.99 -30.73
C GLY F 12 24.51 59.69 -31.05
N SER F 13 25.09 59.07 -30.02
CA SER F 13 25.93 57.89 -30.19
C SER F 13 25.08 56.69 -30.59
N PHE F 14 25.56 55.96 -31.59
CA PHE F 14 24.87 54.79 -32.12
C PHE F 14 25.69 53.54 -31.81
N ILE F 15 25.07 52.57 -31.17
CA ILE F 15 25.73 51.33 -30.77
C ILE F 15 25.09 50.17 -31.54
N GLU F 16 25.93 49.28 -32.05
CA GLU F 16 25.51 48.18 -32.92
C GLU F 16 25.26 46.88 -32.14
N LEU F 17 24.43 46.94 -31.11
CA LEU F 17 24.02 45.76 -30.36
C LEU F 17 22.51 45.60 -30.58
N LEU F 18 22.14 44.94 -31.66
CA LEU F 18 20.75 44.87 -32.08
C LEU F 18 19.95 44.02 -31.10
N ARG F 19 18.93 44.63 -30.50
CA ARG F 19 18.00 43.88 -29.67
C ARG F 19 17.05 43.10 -30.57
N ASN F 20 17.18 41.78 -30.57
CA ASN F 20 16.45 40.94 -31.52
C ASN F 20 14.99 40.78 -31.10
N ARG F 21 14.21 40.17 -31.99
CA ARG F 21 12.85 39.80 -31.67
C ARG F 21 12.84 38.48 -30.89
N MET F 22 11.64 38.05 -30.51
CA MET F 22 11.46 36.83 -29.73
C MET F 22 10.76 35.78 -30.57
N ALA F 23 11.29 34.56 -30.57
CA ALA F 23 10.78 33.49 -31.41
C ALA F 23 10.27 32.33 -30.55
N LEU F 24 9.60 31.40 -31.21
CA LEU F 24 8.97 30.24 -30.58
C LEU F 24 9.94 29.06 -30.60
N ALA F 25 9.44 27.85 -30.31
CA ALA F 25 10.33 26.71 -30.09
C ALA F 25 10.24 25.63 -31.17
N GLY F 26 9.07 25.03 -31.40
CA GLY F 26 8.92 23.99 -32.40
C GLY F 26 8.62 22.63 -31.80
N VAL F 27 8.92 21.59 -32.58
CA VAL F 27 8.62 20.19 -32.23
C VAL F 27 9.77 19.29 -32.68
N GLY F 28 9.93 18.16 -31.99
CA GLY F 28 11.05 17.27 -32.26
C GLY F 28 10.78 15.78 -32.16
N VAL F 29 9.60 15.29 -32.53
CA VAL F 29 9.19 13.92 -32.25
C VAL F 29 8.97 13.10 -33.52
N ARG F 30 8.38 13.68 -34.56
CA ARG F 30 7.82 12.91 -35.67
C ARG F 30 8.90 12.55 -36.70
N ILE F 31 8.45 12.04 -37.87
CA ILE F 31 9.34 11.50 -38.89
C ILE F 31 9.07 12.18 -40.22
N LEU F 32 10.02 12.02 -41.14
CA LEU F 32 9.97 12.69 -42.44
C LEU F 32 10.95 12.03 -43.40
N GLN F 33 10.92 12.49 -44.64
CA GLN F 33 11.79 11.94 -45.69
C GLN F 33 11.88 12.92 -46.85
N GLY F 34 12.72 12.57 -47.83
CA GLY F 34 12.91 13.37 -49.03
C GLY F 34 12.56 12.56 -50.28
N LEU F 35 11.82 13.19 -51.19
CA LEU F 35 11.14 12.47 -52.27
C LEU F 35 11.04 13.37 -53.49
N THR F 36 10.57 12.77 -54.59
CA THR F 36 10.47 13.48 -55.87
C THR F 36 9.03 13.62 -56.37
N GLY F 37 8.33 12.50 -56.57
CA GLY F 37 6.99 12.52 -57.11
C GLY F 37 5.94 12.38 -56.03
N ASN F 38 4.69 12.25 -56.47
CA ASN F 38 3.61 11.99 -55.53
C ASN F 38 3.84 10.66 -54.84
N VAL F 39 3.35 10.53 -53.61
CA VAL F 39 3.45 9.30 -52.85
C VAL F 39 2.08 8.92 -52.32
N ASP F 40 1.66 7.70 -52.64
CA ASP F 40 0.47 7.10 -52.08
C ASP F 40 0.89 5.81 -51.40
N ILE F 41 0.36 5.57 -50.21
CA ILE F 41 0.68 4.34 -49.48
C ILE F 41 -0.62 3.73 -48.97
N PRO F 42 -0.76 2.42 -49.03
CA PRO F 42 -2.07 1.80 -48.76
C PRO F 42 -2.24 1.40 -47.31
N LYS F 43 -3.65 1.62 -46.82
CA LYS F 43 -3.99 1.17 -45.48
C LYS F 43 -5.34 0.47 -45.50
N ARG F 44 -5.26 -0.61 -44.66
CA ARG F 44 -6.49 -1.37 -44.58
C ARG F 44 -7.43 -0.69 -43.60
N THR F 45 -8.71 -0.58 -43.97
CA THR F 45 -9.71 -0.01 -43.08
C THR F 45 -10.84 -0.96 -42.75
N GLY F 46 -10.78 -2.23 -43.11
CA GLY F 46 -11.93 -3.10 -42.87
C GLY F 46 -11.56 -4.54 -42.81
N ALA F 47 -12.12 -5.30 -41.88
CA ALA F 47 -11.72 -6.69 -41.67
C ALA F 47 -12.86 -7.65 -41.86
N SER F 48 -12.52 -8.92 -42.07
CA SER F 48 -13.56 -9.92 -42.15
C SER F 48 -14.25 -10.01 -40.79
N THR F 49 -15.45 -10.57 -40.75
CA THR F 49 -16.21 -10.73 -39.51
C THR F 49 -16.44 -12.21 -39.23
N MET F 50 -16.26 -12.60 -37.97
CA MET F 50 -16.46 -13.98 -37.59
C MET F 50 -17.94 -14.36 -37.68
N TYR F 51 -18.20 -15.66 -37.64
CA TYR F 51 -19.56 -16.15 -37.73
C TYR F 51 -19.67 -17.49 -37.03
N PHE F 52 -20.81 -17.72 -36.39
CA PHE F 52 -21.11 -18.99 -35.74
C PHE F 52 -22.24 -19.66 -36.48
N VAL F 53 -22.03 -20.88 -36.94
CA VAL F 53 -23.09 -21.46 -37.74
C VAL F 53 -23.86 -22.56 -37.07
N ASP F 54 -25.16 -22.59 -37.31
CA ASP F 54 -25.97 -23.67 -36.79
C ASP F 54 -25.49 -24.82 -37.61
N GLU F 55 -25.66 -26.04 -37.12
CA GLU F 55 -25.08 -27.16 -37.84
C GLU F 55 -25.55 -27.15 -39.28
N ASP F 56 -24.65 -27.45 -40.21
CA ASP F 56 -24.99 -27.53 -41.64
C ASP F 56 -25.50 -26.23 -42.24
N VAL F 57 -24.98 -25.10 -41.76
CA VAL F 57 -25.36 -23.82 -42.34
C VAL F 57 -24.11 -23.17 -42.92
N ASP F 58 -24.20 -22.71 -44.17
CA ASP F 58 -23.05 -22.12 -44.83
C ASP F 58 -22.56 -20.85 -44.18
N VAL F 59 -21.24 -20.67 -44.09
CA VAL F 59 -20.69 -19.43 -43.56
C VAL F 59 -20.73 -18.42 -44.70
N THR F 60 -21.11 -17.18 -44.40
CA THR F 60 -21.16 -16.16 -45.44
C THR F 60 -19.80 -15.50 -45.63
N GLU F 61 -19.44 -15.18 -46.87
CA GLU F 61 -18.19 -14.48 -47.13
C GLU F 61 -18.21 -13.03 -46.64
N SER F 62 -17.11 -12.54 -46.07
CA SER F 62 -17.00 -11.15 -45.61
C SER F 62 -15.76 -10.52 -46.22
N ASP F 63 -15.85 -9.32 -46.82
CA ASP F 63 -14.71 -8.72 -47.52
C ASP F 63 -14.12 -7.46 -46.88
N GLY F 64 -12.79 -7.31 -46.89
CA GLY F 64 -12.12 -6.19 -46.27
C GLY F 64 -12.18 -4.95 -47.15
N ALA F 65 -11.92 -3.80 -46.53
CA ALA F 65 -11.95 -2.52 -47.22
C ALA F 65 -10.56 -1.90 -47.18
N PHE F 66 -10.13 -1.35 -48.30
CA PHE F 66 -8.81 -0.77 -48.42
C PHE F 66 -8.88 0.72 -48.72
N GLY F 67 -7.79 1.41 -48.44
CA GLY F 67 -7.68 2.83 -48.70
C GLY F 67 -6.22 3.23 -48.71
N LEU F 68 -5.99 4.49 -49.06
CA LEU F 68 -4.62 4.96 -49.19
C LEU F 68 -4.58 6.46 -48.92
N VAL F 69 -3.46 6.93 -48.38
CA VAL F 69 -3.25 8.33 -48.06
C VAL F 69 -2.23 8.91 -49.03
N GLY F 70 -2.47 10.13 -49.47
CA GLY F 70 -1.66 10.75 -50.50
C GLY F 70 -1.14 12.10 -50.07
N MET F 71 0.02 12.46 -50.63
CA MET F 71 0.67 13.72 -50.35
C MET F 71 1.11 14.36 -51.65
N THR F 72 0.80 15.64 -51.80
CA THR F 72 1.16 16.40 -52.99
C THR F 72 1.83 17.70 -52.55
N PRO F 73 2.86 18.13 -53.29
CA PRO F 73 3.62 19.31 -52.85
C PRO F 73 2.77 20.56 -52.81
N HIS F 74 2.67 21.15 -51.62
CA HIS F 74 2.12 22.48 -51.44
C HIS F 74 3.29 23.43 -51.22
N THR F 75 3.38 24.45 -52.08
CA THR F 75 4.53 25.37 -52.07
C THR F 75 4.37 26.65 -51.29
N ALA F 76 5.43 27.08 -50.61
CA ALA F 76 5.42 28.30 -49.81
C ALA F 76 6.49 29.22 -50.31
N GLY F 77 6.32 30.51 -50.07
CA GLY F 77 7.31 31.49 -50.48
C GLY F 77 7.44 32.53 -49.40
N VAL F 78 8.56 33.23 -49.35
CA VAL F 78 8.74 34.31 -48.38
C VAL F 78 9.72 35.20 -49.13
N ALA F 79 9.46 36.50 -49.27
CA ALA F 79 10.33 37.36 -50.04
C ALA F 79 10.16 38.80 -49.63
N THR F 80 11.28 39.53 -49.62
CA THR F 80 11.26 40.95 -49.35
C THR F 80 12.43 41.60 -50.08
N ALA F 81 12.33 42.90 -50.31
CA ALA F 81 13.26 43.60 -51.19
C ALA F 81 13.78 44.84 -50.50
N ILE F 82 15.10 44.90 -50.34
CA ILE F 82 15.77 46.08 -49.82
C ILE F 82 16.11 46.98 -50.99
N THR F 83 16.18 48.28 -50.74
CA THR F 83 16.49 49.23 -51.79
C THR F 83 17.98 49.57 -51.75
N ARG F 84 18.37 50.47 -52.65
CA ARG F 84 19.79 50.78 -52.79
C ARG F 84 20.29 51.65 -51.66
N ARG F 85 19.61 52.76 -51.38
CA ARG F 85 20.06 53.67 -50.36
C ARG F 85 20.11 53.00 -49.00
N MET F 86 19.04 52.32 -48.59
CA MET F 86 19.04 51.60 -47.33
C MET F 86 20.21 50.62 -47.22
N MET F 87 20.73 50.16 -48.35
CA MET F 87 21.90 49.31 -48.35
C MET F 87 23.19 50.11 -48.30
N GLN F 88 23.17 51.34 -48.79
CA GLN F 88 24.35 52.19 -48.70
C GLN F 88 24.59 52.69 -47.29
N GLN F 89 23.53 53.06 -46.59
CA GLN F 89 23.63 53.57 -45.22
C GLN F 89 22.91 52.59 -44.29
N GLY F 90 23.69 51.72 -43.65
CA GLY F 90 23.14 50.80 -42.69
C GLY F 90 24.15 50.48 -41.60
N SER F 91 23.75 50.62 -40.34
CA SER F 91 24.72 50.44 -39.27
C SER F 91 25.06 48.96 -39.07
N PRO F 92 24.11 48.03 -39.13
CA PRO F 92 24.49 46.62 -39.32
C PRO F 92 24.43 46.28 -40.80
N ASP F 93 25.06 45.17 -41.16
CA ASP F 93 25.05 44.75 -42.55
C ASP F 93 23.64 44.29 -42.90
N ILE F 94 22.89 45.16 -43.58
CA ILE F 94 21.44 44.98 -43.66
C ILE F 94 21.09 43.71 -44.43
N GLU F 95 21.85 43.39 -45.49
CA GLU F 95 21.57 42.15 -46.20
C GLU F 95 22.02 40.93 -45.42
N ALA F 96 22.94 41.09 -44.46
CA ALA F 96 23.26 39.99 -43.56
C ALA F 96 22.22 39.84 -42.46
N LEU F 97 21.33 40.80 -42.33
CA LEU F 97 20.27 40.79 -41.33
C LEU F 97 18.97 40.23 -41.91
N VAL F 98 18.56 40.75 -43.06
CA VAL F 98 17.34 40.27 -43.68
C VAL F 98 17.48 38.81 -44.10
N ARG F 99 18.69 38.40 -44.48
CA ARG F 99 18.88 37.00 -44.86
C ARG F 99 18.63 36.07 -43.68
N ASP F 100 18.88 36.55 -42.46
CA ASP F 100 18.59 35.73 -41.28
C ASP F 100 17.12 35.81 -40.92
N ASP F 101 16.55 37.01 -40.98
CA ASP F 101 15.15 37.19 -40.67
C ASP F 101 14.23 36.44 -41.63
N LEU F 102 14.71 36.13 -42.83
CA LEU F 102 13.93 35.31 -43.73
C LEU F 102 13.97 33.84 -43.33
N LEU F 103 15.16 33.30 -43.10
CA LEU F 103 15.29 31.87 -42.81
C LEU F 103 14.56 31.51 -41.54
N THR F 104 14.79 32.26 -40.45
CA THR F 104 14.11 31.89 -39.22
C THR F 104 12.60 31.99 -39.34
N SER F 105 12.09 33.05 -39.94
CA SER F 105 10.66 33.19 -40.13
C SER F 105 10.07 32.07 -40.96
N LEU F 106 10.76 31.64 -42.01
CA LEU F 106 10.22 30.56 -42.82
C LEU F 106 10.21 29.25 -42.06
N THR F 107 11.30 28.93 -41.37
CA THR F 107 11.32 27.71 -40.59
C THR F 107 10.18 27.67 -39.58
N LEU F 108 10.00 28.76 -38.83
CA LEU F 108 8.94 28.79 -37.84
C LEU F 108 7.55 28.77 -38.47
N GLY F 109 7.36 29.41 -39.62
CA GLY F 109 6.07 29.36 -40.27
C GLY F 109 5.71 27.96 -40.72
N LEU F 110 6.67 27.25 -41.33
CA LEU F 110 6.43 25.86 -41.70
C LEU F 110 6.12 25.03 -40.48
N ASP F 111 6.89 25.17 -39.40
CA ASP F 111 6.62 24.42 -38.19
C ASP F 111 5.23 24.68 -37.66
N LYS F 112 4.81 25.95 -37.62
CA LYS F 112 3.50 26.26 -37.05
C LYS F 112 2.38 25.73 -37.94
N THR F 113 2.51 25.87 -39.25
CA THR F 113 1.45 25.39 -40.12
C THR F 113 1.39 23.88 -40.20
N ALA F 114 2.49 23.18 -39.92
CA ALA F 114 2.42 21.73 -39.86
C ALA F 114 1.53 21.27 -38.72
N LEU F 115 1.66 21.90 -37.55
CA LEU F 115 0.89 21.50 -36.39
C LEU F 115 -0.53 22.06 -36.47
N VAL F 116 -0.67 23.36 -36.46
CA VAL F 116 -1.96 24.03 -36.58
C VAL F 116 -2.13 24.45 -38.02
N GLY F 117 -3.29 24.11 -38.61
CA GLY F 117 -3.52 24.41 -40.01
C GLY F 117 -3.49 25.91 -40.25
N HIS F 118 -2.71 26.33 -41.26
CA HIS F 118 -2.67 27.72 -41.64
C HIS F 118 -4.01 28.15 -42.23
N SER F 119 -4.40 29.39 -41.97
CA SER F 119 -5.70 29.89 -42.42
C SER F 119 -5.57 30.53 -43.80
N SER F 120 -5.52 29.67 -44.80
CA SER F 120 -5.43 30.11 -46.19
C SER F 120 -5.72 28.92 -47.09
N PRO F 121 -6.37 29.13 -48.23
CA PRO F 121 -6.49 28.06 -49.21
C PRO F 121 -5.14 27.73 -49.80
N SER F 122 -5.09 26.60 -50.50
CA SER F 122 -3.87 26.12 -51.15
C SER F 122 -2.73 25.96 -50.13
N ALA F 123 -3.11 25.79 -48.87
CA ALA F 123 -2.16 25.53 -47.80
C ALA F 123 -2.37 24.11 -47.29
N PRO F 124 -1.29 23.39 -46.99
CA PRO F 124 -1.44 21.99 -46.59
C PRO F 124 -2.31 21.86 -45.36
N ASN F 125 -3.15 20.84 -45.35
CA ASN F 125 -4.10 20.66 -44.26
C ASN F 125 -3.36 20.29 -43.00
N GLY F 126 -3.47 21.13 -41.98
CA GLY F 126 -2.72 20.90 -40.76
C GLY F 126 -3.28 19.77 -39.93
N VAL F 127 -2.46 19.33 -38.96
CA VAL F 127 -2.87 18.26 -38.07
C VAL F 127 -4.15 18.60 -37.34
N ARG F 128 -4.26 19.84 -36.86
CA ARG F 128 -5.45 20.23 -36.12
C ARG F 128 -6.71 20.04 -36.94
N ASP F 129 -6.65 20.34 -38.24
CA ASP F 129 -7.84 20.22 -39.07
C ASP F 129 -8.27 18.78 -39.25
N LEU F 130 -7.34 17.83 -39.22
CA LEU F 130 -7.70 16.44 -39.42
C LEU F 130 -8.44 15.85 -38.22
N VAL F 131 -8.25 16.43 -37.04
CA VAL F 131 -8.79 15.85 -35.82
C VAL F 131 -9.72 16.81 -35.08
N ILE F 132 -9.84 18.05 -35.55
CA ILE F 132 -10.74 18.99 -34.89
C ILE F 132 -12.20 18.64 -35.07
N GLY F 133 -12.51 17.69 -35.95
CA GLY F 133 -13.90 17.26 -36.11
C GLY F 133 -14.50 16.81 -34.79
N ASP F 134 -13.89 15.82 -34.16
CA ASP F 134 -14.25 15.39 -32.83
C ASP F 134 -13.25 15.98 -31.84
N ALA F 135 -13.75 16.65 -30.81
CA ALA F 135 -12.87 17.31 -29.87
C ALA F 135 -13.53 17.29 -28.50
N LEU F 136 -12.74 16.98 -27.48
CA LEU F 136 -13.26 16.87 -26.13
C LEU F 136 -13.34 18.24 -25.50
N PRO F 137 -14.53 18.73 -25.17
CA PRO F 137 -14.63 20.02 -24.46
C PRO F 137 -14.14 19.88 -23.04
N PHE F 138 -13.86 21.04 -22.43
CA PHE F 138 -13.24 21.07 -21.11
C PHE F 138 -14.11 21.67 -20.02
N THR F 139 -15.16 22.39 -20.38
CA THR F 139 -16.06 23.02 -19.41
C THR F 139 -15.28 23.89 -18.43
N GLY F 140 -14.65 24.92 -18.97
CA GLY F 140 -13.86 25.83 -18.17
C GLY F 140 -12.70 26.40 -18.95
N PRO F 141 -12.00 27.36 -18.35
CA PRO F 141 -10.86 27.96 -19.06
C PRO F 141 -9.69 27.01 -19.22
N PHE F 142 -9.60 25.98 -18.38
CA PHE F 142 -8.51 25.02 -18.46
C PHE F 142 -9.02 23.65 -18.07
N ALA F 143 -8.20 22.65 -18.33
CA ALA F 143 -8.56 21.26 -18.10
C ALA F 143 -7.96 20.77 -16.80
N THR F 144 -8.81 20.27 -15.91
CA THR F 144 -8.35 19.71 -14.66
C THR F 144 -7.82 18.30 -14.90
N PHE F 145 -7.37 17.65 -13.82
CA PHE F 145 -6.66 16.38 -13.97
C PHE F 145 -7.55 15.29 -14.53
N GLU F 146 -8.76 15.12 -13.99
CA GLU F 146 -9.65 14.10 -14.52
C GLU F 146 -9.99 14.37 -15.97
N GLU F 147 -10.26 15.63 -16.31
CA GLU F 147 -10.45 15.96 -17.72
C GLU F 147 -9.18 15.70 -18.52
N LEU F 148 -8.03 15.70 -17.87
CA LEU F 148 -6.78 15.50 -18.59
C LEU F 148 -6.53 14.04 -18.92
N VAL F 149 -6.89 13.13 -18.01
CA VAL F 149 -6.73 11.70 -18.33
C VAL F 149 -7.80 11.22 -19.29
N ASP F 150 -8.82 12.02 -19.56
CA ASP F 150 -9.78 11.63 -20.58
C ASP F 150 -9.17 11.60 -21.96
N LEU F 151 -8.22 12.49 -22.24
CA LEU F 151 -7.48 12.39 -23.49
C LEU F 151 -6.71 11.08 -23.56
N GLU F 152 -6.13 10.64 -22.44
CA GLU F 152 -5.45 9.37 -22.42
C GLU F 152 -6.40 8.23 -22.72
N THR F 153 -7.54 8.19 -22.04
CA THR F 153 -8.50 7.12 -22.26
C THR F 153 -9.08 7.14 -23.66
N ALA F 154 -9.25 8.31 -24.27
CA ALA F 154 -9.83 8.36 -25.60
C ALA F 154 -8.94 7.66 -26.62
N VAL F 155 -7.63 7.90 -26.54
CA VAL F 155 -6.72 7.15 -27.40
C VAL F 155 -6.66 5.70 -26.97
N ALA F 156 -6.69 5.43 -25.67
CA ALA F 156 -6.67 4.06 -25.20
C ALA F 156 -7.89 3.28 -25.66
N SER F 157 -9.04 3.92 -25.79
CA SER F 157 -10.24 3.26 -26.27
C SER F 157 -10.26 3.09 -27.77
N ALA F 158 -9.12 3.28 -28.44
CA ALA F 158 -9.00 3.01 -29.87
C ALA F 158 -7.80 2.12 -30.17
N ASN F 159 -7.26 1.45 -29.15
CA ASN F 159 -6.19 0.46 -29.31
C ASN F 159 -4.94 1.04 -29.95
N ALA F 160 -4.83 2.38 -29.99
CA ALA F 160 -3.70 3.03 -30.64
C ALA F 160 -2.63 3.46 -29.64
N ASP F 161 -2.53 2.76 -28.51
CA ASP F 161 -1.60 3.15 -27.47
C ASP F 161 -0.19 2.67 -27.81
N VAL F 162 0.78 3.55 -27.66
CA VAL F 162 2.18 3.21 -27.83
C VAL F 162 2.93 3.65 -26.57
N ASP F 163 4.09 3.05 -26.36
CA ASP F 163 4.86 3.27 -25.13
C ASP F 163 5.31 4.71 -24.94
N SER F 164 5.48 5.48 -26.01
CA SER F 164 6.05 6.82 -25.93
C SER F 164 5.14 7.81 -26.64
N MET F 165 4.17 8.34 -25.91
CA MET F 165 3.31 9.41 -26.39
C MET F 165 3.64 10.69 -25.64
N ALA F 166 3.01 11.78 -26.04
CA ALA F 166 3.41 13.08 -25.49
C ALA F 166 2.22 14.02 -25.45
N TYR F 167 2.34 15.02 -24.58
CA TYR F 167 1.37 16.11 -24.48
C TYR F 167 1.99 17.36 -25.09
N ILE F 168 1.12 18.23 -25.61
CA ILE F 168 1.54 19.52 -26.14
C ILE F 168 0.54 20.56 -25.70
N TYR F 169 1.01 21.66 -25.12
CA TYR F 169 0.11 22.73 -24.74
C TYR F 169 0.82 24.07 -24.77
N ASN F 170 0.01 25.12 -24.84
CA ASN F 170 0.48 26.49 -24.78
C ASN F 170 1.28 26.73 -23.51
N ALA F 171 2.17 27.71 -23.55
CA ALA F 171 2.93 28.05 -22.36
C ALA F 171 2.04 28.69 -21.32
N ALA F 172 1.00 29.42 -21.73
CA ALA F 172 0.08 30.01 -20.77
C ALA F 172 -0.70 28.94 -20.03
N THR F 173 -0.94 27.79 -20.65
CA THR F 173 -1.58 26.70 -19.93
C THR F 173 -0.61 26.07 -18.94
N SER F 174 0.63 25.84 -19.35
CA SER F 174 1.63 25.25 -18.46
C SER F 174 1.71 25.96 -17.12
N GLY F 175 1.34 27.23 -17.07
CA GLY F 175 1.17 27.86 -15.77
C GLY F 175 0.02 27.27 -14.99
N HIS F 176 -1.15 27.20 -15.61
CA HIS F 176 -2.33 26.69 -14.90
C HIS F 176 -2.17 25.24 -14.48
N PHE F 177 -1.15 24.55 -14.96
CA PHE F 177 -0.89 23.20 -14.48
C PHE F 177 0.07 23.20 -13.30
N LYS F 178 1.11 24.04 -13.35
CA LYS F 178 2.12 24.00 -12.30
C LYS F 178 1.58 24.49 -10.97
N LYS F 179 0.47 25.22 -10.97
CA LYS F 179 -0.03 25.83 -9.75
C LYS F 179 -1.26 25.13 -9.20
N THR F 180 -1.62 23.95 -9.72
CA THR F 180 -2.84 23.25 -9.28
C THR F 180 -2.57 21.79 -8.91
N LEU F 181 -3.21 21.29 -7.85
CA LEU F 181 -2.96 19.92 -7.38
C LEU F 181 -3.65 18.81 -8.17
N GLU F 182 -3.10 17.59 -8.13
CA GLU F 182 -3.74 16.47 -8.82
C GLU F 182 -4.98 16.07 -8.07
N PHE F 183 -4.90 16.01 -6.74
CA PHE F 183 -6.03 15.63 -5.90
C PHE F 183 -6.03 16.55 -4.69
N ALA F 184 -7.21 16.82 -4.11
CA ALA F 184 -7.27 17.77 -3.00
C ALA F 184 -6.51 17.21 -1.79
N GLY F 185 -5.71 18.07 -1.16
CA GLY F 185 -5.03 17.69 0.06
C GLY F 185 -3.99 16.61 -0.09
N VAL F 186 -3.46 16.41 -1.30
CA VAL F 186 -2.42 15.43 -1.54
C VAL F 186 -1.21 16.14 -2.10
N SER F 187 -0.02 15.72 -1.68
CA SER F 187 1.19 16.40 -2.09
C SER F 187 1.59 16.05 -3.52
N GLY F 188 0.92 16.65 -4.49
CA GLY F 188 1.31 16.47 -5.87
C GLY F 188 0.64 17.43 -6.83
N THR F 189 1.43 18.08 -7.66
CA THR F 189 0.91 18.99 -8.68
C THR F 189 0.83 18.27 -10.01
N ILE F 190 0.07 18.87 -10.93
CA ILE F 190 -0.20 18.20 -12.20
C ILE F 190 1.06 18.13 -13.05
N GLU F 191 1.62 19.29 -13.40
CA GLU F 191 2.78 19.36 -14.29
C GLU F 191 4.05 19.17 -13.48
N ARG F 192 4.08 18.08 -12.74
CA ARG F 192 5.16 17.80 -11.80
C ARG F 192 6.45 17.47 -12.55
N GLY F 193 7.57 17.92 -12.02
CA GLY F 193 8.86 17.60 -12.59
C GLY F 193 9.00 18.08 -14.02
N GLY F 194 9.05 17.14 -14.96
CA GLY F 194 9.09 17.50 -16.36
C GLY F 194 8.12 16.67 -17.18
N GLN F 195 7.20 15.99 -16.49
CA GLN F 195 6.25 15.11 -17.13
C GLN F 195 4.86 15.37 -16.59
N VAL F 196 3.86 14.84 -17.31
CA VAL F 196 2.47 14.90 -16.88
C VAL F 196 1.89 13.50 -17.02
N ASN F 197 1.25 13.02 -15.97
CA ASN F 197 0.57 11.73 -15.99
C ASN F 197 1.49 10.62 -16.47
N GLY F 198 2.77 10.71 -16.11
CA GLY F 198 3.72 9.73 -16.56
C GLY F 198 4.12 9.84 -18.01
N TYR F 199 3.72 10.90 -18.70
CA TYR F 199 4.07 11.10 -20.10
C TYR F 199 4.79 12.42 -20.26
N ASN F 200 5.61 12.50 -21.30
CA ASN F 200 6.39 13.70 -21.54
C ASN F 200 5.51 14.82 -22.10
N ARG F 201 5.90 16.05 -21.81
CA ARG F 201 5.24 17.22 -22.34
C ARG F 201 6.27 18.09 -23.06
N VAL F 202 5.79 18.85 -24.03
CA VAL F 202 6.62 19.83 -24.72
C VAL F 202 5.86 21.16 -24.73
N LYS F 203 6.38 22.13 -23.99
CA LYS F 203 5.74 23.42 -23.87
C LYS F 203 6.11 24.27 -25.06
N SER F 204 5.11 24.79 -25.75
CA SER F 204 5.36 25.65 -26.90
C SER F 204 4.23 26.66 -27.01
N ASN F 205 4.52 27.77 -27.69
CA ASN F 205 3.55 28.82 -27.92
C ASN F 205 2.92 28.73 -29.30
N GLN F 206 3.25 27.69 -30.05
CA GLN F 206 2.66 27.54 -31.38
C GLN F 206 1.15 27.45 -31.32
N ILE F 207 0.62 26.81 -30.28
CA ILE F 207 -0.83 26.75 -30.10
C ILE F 207 -1.28 28.13 -29.61
N THR F 208 -1.79 28.94 -30.53
CA THR F 208 -2.06 30.34 -30.21
C THR F 208 -3.17 30.49 -29.18
N THR F 209 -4.15 29.60 -29.19
CA THR F 209 -5.27 29.72 -28.27
C THR F 209 -4.82 29.40 -26.84
N ALA F 210 -5.74 29.56 -25.90
CA ALA F 210 -5.34 29.58 -24.50
C ALA F 210 -5.13 28.18 -23.95
N GLY F 211 -6.18 27.37 -23.91
CA GLY F 211 -6.11 26.13 -23.15
C GLY F 211 -6.17 24.87 -23.97
N GLU F 212 -5.95 24.98 -25.27
CA GLU F 212 -5.98 23.80 -26.12
C GLU F 212 -4.76 22.94 -25.84
N VAL F 213 -4.99 21.66 -25.56
CA VAL F 213 -3.93 20.71 -25.29
C VAL F 213 -4.14 19.52 -26.22
N ALA F 214 -3.05 19.04 -26.83
CA ALA F 214 -3.11 17.93 -27.75
C ALA F 214 -2.37 16.74 -27.18
N PHE F 215 -2.79 15.55 -27.58
CA PHE F 215 -2.19 14.34 -27.05
C PHE F 215 -2.33 13.21 -28.04
N GLY F 216 -1.31 12.39 -28.14
CA GLY F 216 -1.34 11.25 -29.03
C GLY F 216 0.07 10.87 -29.44
N ASN F 217 0.16 9.73 -30.13
CA ASN F 217 1.44 9.24 -30.61
C ASN F 217 1.88 10.07 -31.80
N TRP F 218 2.87 10.93 -31.60
CA TRP F 218 3.33 11.83 -32.65
C TRP F 218 4.23 11.14 -33.65
N SER F 219 4.61 9.90 -33.41
CA SER F 219 5.37 9.13 -34.39
C SER F 219 4.48 8.59 -35.49
N ASP F 220 3.19 8.96 -35.49
CA ASP F 220 2.24 8.47 -36.46
C ASP F 220 1.93 9.50 -37.54
N VAL F 221 2.45 10.70 -37.44
CA VAL F 221 2.26 11.74 -38.44
C VAL F 221 3.52 11.82 -39.31
N VAL F 222 3.33 11.88 -40.61
CA VAL F 222 4.44 11.94 -41.56
C VAL F 222 4.35 13.25 -42.31
N ILE F 223 5.50 13.74 -42.75
CA ILE F 223 5.58 14.99 -43.50
C ILE F 223 6.62 14.83 -44.60
N GLY F 224 6.35 15.43 -45.75
CA GLY F 224 7.19 15.21 -46.92
C GLY F 224 7.96 16.43 -47.36
N MET F 225 9.26 16.28 -47.54
CA MET F 225 10.14 17.37 -47.95
C MET F 225 10.55 17.12 -49.40
N TRP F 226 9.90 17.81 -50.33
CA TRP F 226 10.28 17.67 -51.72
C TRP F 226 11.59 18.38 -52.03
N SER F 227 11.89 19.47 -51.33
CA SER F 227 13.13 20.19 -51.55
C SER F 227 13.44 21.05 -50.33
N GLY F 228 14.71 21.09 -49.96
CA GLY F 228 15.15 21.89 -48.84
C GLY F 228 14.99 23.38 -49.11
N LEU F 229 15.40 24.17 -48.13
CA LEU F 229 15.29 25.62 -48.20
C LEU F 229 16.44 26.16 -49.06
N ASP F 230 16.10 26.95 -50.07
CA ASP F 230 17.10 27.52 -50.97
C ASP F 230 17.08 29.04 -50.85
N LEU F 231 18.27 29.64 -50.88
CA LEU F 231 18.39 31.08 -50.66
C LEU F 231 17.90 31.87 -51.86
N ARG F 232 18.54 31.68 -53.02
CA ARG F 232 18.11 32.26 -54.29
C ARG F 232 18.01 33.78 -54.20
N VAL F 233 19.15 34.40 -53.99
CA VAL F 233 19.25 35.85 -54.01
C VAL F 233 19.00 36.34 -55.43
N ASP F 234 18.32 37.46 -55.56
CA ASP F 234 17.88 37.96 -56.86
C ASP F 234 18.19 39.44 -56.98
N THR F 235 18.63 39.85 -58.17
CA THR F 235 18.93 41.25 -58.47
C THR F 235 18.21 41.79 -59.68
N SER F 236 18.06 40.99 -60.73
CA SER F 236 17.54 41.48 -62.01
C SER F 236 16.05 41.72 -62.01
N THR F 237 15.36 41.49 -60.89
CA THR F 237 13.93 41.83 -60.85
C THR F 237 13.79 43.33 -60.70
N LYS F 238 14.11 43.87 -59.53
CA LYS F 238 14.07 45.32 -59.36
C LYS F 238 15.40 45.91 -59.79
N ALA F 239 15.68 45.89 -61.09
CA ALA F 239 16.92 46.46 -61.58
C ALA F 239 16.77 47.91 -62.07
N ALA F 240 15.54 48.36 -62.28
CA ALA F 240 15.33 49.71 -62.81
C ALA F 240 15.86 50.70 -61.81
N SER F 241 15.60 50.47 -60.54
CA SER F 241 16.17 51.30 -59.50
C SER F 241 16.96 50.22 -58.83
N ASP F 242 18.24 50.44 -58.56
CA ASP F 242 19.04 49.36 -58.03
C ASP F 242 18.49 48.83 -56.71
N GLY F 243 18.40 47.51 -56.61
CA GLY F 243 17.92 46.90 -55.39
C GLY F 243 18.33 45.44 -55.30
N LYS F 244 18.31 44.88 -54.09
CA LYS F 244 18.62 43.47 -53.94
C LYS F 244 17.42 42.80 -53.31
N VAL F 245 16.76 41.90 -54.04
CA VAL F 245 15.54 41.30 -53.51
C VAL F 245 15.86 39.86 -53.16
N LEU F 246 15.36 39.41 -52.02
CA LEU F 246 15.62 38.05 -51.55
C LEU F 246 14.32 37.28 -51.45
N ARG F 247 14.36 36.02 -51.87
CA ARG F 247 13.17 35.19 -51.88
C ARG F 247 13.59 33.75 -51.64
N VAL F 248 12.94 33.09 -50.70
CA VAL F 248 13.26 31.72 -50.32
C VAL F 248 12.02 30.86 -50.51
N PHE F 249 12.17 29.75 -51.22
CA PHE F 249 11.07 28.87 -51.55
C PHE F 249 11.23 27.52 -50.87
N THR F 250 10.11 26.83 -50.69
CA THR F 250 10.08 25.46 -50.19
C THR F 250 8.67 24.93 -50.35
N ASP F 251 8.55 23.64 -50.66
CA ASP F 251 7.25 23.01 -50.90
C ASP F 251 7.19 21.70 -50.14
N ILE F 252 6.21 21.58 -49.25
CA ILE F 252 6.07 20.43 -48.37
C ILE F 252 4.60 20.02 -48.32
N ASP F 253 4.34 18.90 -47.65
CA ASP F 253 2.98 18.48 -47.34
C ASP F 253 3.03 17.53 -46.16
N VAL F 254 1.94 17.51 -45.39
CA VAL F 254 1.84 16.73 -44.17
C VAL F 254 0.63 15.83 -44.25
N ALA F 255 0.72 14.65 -43.64
CA ALA F 255 -0.37 13.69 -43.67
C ALA F 255 -0.27 12.80 -42.45
N LEU F 256 -1.41 12.20 -42.08
CA LEU F 256 -1.54 11.42 -40.86
C LEU F 256 -1.99 10.00 -41.21
N ARG F 257 -1.51 9.07 -40.37
CA ARG F 257 -1.93 7.68 -40.51
C ARG F 257 -3.24 7.40 -39.80
N ASN F 258 -3.14 6.83 -38.61
CA ASN F 258 -4.34 6.54 -37.85
C ASN F 258 -4.90 7.84 -37.29
N VAL F 259 -6.03 8.29 -37.82
CA VAL F 259 -6.68 9.49 -37.31
C VAL F 259 -6.83 9.41 -35.79
N GLU F 260 -7.11 8.22 -35.27
CA GLU F 260 -7.34 8.08 -33.83
C GLU F 260 -6.09 8.28 -33.00
N SER F 261 -4.91 8.29 -33.61
CA SER F 261 -3.67 8.40 -32.85
C SER F 261 -3.39 9.81 -32.34
N ILE F 262 -4.35 10.72 -32.45
CA ILE F 262 -4.20 12.09 -32.00
C ILE F 262 -5.54 12.57 -31.48
N LYS F 263 -5.55 13.12 -30.28
CA LYS F 263 -6.76 13.67 -29.69
C LYS F 263 -6.55 15.11 -29.32
N TRP F 264 -7.57 15.94 -29.57
CA TRP F 264 -7.48 17.38 -29.40
C TRP F 264 -8.53 17.84 -28.40
N GLY F 265 -8.09 18.61 -27.39
CA GLY F 265 -9.00 19.11 -26.40
C GLY F 265 -9.09 20.63 -26.42
N VAL F 266 -10.30 21.16 -26.54
CA VAL F 266 -10.52 22.59 -26.69
C VAL F 266 -11.18 23.11 -25.42
N PRO F 267 -10.69 24.20 -24.84
CA PRO F 267 -11.35 24.76 -23.66
C PRO F 267 -12.65 25.44 -24.05
N ALA F 268 -13.68 25.22 -23.26
CA ALA F 268 -14.98 25.81 -23.51
C ALA F 268 -15.81 25.86 -22.23
N GLY G 1 -12.51 -119.14 10.73
CA GLY G 1 -12.26 -117.71 10.70
C GLY G 1 -13.13 -116.96 9.71
N GLY G 2 -14.43 -117.24 9.74
CA GLY G 2 -15.37 -116.62 8.83
C GLY G 2 -15.49 -115.12 9.06
N VAL G 3 -16.34 -114.50 8.27
CA VAL G 3 -16.51 -113.04 8.29
C VAL G 3 -17.65 -112.74 9.26
N LEU G 4 -17.28 -112.52 10.51
CA LEU G 4 -18.18 -112.11 11.59
C LEU G 4 -17.33 -111.31 12.59
N VAL G 5 -17.88 -111.12 13.78
CA VAL G 5 -17.17 -110.35 14.81
C VAL G 5 -15.82 -110.99 15.00
N ALA G 6 -15.68 -112.24 14.57
CA ALA G 6 -14.38 -112.87 14.66
C ALA G 6 -13.40 -112.10 13.79
N GLN G 7 -13.80 -111.74 12.57
CA GLN G 7 -12.86 -111.07 11.67
C GLN G 7 -13.07 -109.57 11.59
N ASP G 8 -12.11 -108.81 12.09
CA ASP G 8 -12.23 -107.35 12.07
C ASP G 8 -11.21 -106.73 11.14
N TYR G 9 -10.56 -107.56 10.33
CA TYR G 9 -9.54 -107.07 9.41
C TYR G 9 -10.11 -106.13 8.35
N ARG G 10 -11.29 -106.44 7.84
CA ARG G 10 -11.89 -105.63 6.78
C ARG G 10 -12.18 -104.20 7.20
N ALA G 11 -11.92 -103.24 6.32
CA ALA G 11 -12.20 -101.84 6.62
C ALA G 11 -12.99 -101.21 5.49
N GLY G 12 -13.52 -100.00 5.71
CA GLY G 12 -14.33 -99.36 4.69
C GLY G 12 -13.47 -98.96 3.51
N SER G 13 -13.79 -99.48 2.32
CA SER G 13 -12.97 -99.21 1.15
C SER G 13 -12.99 -97.73 0.79
N PHE G 14 -14.18 -97.20 0.49
CA PHE G 14 -14.39 -95.78 0.22
C PHE G 14 -13.51 -95.29 -0.93
N ILE G 15 -13.79 -95.81 -2.11
CA ILE G 15 -13.21 -95.25 -3.32
C ILE G 15 -13.72 -93.83 -3.48
N GLU G 16 -12.81 -92.90 -3.79
CA GLU G 16 -13.09 -91.48 -3.71
C GLU G 16 -13.87 -90.93 -4.90
N LEU G 17 -13.81 -91.59 -6.07
CA LEU G 17 -14.44 -91.04 -7.28
C LEU G 17 -15.93 -90.90 -7.04
N LEU G 18 -16.40 -89.66 -7.04
CA LEU G 18 -17.76 -89.37 -6.63
C LEU G 18 -18.74 -89.64 -7.77
N ARG G 19 -20.00 -89.84 -7.40
CA ARG G 19 -21.10 -89.83 -8.34
C ARG G 19 -21.44 -88.36 -8.62
N ASN G 20 -22.57 -88.09 -9.27
CA ASN G 20 -22.89 -86.72 -9.62
C ASN G 20 -24.38 -86.50 -9.67
N ARG G 21 -24.77 -85.23 -9.56
CA ARG G 21 -26.15 -84.81 -9.66
C ARG G 21 -26.63 -84.92 -11.10
N MET G 22 -27.94 -85.06 -11.27
CA MET G 22 -28.57 -85.13 -12.59
C MET G 22 -28.97 -83.72 -13.00
N ALA G 23 -28.05 -83.00 -13.61
CA ALA G 23 -28.27 -81.65 -14.05
C ALA G 23 -28.74 -81.63 -15.51
N LEU G 24 -29.46 -80.57 -15.86
CA LEU G 24 -30.02 -80.43 -17.20
C LEU G 24 -28.92 -80.07 -18.20
N ALA G 25 -29.31 -79.87 -19.45
CA ALA G 25 -28.37 -79.56 -20.51
C ALA G 25 -28.36 -78.07 -20.83
N GLY G 26 -27.21 -77.59 -21.28
CA GLY G 26 -27.04 -76.19 -21.63
C GLY G 26 -27.38 -75.91 -23.09
N VAL G 27 -26.73 -74.88 -23.62
CA VAL G 27 -26.90 -74.50 -25.02
C VAL G 27 -25.56 -74.44 -25.75
N GLY G 28 -24.66 -73.57 -25.32
CA GLY G 28 -23.36 -73.40 -25.94
C GLY G 28 -23.35 -73.22 -27.44
N VAL G 29 -24.07 -72.21 -27.95
CA VAL G 29 -24.05 -71.90 -29.38
C VAL G 29 -23.87 -70.39 -29.57
N ARG G 30 -24.09 -69.61 -28.51
CA ARG G 30 -24.23 -68.17 -28.59
C ARG G 30 -22.91 -67.44 -28.33
N ILE G 31 -22.99 -66.12 -28.18
CA ILE G 31 -21.81 -65.25 -28.09
C ILE G 31 -21.71 -64.70 -26.68
N LEU G 32 -20.51 -64.25 -26.30
CA LEU G 32 -20.29 -63.59 -25.02
C LEU G 32 -19.04 -62.72 -25.12
N GLN G 33 -18.72 -62.02 -24.03
CA GLN G 33 -17.60 -61.09 -24.02
C GLN G 33 -17.31 -60.64 -22.60
N GLY G 34 -16.13 -60.05 -22.42
CA GLY G 34 -15.77 -59.45 -21.16
C GLY G 34 -15.51 -57.95 -21.28
N LEU G 35 -16.11 -57.15 -20.40
CA LEU G 35 -16.07 -55.70 -20.56
C LEU G 35 -16.05 -55.05 -19.17
N THR G 36 -16.30 -53.74 -19.14
CA THR G 36 -16.38 -52.97 -17.91
C THR G 36 -17.10 -51.67 -18.19
N GLY G 37 -17.83 -51.18 -17.20
CA GLY G 37 -18.60 -49.96 -17.34
C GLY G 37 -19.80 -50.14 -18.25
N ASN G 38 -20.78 -49.26 -18.07
CA ASN G 38 -22.02 -49.35 -18.83
C ASN G 38 -21.73 -49.38 -20.32
N VAL G 39 -22.54 -50.14 -21.06
CA VAL G 39 -22.20 -50.53 -22.42
C VAL G 39 -23.38 -50.28 -23.35
N ASP G 40 -23.06 -50.14 -24.63
CA ASP G 40 -24.05 -50.06 -25.71
C ASP G 40 -23.34 -50.36 -27.02
N ILE G 41 -24.12 -50.75 -28.02
CA ILE G 41 -23.56 -51.14 -29.31
C ILE G 41 -24.34 -50.44 -30.43
N PRO G 42 -23.66 -49.82 -31.38
CA PRO G 42 -24.36 -49.10 -32.46
C PRO G 42 -24.69 -50.05 -33.61
N LYS G 43 -25.97 -50.19 -33.89
CA LYS G 43 -26.43 -50.99 -35.02
C LYS G 43 -26.87 -50.09 -36.15
N ARG G 44 -27.27 -50.70 -37.26
CA ARG G 44 -27.74 -49.97 -38.42
C ARG G 44 -29.21 -50.24 -38.66
N THR G 45 -29.80 -49.42 -39.53
CA THR G 45 -31.20 -49.59 -39.93
C THR G 45 -31.39 -48.82 -41.23
N GLY G 46 -31.72 -49.52 -42.29
CA GLY G 46 -31.86 -48.89 -43.60
C GLY G 46 -30.52 -48.45 -44.17
N ALA G 47 -30.49 -48.35 -45.50
CA ALA G 47 -29.27 -47.98 -46.18
C ALA G 47 -29.64 -47.16 -47.41
N SER G 48 -28.61 -46.77 -48.17
CA SER G 48 -28.82 -45.96 -49.36
C SER G 48 -29.51 -46.78 -50.44
N THR G 49 -29.80 -46.13 -51.57
CA THR G 49 -30.47 -46.77 -52.68
C THR G 49 -29.65 -46.60 -53.95
N MET G 50 -29.69 -47.61 -54.80
CA MET G 50 -28.96 -47.58 -56.06
C MET G 50 -29.78 -46.88 -57.13
N TYR G 51 -29.10 -46.11 -57.98
CA TYR G 51 -29.75 -45.35 -59.04
C TYR G 51 -29.05 -45.61 -60.36
N PHE G 52 -29.84 -45.83 -61.40
CA PHE G 52 -29.34 -46.07 -62.76
C PHE G 52 -29.54 -44.79 -63.55
N VAL G 53 -28.45 -44.07 -63.78
CA VAL G 53 -28.50 -42.80 -64.50
C VAL G 53 -28.28 -43.04 -65.99
N ASP G 54 -28.63 -42.03 -66.78
CA ASP G 54 -28.37 -42.05 -68.22
C ASP G 54 -26.93 -41.67 -68.50
N GLU G 55 -26.63 -41.35 -69.77
CA GLU G 55 -25.26 -41.02 -70.16
C GLU G 55 -24.66 -39.96 -69.25
N ASP G 56 -25.29 -38.78 -69.18
CA ASP G 56 -24.74 -37.69 -68.37
C ASP G 56 -25.67 -37.20 -67.26
N VAL G 57 -26.04 -38.07 -66.34
CA VAL G 57 -26.89 -37.66 -65.22
C VAL G 57 -26.18 -37.91 -63.88
N ASP G 58 -26.44 -36.99 -63.00
CA ASP G 58 -25.84 -37.17 -61.66
C ASP G 58 -26.66 -38.14 -60.82
N VAL G 59 -25.72 -38.89 -60.06
CA VAL G 59 -26.44 -39.80 -59.18
C VAL G 59 -26.83 -39.07 -57.90
N THR G 60 -28.05 -39.28 -57.37
CA THR G 60 -28.46 -38.64 -56.06
C THR G 60 -28.01 -39.22 -54.66
N GLU G 61 -28.49 -38.65 -53.53
CA GLU G 61 -28.08 -39.08 -52.13
C GLU G 61 -29.21 -39.62 -51.27
N SER G 62 -28.97 -40.76 -50.63
CA SER G 62 -29.98 -41.30 -49.72
C SER G 62 -29.39 -41.44 -48.32
N ASP G 63 -30.09 -40.91 -47.31
CA ASP G 63 -29.60 -40.96 -45.93
C ASP G 63 -29.63 -42.35 -45.31
N GLY G 64 -28.68 -42.63 -44.43
CA GLY G 64 -28.67 -43.91 -43.73
C GLY G 64 -29.07 -43.69 -42.28
N ALA G 65 -29.94 -44.55 -41.75
CA ALA G 65 -30.42 -44.38 -40.39
C ALA G 65 -29.64 -45.30 -39.46
N PHE G 66 -29.67 -44.98 -38.17
CA PHE G 66 -28.85 -45.68 -37.19
C PHE G 66 -29.68 -46.01 -35.96
N GLY G 67 -29.00 -46.43 -34.90
CA GLY G 67 -29.63 -46.88 -33.68
C GLY G 67 -28.68 -47.72 -32.87
N LEU G 68 -28.97 -47.84 -31.58
CA LEU G 68 -28.06 -48.54 -30.69
C LEU G 68 -28.85 -49.38 -29.70
N VAL G 69 -28.13 -50.26 -28.99
CA VAL G 69 -28.71 -51.19 -28.03
C VAL G 69 -27.78 -51.24 -26.83
N GLY G 70 -28.33 -51.03 -25.63
CA GLY G 70 -27.53 -51.01 -24.43
C GLY G 70 -27.90 -52.08 -23.42
N MET G 71 -26.99 -52.38 -22.50
CA MET G 71 -27.22 -53.42 -21.51
C MET G 71 -26.65 -52.96 -20.16
N THR G 72 -27.35 -53.32 -19.08
CA THR G 72 -26.95 -52.96 -17.74
C THR G 72 -26.73 -54.22 -16.90
N PRO G 73 -25.71 -54.24 -16.06
CA PRO G 73 -25.32 -55.49 -15.40
C PRO G 73 -26.26 -55.83 -14.25
N HIS G 74 -27.02 -56.90 -14.41
CA HIS G 74 -27.77 -57.50 -13.32
C HIS G 74 -26.89 -58.52 -12.59
N THR G 75 -27.10 -58.63 -11.29
CA THR G 75 -26.25 -59.46 -10.45
C THR G 75 -26.97 -60.74 -10.03
N ALA G 76 -26.18 -61.69 -9.53
CA ALA G 76 -26.68 -62.97 -9.07
C ALA G 76 -25.53 -63.73 -8.42
N GLY G 77 -25.88 -64.66 -7.54
CA GLY G 77 -24.87 -65.44 -6.86
C GLY G 77 -25.51 -66.41 -5.89
N VAL G 78 -24.70 -67.36 -5.42
CA VAL G 78 -25.12 -68.35 -4.45
C VAL G 78 -24.02 -68.52 -3.41
N ALA G 79 -24.37 -69.10 -2.28
CA ALA G 79 -23.43 -69.26 -1.18
C ALA G 79 -23.98 -70.24 -0.15
N THR G 80 -23.11 -71.11 0.35
CA THR G 80 -23.47 -72.04 1.41
C THR G 80 -22.33 -72.11 2.41
N ALA G 81 -22.64 -72.64 3.59
CA ALA G 81 -21.73 -72.63 4.73
C ALA G 81 -21.06 -73.99 4.91
N ILE G 82 -19.96 -74.00 5.65
CA ILE G 82 -19.22 -75.20 5.96
C ILE G 82 -18.75 -75.10 7.41
N THR G 83 -19.03 -76.12 8.21
CA THR G 83 -18.62 -76.10 9.59
C THR G 83 -17.16 -76.51 9.72
N ARG G 84 -16.61 -76.32 10.94
CA ARG G 84 -15.21 -76.64 11.16
C ARG G 84 -14.98 -78.14 11.16
N ARG G 85 -15.86 -78.91 11.79
CA ARG G 85 -15.68 -80.36 11.83
C ARG G 85 -15.62 -80.95 10.43
N MET G 86 -16.53 -80.54 9.54
CA MET G 86 -16.62 -81.12 8.21
C MET G 86 -15.40 -80.83 7.36
N MET G 87 -14.51 -79.93 7.77
CA MET G 87 -13.27 -79.73 7.04
C MET G 87 -12.16 -80.65 7.50
N GLN G 88 -12.26 -81.20 8.71
CA GLN G 88 -11.26 -82.10 9.24
C GLN G 88 -11.49 -83.55 8.82
N GLN G 89 -12.74 -83.99 8.79
CA GLN G 89 -13.06 -85.36 8.44
C GLN G 89 -13.69 -85.50 7.07
N GLY G 90 -13.38 -84.60 6.14
CA GLY G 90 -13.89 -84.73 4.79
C GLY G 90 -12.99 -85.59 3.94
N SER G 91 -13.57 -86.59 3.27
CA SER G 91 -12.75 -87.55 2.53
C SER G 91 -12.19 -86.95 1.25
N PRO G 92 -12.97 -86.22 0.43
CA PRO G 92 -12.31 -85.34 -0.54
C PRO G 92 -12.00 -84.02 0.14
N ASP G 93 -11.16 -83.18 -0.46
CA ASP G 93 -10.98 -81.85 0.09
C ASP G 93 -12.30 -81.11 -0.04
N ILE G 94 -12.96 -80.86 1.09
CA ILE G 94 -14.36 -80.45 1.05
C ILE G 94 -14.54 -79.14 0.31
N GLU G 95 -13.67 -78.16 0.56
CA GLU G 95 -13.82 -76.90 -0.17
C GLU G 95 -13.70 -77.12 -1.67
N ALA G 96 -12.77 -77.98 -2.11
CA ALA G 96 -12.68 -78.30 -3.53
C ALA G 96 -13.92 -79.04 -4.01
N LEU G 97 -14.60 -79.73 -3.11
CA LEU G 97 -15.82 -80.44 -3.50
C LEU G 97 -17.02 -79.51 -3.55
N VAL G 98 -17.06 -78.49 -2.70
CA VAL G 98 -18.22 -77.60 -2.71
C VAL G 98 -18.08 -76.52 -3.78
N ARG G 99 -16.86 -76.21 -4.20
CA ARG G 99 -16.68 -75.26 -5.30
C ARG G 99 -17.43 -75.70 -6.54
N ASP G 100 -17.14 -76.91 -7.02
CA ASP G 100 -17.77 -77.40 -8.24
C ASP G 100 -19.28 -77.36 -8.10
N ASP G 101 -19.77 -77.63 -6.90
CA ASP G 101 -21.20 -77.63 -6.68
C ASP G 101 -21.73 -76.24 -6.96
N LEU G 102 -20.99 -75.21 -6.54
CA LEU G 102 -21.43 -73.84 -6.75
C LEU G 102 -21.24 -73.33 -8.19
N LEU G 103 -20.17 -73.73 -8.87
CA LEU G 103 -19.92 -73.17 -10.20
C LEU G 103 -20.88 -73.74 -11.23
N THR G 104 -21.11 -75.05 -11.19
CA THR G 104 -22.06 -75.63 -12.13
C THR G 104 -23.48 -75.19 -11.84
N SER G 105 -23.88 -75.17 -10.58
CA SER G 105 -25.23 -74.72 -10.24
C SER G 105 -25.46 -73.26 -10.58
N LEU G 106 -24.40 -72.49 -10.72
CA LEU G 106 -24.53 -71.10 -11.15
C LEU G 106 -24.56 -70.97 -12.67
N THR G 107 -23.65 -71.68 -13.35
CA THR G 107 -23.66 -71.66 -14.81
C THR G 107 -25.00 -72.15 -15.35
N LEU G 108 -25.49 -73.27 -14.84
CA LEU G 108 -26.77 -73.79 -15.29
C LEU G 108 -27.92 -72.84 -14.94
N GLY G 109 -27.88 -72.21 -13.77
CA GLY G 109 -28.91 -71.25 -13.43
C GLY G 109 -28.91 -70.04 -14.35
N LEU G 110 -27.73 -69.58 -14.76
CA LEU G 110 -27.66 -68.50 -15.73
C LEU G 110 -28.22 -68.93 -17.08
N ASP G 111 -27.82 -70.11 -17.55
CA ASP G 111 -28.40 -70.62 -18.79
C ASP G 111 -29.90 -70.72 -18.70
N LYS G 112 -30.43 -71.06 -17.53
CA LYS G 112 -31.88 -71.14 -17.36
C LYS G 112 -32.53 -69.77 -17.55
N THR G 113 -32.11 -68.79 -16.77
CA THR G 113 -32.74 -67.48 -16.82
C THR G 113 -32.45 -66.73 -18.12
N ALA G 114 -31.33 -67.04 -18.78
CA ALA G 114 -31.03 -66.36 -20.04
C ALA G 114 -32.03 -66.74 -21.12
N LEU G 115 -32.32 -68.04 -21.25
CA LEU G 115 -33.26 -68.49 -22.27
C LEU G 115 -34.68 -68.07 -21.93
N VAL G 116 -35.20 -68.55 -20.80
CA VAL G 116 -36.50 -68.15 -20.31
C VAL G 116 -36.28 -67.28 -19.08
N GLY G 117 -36.94 -66.13 -19.04
CA GLY G 117 -36.69 -65.16 -18.00
C GLY G 117 -37.07 -65.68 -16.63
N HIS G 118 -36.23 -65.37 -15.65
CA HIS G 118 -36.55 -65.68 -14.26
C HIS G 118 -37.76 -64.87 -13.81
N SER G 119 -38.62 -65.50 -13.03
CA SER G 119 -39.84 -64.84 -12.54
C SER G 119 -39.56 -64.14 -11.21
N SER G 120 -38.86 -63.00 -11.32
CA SER G 120 -38.49 -62.21 -10.16
C SER G 120 -37.99 -60.87 -10.63
N PRO G 121 -38.27 -59.80 -9.89
CA PRO G 121 -37.67 -58.51 -10.23
C PRO G 121 -36.17 -58.53 -10.01
N SER G 122 -35.50 -57.51 -10.54
CA SER G 122 -34.04 -57.40 -10.50
C SER G 122 -33.37 -58.59 -11.17
N ALA G 123 -34.09 -59.26 -12.07
CA ALA G 123 -33.56 -60.37 -12.84
C ALA G 123 -33.56 -60.03 -14.32
N PRO G 124 -32.46 -60.27 -15.02
CA PRO G 124 -32.41 -59.89 -16.43
C PRO G 124 -33.46 -60.63 -17.24
N ASN G 125 -34.20 -59.88 -18.05
CA ASN G 125 -35.26 -60.47 -18.85
C ASN G 125 -34.68 -61.43 -19.88
N GLY G 126 -35.24 -62.63 -19.96
CA GLY G 126 -34.73 -63.64 -20.85
C GLY G 126 -35.14 -63.41 -22.29
N VAL G 127 -34.62 -64.28 -23.16
CA VAL G 127 -34.99 -64.22 -24.57
C VAL G 127 -36.50 -64.33 -24.73
N ARG G 128 -37.12 -65.27 -24.03
CA ARG G 128 -38.57 -65.39 -24.05
C ARG G 128 -39.24 -64.07 -23.69
N ASP G 129 -38.63 -63.30 -22.79
CA ASP G 129 -39.22 -62.04 -22.39
C ASP G 129 -39.15 -60.98 -23.47
N LEU G 130 -38.24 -61.11 -24.43
CA LEU G 130 -38.01 -60.09 -25.43
C LEU G 130 -38.81 -60.30 -26.71
N VAL G 131 -39.06 -61.56 -27.10
CA VAL G 131 -39.61 -61.85 -28.40
C VAL G 131 -41.02 -62.44 -28.33
N ILE G 132 -41.49 -62.82 -27.13
CA ILE G 132 -42.82 -63.41 -27.00
C ILE G 132 -43.93 -62.46 -27.42
N GLY G 133 -43.63 -61.18 -27.64
CA GLY G 133 -44.63 -60.23 -28.07
C GLY G 133 -45.38 -60.64 -29.32
N ASP G 134 -44.78 -61.50 -30.14
CA ASP G 134 -45.43 -62.01 -31.35
C ASP G 134 -45.01 -63.46 -31.53
N ALA G 135 -45.94 -64.39 -31.35
CA ALA G 135 -45.66 -65.81 -31.45
C ALA G 135 -46.90 -66.53 -31.95
N LEU G 136 -46.69 -67.57 -32.74
CA LEU G 136 -47.80 -68.25 -33.39
C LEU G 136 -48.50 -69.18 -32.41
N PRO G 137 -49.79 -68.99 -32.16
CA PRO G 137 -50.54 -69.99 -31.39
C PRO G 137 -50.53 -71.33 -32.10
N PHE G 138 -50.91 -72.37 -31.36
CA PHE G 138 -50.82 -73.73 -31.87
C PHE G 138 -52.15 -74.45 -31.96
N THR G 139 -53.17 -74.00 -31.23
CA THR G 139 -54.49 -74.63 -31.24
C THR G 139 -54.39 -76.13 -30.90
N GLY G 140 -53.94 -76.41 -29.70
CA GLY G 140 -53.82 -77.77 -29.24
C GLY G 140 -52.68 -77.96 -28.25
N PRO G 141 -52.56 -79.17 -27.70
CA PRO G 141 -51.48 -79.42 -26.74
C PRO G 141 -50.11 -79.32 -27.37
N PHE G 142 -49.98 -79.61 -28.66
CA PHE G 142 -48.71 -79.52 -29.37
C PHE G 142 -48.97 -78.92 -30.75
N ALA G 143 -47.91 -78.84 -31.54
CA ALA G 143 -47.96 -78.21 -32.86
C ALA G 143 -47.77 -79.26 -33.96
N THR G 144 -48.50 -79.08 -35.05
CA THR G 144 -48.39 -79.96 -36.20
C THR G 144 -47.19 -79.56 -37.05
N PHE G 145 -47.07 -80.15 -38.24
CA PHE G 145 -45.95 -79.82 -39.11
C PHE G 145 -46.09 -78.41 -39.68
N GLU G 146 -47.31 -77.98 -39.92
CA GLU G 146 -47.54 -76.65 -40.51
C GLU G 146 -46.95 -75.56 -39.64
N GLU G 147 -47.19 -75.61 -38.32
CA GLU G 147 -46.63 -74.59 -37.46
C GLU G 147 -45.12 -74.68 -37.36
N LEU G 148 -44.57 -75.90 -37.38
CA LEU G 148 -43.12 -76.03 -37.30
C LEU G 148 -42.43 -75.54 -38.56
N VAL G 149 -43.13 -75.54 -39.70
CA VAL G 149 -42.54 -74.94 -40.89
C VAL G 149 -42.83 -73.45 -40.97
N ASP G 150 -43.94 -72.99 -40.40
CA ASP G 150 -44.18 -71.56 -40.31
C ASP G 150 -43.16 -70.87 -39.42
N LEU G 151 -42.71 -71.55 -38.36
CA LEU G 151 -41.64 -70.98 -37.56
C LEU G 151 -40.38 -70.74 -38.39
N GLU G 152 -40.17 -71.54 -39.42
CA GLU G 152 -39.00 -71.32 -40.28
C GLU G 152 -39.28 -70.22 -41.30
N THR G 153 -40.47 -70.23 -41.89
CA THR G 153 -40.77 -69.25 -42.94
C THR G 153 -40.85 -67.84 -42.37
N ALA G 154 -41.41 -67.67 -41.17
CA ALA G 154 -41.51 -66.35 -40.59
C ALA G 154 -40.15 -65.74 -40.28
N VAL G 155 -39.13 -66.57 -40.09
CA VAL G 155 -37.78 -66.04 -39.89
C VAL G 155 -37.10 -65.81 -41.23
N ALA G 156 -37.26 -66.76 -42.16
CA ALA G 156 -36.61 -66.62 -43.46
C ALA G 156 -37.15 -65.43 -44.24
N SER G 157 -38.40 -65.04 -43.99
CA SER G 157 -38.95 -63.88 -44.68
C SER G 157 -38.27 -62.59 -44.26
N ALA G 158 -37.80 -62.52 -43.02
CA ALA G 158 -37.13 -61.33 -42.51
C ALA G 158 -35.66 -61.30 -42.85
N ASN G 159 -35.20 -62.16 -43.77
CA ASN G 159 -33.80 -62.22 -44.19
C ASN G 159 -32.85 -62.48 -43.03
N ALA G 160 -33.39 -62.89 -41.88
CA ALA G 160 -32.58 -63.27 -40.73
C ALA G 160 -32.07 -64.69 -40.84
N ASP G 161 -32.10 -65.27 -42.03
CA ASP G 161 -31.81 -66.68 -42.21
C ASP G 161 -30.31 -66.92 -42.20
N VAL G 162 -29.90 -68.00 -41.55
CA VAL G 162 -28.55 -68.53 -41.65
C VAL G 162 -28.65 -70.04 -41.55
N ASP G 163 -27.71 -70.73 -42.19
CA ASP G 163 -27.83 -72.18 -42.35
C ASP G 163 -27.79 -72.92 -41.01
N SER G 164 -27.07 -72.40 -40.01
CA SER G 164 -26.89 -73.11 -38.75
C SER G 164 -27.87 -72.60 -37.69
N MET G 165 -29.15 -72.80 -37.98
CA MET G 165 -30.20 -72.52 -37.00
C MET G 165 -30.48 -73.80 -36.22
N ALA G 166 -31.52 -73.76 -35.38
CA ALA G 166 -31.83 -74.90 -34.54
C ALA G 166 -33.19 -74.71 -33.88
N TYR G 167 -33.88 -75.81 -33.67
CA TYR G 167 -35.09 -75.85 -32.88
C TYR G 167 -34.73 -76.11 -31.42
N ILE G 168 -35.66 -75.77 -30.53
CA ILE G 168 -35.51 -76.02 -29.10
C ILE G 168 -36.87 -76.36 -28.53
N TYR G 169 -36.95 -77.47 -27.81
CA TYR G 169 -38.19 -77.80 -27.13
C TYR G 169 -37.91 -78.70 -25.93
N ASN G 170 -38.96 -78.91 -25.14
CA ASN G 170 -38.86 -79.72 -23.94
C ASN G 170 -38.80 -81.20 -24.30
N ALA G 171 -38.14 -82.06 -23.53
CA ALA G 171 -38.16 -83.51 -23.84
C ALA G 171 -39.54 -84.14 -24.21
N ALA G 172 -40.59 -83.74 -23.52
CA ALA G 172 -41.92 -84.32 -23.77
C ALA G 172 -42.43 -84.01 -25.17
N THR G 173 -42.24 -82.79 -25.64
CA THR G 173 -42.64 -82.43 -26.98
C THR G 173 -41.83 -83.23 -27.99
N SER G 174 -40.56 -83.47 -27.71
CA SER G 174 -39.74 -84.31 -28.60
C SER G 174 -40.31 -85.70 -28.68
N GLY G 175 -40.71 -86.27 -27.55
CA GLY G 175 -41.32 -87.58 -27.57
C GLY G 175 -42.60 -87.58 -28.39
N HIS G 176 -43.39 -86.52 -28.25
CA HIS G 176 -44.62 -86.42 -29.02
C HIS G 176 -44.33 -86.37 -30.51
N PHE G 177 -43.31 -85.60 -30.92
CA PHE G 177 -42.96 -85.50 -32.32
C PHE G 177 -42.51 -86.85 -32.83
N LYS G 178 -41.78 -87.58 -32.00
CA LYS G 178 -41.37 -88.93 -32.38
C LYS G 178 -42.56 -89.86 -32.61
N LYS G 179 -43.58 -89.82 -31.76
CA LYS G 179 -44.67 -90.82 -31.98
C LYS G 179 -45.84 -90.44 -32.92
N THR G 180 -45.61 -89.54 -33.87
CA THR G 180 -46.71 -89.01 -34.67
C THR G 180 -46.22 -88.73 -36.07
N LEU G 181 -47.14 -88.79 -37.03
CA LEU G 181 -46.83 -88.62 -38.43
C LEU G 181 -46.89 -87.14 -38.81
N GLU G 182 -46.33 -86.79 -39.97
CA GLU G 182 -46.34 -85.39 -40.40
C GLU G 182 -47.72 -85.10 -40.94
N PHE G 183 -48.28 -86.06 -41.66
CA PHE G 183 -49.62 -85.92 -42.22
C PHE G 183 -50.24 -87.29 -42.06
N ALA G 184 -51.56 -87.37 -42.14
CA ALA G 184 -52.23 -88.66 -42.02
C ALA G 184 -51.75 -89.55 -43.16
N GLY G 185 -51.47 -90.81 -42.85
CA GLY G 185 -50.99 -91.74 -43.87
C GLY G 185 -49.69 -91.34 -44.53
N VAL G 186 -48.76 -90.73 -43.79
CA VAL G 186 -47.44 -90.38 -44.33
C VAL G 186 -46.41 -91.08 -43.47
N SER G 187 -45.47 -91.79 -44.07
CA SER G 187 -44.49 -92.56 -43.32
C SER G 187 -43.59 -91.70 -42.45
N GLY G 188 -43.16 -90.55 -42.97
CA GLY G 188 -42.24 -89.71 -42.23
C GLY G 188 -42.82 -89.17 -40.95
N THR G 189 -42.03 -89.18 -39.87
CA THR G 189 -42.47 -88.66 -38.59
C THR G 189 -41.96 -87.23 -38.46
N ILE G 190 -42.55 -86.43 -37.58
CA ILE G 190 -42.16 -85.04 -37.46
C ILE G 190 -40.71 -84.92 -37.01
N GLU G 191 -40.28 -85.82 -36.14
CA GLU G 191 -38.92 -85.80 -35.61
C GLU G 191 -38.28 -87.14 -35.91
N ARG G 192 -37.05 -87.12 -36.40
CA ARG G 192 -36.35 -88.35 -36.72
C ARG G 192 -34.86 -88.06 -36.79
N GLY G 193 -34.04 -88.99 -36.33
CA GLY G 193 -32.62 -88.74 -36.27
C GLY G 193 -32.33 -87.52 -35.42
N GLY G 194 -31.40 -86.69 -35.90
CA GLY G 194 -31.09 -85.45 -35.24
C GLY G 194 -31.78 -84.23 -35.81
N GLN G 195 -32.77 -84.41 -36.67
CA GLN G 195 -33.42 -83.29 -37.35
C GLN G 195 -34.91 -83.33 -37.09
N VAL G 196 -35.55 -82.18 -37.27
CA VAL G 196 -37.00 -82.07 -37.21
C VAL G 196 -37.58 -81.56 -38.52
N ASN G 197 -36.94 -80.58 -39.15
CA ASN G 197 -37.33 -80.09 -40.46
C ASN G 197 -36.11 -79.84 -41.31
N GLY G 198 -35.14 -80.74 -41.23
CA GLY G 198 -33.85 -80.52 -41.84
C GLY G 198 -32.87 -79.76 -40.98
N TYR G 199 -33.31 -79.18 -39.87
CA TYR G 199 -32.44 -78.48 -38.95
C TYR G 199 -32.31 -79.25 -37.65
N ASN G 200 -31.31 -78.88 -36.86
CA ASN G 200 -31.05 -79.57 -35.62
C ASN G 200 -32.01 -79.12 -34.53
N ARG G 201 -32.07 -79.91 -33.47
CA ARG G 201 -32.76 -79.56 -32.24
C ARG G 201 -31.83 -79.83 -31.06
N VAL G 202 -32.25 -79.40 -29.88
CA VAL G 202 -31.39 -79.55 -28.70
C VAL G 202 -32.00 -80.39 -27.60
N LYS G 203 -33.33 -80.48 -27.50
CA LYS G 203 -34.00 -81.38 -26.55
C LYS G 203 -33.50 -81.14 -25.12
N SER G 204 -33.76 -79.95 -24.62
CA SER G 204 -33.37 -79.59 -23.27
C SER G 204 -34.61 -79.44 -22.39
N ASN G 205 -34.39 -79.52 -21.08
CA ASN G 205 -35.46 -79.36 -20.10
C ASN G 205 -35.44 -77.98 -19.46
N GLN G 206 -34.59 -77.09 -19.94
CA GLN G 206 -34.62 -75.72 -19.45
C GLN G 206 -35.99 -75.08 -19.65
N ILE G 207 -36.68 -75.46 -20.72
CA ILE G 207 -38.05 -75.01 -20.95
C ILE G 207 -38.95 -75.89 -20.09
N THR G 208 -39.35 -75.38 -18.93
CA THR G 208 -40.11 -76.18 -17.98
C THR G 208 -41.49 -76.52 -18.52
N THR G 209 -42.14 -75.57 -19.20
CA THR G 209 -43.47 -75.82 -19.73
C THR G 209 -43.43 -76.86 -20.83
N ALA G 210 -44.59 -77.42 -21.14
CA ALA G 210 -44.70 -78.44 -22.18
C ALA G 210 -45.41 -77.87 -23.39
N GLY G 211 -44.84 -78.13 -24.57
CA GLY G 211 -45.39 -77.66 -25.81
C GLY G 211 -44.69 -76.46 -26.40
N GLU G 212 -44.13 -75.58 -25.57
CA GLU G 212 -43.42 -74.43 -26.10
C GLU G 212 -42.21 -74.87 -26.91
N VAL G 213 -42.10 -74.38 -28.13
CA VAL G 213 -40.99 -74.68 -29.01
C VAL G 213 -40.46 -73.37 -29.58
N ALA G 214 -39.15 -73.19 -29.54
CA ALA G 214 -38.52 -71.98 -30.02
C ALA G 214 -37.58 -72.30 -31.17
N PHE G 215 -37.54 -71.41 -32.15
CA PHE G 215 -36.70 -71.60 -33.32
C PHE G 215 -36.05 -70.28 -33.70
N GLY G 216 -34.86 -70.36 -34.27
CA GLY G 216 -34.19 -69.18 -34.77
C GLY G 216 -32.70 -69.32 -34.64
N ASN G 217 -32.00 -68.40 -35.30
CA ASN G 217 -30.55 -68.37 -35.26
C ASN G 217 -30.10 -67.99 -33.85
N TRP G 218 -29.44 -68.91 -33.16
CA TRP G 218 -28.97 -68.67 -31.81
C TRP G 218 -27.59 -68.05 -31.76
N SER G 219 -27.09 -67.53 -32.88
CA SER G 219 -25.86 -66.78 -32.89
C SER G 219 -26.08 -65.28 -32.77
N ASP G 220 -27.34 -64.88 -32.56
CA ASP G 220 -27.67 -63.47 -32.37
C ASP G 220 -27.93 -63.11 -30.93
N VAL G 221 -27.92 -64.07 -30.03
CA VAL G 221 -28.07 -63.78 -28.61
C VAL G 221 -26.71 -63.39 -28.06
N VAL G 222 -26.64 -62.20 -27.46
CA VAL G 222 -25.40 -61.67 -26.90
C VAL G 222 -25.56 -61.54 -25.40
N ILE G 223 -24.63 -62.12 -24.65
CA ILE G 223 -24.60 -61.98 -23.21
C ILE G 223 -23.30 -61.32 -22.81
N GLY G 224 -23.38 -60.45 -21.80
CA GLY G 224 -22.22 -59.69 -21.38
C GLY G 224 -21.69 -60.12 -20.03
N MET G 225 -20.48 -60.65 -20.00
CA MET G 225 -19.82 -61.03 -18.76
C MET G 225 -19.06 -59.82 -18.24
N TRP G 226 -19.59 -59.17 -17.21
CA TRP G 226 -18.95 -58.03 -16.62
C TRP G 226 -17.83 -58.40 -15.67
N SER G 227 -17.71 -59.67 -15.32
CA SER G 227 -16.70 -60.12 -14.37
C SER G 227 -16.65 -61.64 -14.40
N GLY G 228 -15.44 -62.17 -14.37
CA GLY G 228 -15.27 -63.60 -14.25
C GLY G 228 -15.93 -64.14 -12.99
N LEU G 229 -16.20 -65.44 -13.01
CA LEU G 229 -16.84 -66.06 -11.86
C LEU G 229 -15.86 -66.10 -10.70
N ASP G 230 -15.91 -65.10 -9.83
CA ASP G 230 -14.95 -64.95 -8.76
C ASP G 230 -15.41 -65.69 -7.52
N LEU G 231 -14.44 -66.30 -6.83
CA LEU G 231 -14.70 -67.09 -5.64
C LEU G 231 -14.28 -66.30 -4.42
N ARG G 232 -15.18 -66.16 -3.45
CA ARG G 232 -14.93 -65.39 -2.25
C ARG G 232 -15.12 -66.30 -1.05
N VAL G 233 -14.01 -66.75 -0.46
CA VAL G 233 -14.07 -67.52 0.77
C VAL G 233 -14.16 -66.56 1.95
N ASP G 234 -15.16 -66.75 2.80
CA ASP G 234 -15.42 -65.85 3.91
C ASP G 234 -15.15 -66.58 5.22
N THR G 235 -14.38 -65.95 6.11
CA THR G 235 -14.07 -66.51 7.41
C THR G 235 -14.46 -65.62 8.57
N SER G 236 -14.72 -64.33 8.33
CA SER G 236 -15.15 -63.44 9.40
C SER G 236 -16.56 -63.74 9.89
N THR G 237 -17.48 -64.05 8.98
CA THR G 237 -18.81 -64.47 9.39
C THR G 237 -18.73 -65.88 9.97
N LYS G 238 -19.57 -66.13 10.98
CA LYS G 238 -19.60 -67.44 11.64
C LYS G 238 -18.22 -67.83 12.17
N ALA G 239 -17.46 -66.83 12.62
CA ALA G 239 -16.11 -67.07 13.12
C ALA G 239 -16.09 -67.48 14.57
N ALA G 240 -17.20 -67.40 15.28
CA ALA G 240 -17.25 -67.90 16.65
C ALA G 240 -17.04 -69.41 16.67
N SER G 241 -17.82 -70.14 15.88
CA SER G 241 -17.69 -71.59 15.78
C SER G 241 -16.71 -72.01 14.70
N ASP G 242 -15.90 -71.08 14.20
CA ASP G 242 -14.83 -71.30 13.23
C ASP G 242 -15.34 -71.67 11.84
N GLY G 243 -16.65 -71.84 11.66
CA GLY G 243 -17.15 -72.25 10.35
C GLY G 243 -16.98 -71.17 9.32
N LYS G 244 -16.50 -71.57 8.14
CA LYS G 244 -16.30 -70.64 7.03
C LYS G 244 -17.44 -70.81 6.02
N VAL G 245 -17.60 -69.80 5.18
CA VAL G 245 -18.67 -69.73 4.20
C VAL G 245 -18.09 -69.41 2.83
N LEU G 246 -18.48 -70.18 1.83
CA LEU G 246 -18.07 -69.93 0.46
C LEU G 246 -19.13 -69.11 -0.26
N ARG G 247 -18.68 -68.19 -1.11
CA ARG G 247 -19.58 -67.33 -1.87
C ARG G 247 -19.06 -67.18 -3.29
N VAL G 248 -19.99 -66.94 -4.22
CA VAL G 248 -19.65 -66.70 -5.61
C VAL G 248 -20.58 -65.63 -6.16
N PHE G 249 -20.06 -64.83 -7.08
CA PHE G 249 -20.81 -63.70 -7.60
C PHE G 249 -20.53 -63.53 -9.09
N THR G 250 -21.43 -62.81 -9.76
CA THR G 250 -21.26 -62.47 -11.17
C THR G 250 -22.33 -61.46 -11.56
N ASP G 251 -22.01 -60.64 -12.55
CA ASP G 251 -22.94 -59.67 -13.13
C ASP G 251 -23.02 -59.89 -14.63
N ILE G 252 -24.21 -60.21 -15.13
CA ILE G 252 -24.40 -60.48 -16.54
C ILE G 252 -25.64 -59.73 -17.03
N ASP G 253 -25.81 -59.74 -18.35
CA ASP G 253 -27.00 -59.21 -18.98
C ASP G 253 -27.10 -59.79 -20.38
N VAL G 254 -28.33 -60.02 -20.83
CA VAL G 254 -28.60 -60.68 -22.10
C VAL G 254 -29.42 -59.76 -22.97
N ALA G 255 -29.08 -59.72 -24.26
CA ALA G 255 -29.82 -58.94 -25.24
C ALA G 255 -29.43 -59.42 -26.62
N LEU G 256 -30.42 -59.54 -27.50
CA LEU G 256 -30.21 -60.05 -28.84
C LEU G 256 -30.10 -58.90 -29.83
N ARG G 257 -29.22 -59.09 -30.81
CA ARG G 257 -28.87 -58.00 -31.72
C ARG G 257 -29.98 -57.74 -32.74
N ASN G 258 -30.71 -58.78 -33.12
CA ASN G 258 -31.81 -58.65 -34.09
C ASN G 258 -33.05 -59.28 -33.49
N VAL G 259 -34.03 -58.44 -33.13
CA VAL G 259 -35.19 -58.91 -32.40
C VAL G 259 -36.01 -59.91 -33.20
N GLU G 260 -36.00 -59.82 -34.53
CA GLU G 260 -36.81 -60.69 -35.36
C GLU G 260 -36.12 -61.99 -35.73
N SER G 261 -34.95 -62.27 -35.13
CA SER G 261 -34.21 -63.47 -35.48
C SER G 261 -34.71 -64.71 -34.75
N ILE G 262 -35.69 -64.58 -33.87
CA ILE G 262 -36.18 -65.69 -33.07
C ILE G 262 -37.70 -65.71 -33.12
N LYS G 263 -38.29 -66.88 -32.96
CA LYS G 263 -39.73 -67.01 -32.83
C LYS G 263 -40.04 -67.92 -31.65
N TRP G 264 -41.32 -67.95 -31.26
CA TRP G 264 -41.71 -68.72 -30.09
C TRP G 264 -43.01 -69.48 -30.38
N GLY G 265 -43.17 -70.60 -29.68
CA GLY G 265 -44.30 -71.48 -29.91
C GLY G 265 -45.54 -71.14 -29.10
N VAL G 266 -45.41 -71.10 -27.78
CA VAL G 266 -46.48 -70.80 -26.83
C VAL G 266 -47.78 -71.50 -27.24
N PRO G 267 -47.87 -72.81 -27.06
CA PRO G 267 -49.07 -73.53 -27.48
C PRO G 267 -50.29 -73.09 -26.69
N ALA G 268 -51.44 -73.55 -27.15
CA ALA G 268 -52.69 -73.25 -26.48
C ALA G 268 -53.74 -74.31 -26.82
#